data_1SRV
# 
_entry.id   1SRV 
# 
_audit_conform.dict_name       mmcif_pdbx.dic 
_audit_conform.dict_version    5.383 
_audit_conform.dict_location   http://mmcif.pdb.org/dictionaries/ascii/mmcif_pdbx.dic 
# 
loop_
_database_2.database_id 
_database_2.database_code 
_database_2.pdbx_database_accession 
_database_2.pdbx_DOI 
PDB   1SRV         pdb_00001srv 10.2210/pdb1srv/pdb 
RCSB  RCSB000578   ?            ?                   
WWPDB D_1000000578 ?            ?                   
# 
loop_
_pdbx_audit_revision_history.ordinal 
_pdbx_audit_revision_history.data_content_type 
_pdbx_audit_revision_history.major_revision 
_pdbx_audit_revision_history.minor_revision 
_pdbx_audit_revision_history.revision_date 
1 'Structure model' 1 0 1999-03-12 
2 'Structure model' 1 1 2008-04-26 
3 'Structure model' 1 2 2011-07-13 
4 'Structure model' 1 3 2019-11-06 
5 'Structure model' 1 4 2023-12-27 
# 
_pdbx_audit_revision_details.ordinal             1 
_pdbx_audit_revision_details.revision_ordinal    1 
_pdbx_audit_revision_details.data_content_type   'Structure model' 
_pdbx_audit_revision_details.provider            repository 
_pdbx_audit_revision_details.type                'Initial release' 
_pdbx_audit_revision_details.description         ? 
_pdbx_audit_revision_details.details             ? 
# 
loop_
_pdbx_audit_revision_group.ordinal 
_pdbx_audit_revision_group.revision_ordinal 
_pdbx_audit_revision_group.data_content_type 
_pdbx_audit_revision_group.group 
1 2 'Structure model' 'Version format compliance' 
2 3 'Structure model' 'Version format compliance' 
3 4 'Structure model' 'Data collection'           
4 4 'Structure model' 'Database references'       
5 5 'Structure model' 'Data collection'           
6 5 'Structure model' 'Database references'       
# 
loop_
_pdbx_audit_revision_category.ordinal 
_pdbx_audit_revision_category.revision_ordinal 
_pdbx_audit_revision_category.data_content_type 
_pdbx_audit_revision_category.category 
1 4 'Structure model' citation       
2 5 'Structure model' chem_comp_atom 
3 5 'Structure model' chem_comp_bond 
4 5 'Structure model' database_2     
# 
loop_
_pdbx_audit_revision_item.ordinal 
_pdbx_audit_revision_item.revision_ordinal 
_pdbx_audit_revision_item.data_content_type 
_pdbx_audit_revision_item.item 
1 4 'Structure model' '_citation.page_last'                 
2 4 'Structure model' '_citation.pdbx_database_id_PubMed'   
3 4 'Structure model' '_citation.title'                     
4 5 'Structure model' '_database_2.pdbx_DOI'                
5 5 'Structure model' '_database_2.pdbx_database_accession' 
# 
_pdbx_database_status.status_code                     REL 
_pdbx_database_status.entry_id                        1SRV 
_pdbx_database_status.recvd_initial_deposition_date   1999-03-02 
_pdbx_database_status.deposit_site                    PDBE 
_pdbx_database_status.process_site                    RCSB 
_pdbx_database_status.status_code_sf                  REL 
_pdbx_database_status.SG_entry                        . 
_pdbx_database_status.pdb_format_compatible           Y 
_pdbx_database_status.status_code_mr                  ? 
_pdbx_database_status.status_code_cs                  ? 
_pdbx_database_status.methods_development_category    ? 
_pdbx_database_status.status_code_nmr_data            ? 
# 
loop_
_audit_author.name 
_audit_author.pdbx_ordinal 
'Walsh, M.A.'    1 
'Dementieva, I.' 2 
'Evans, G.'      3 
'Sanishvili, R.' 4 
'Joachimiak, A.' 5 
# 
loop_
_citation.id 
_citation.title 
_citation.journal_abbrev 
_citation.journal_volume 
_citation.page_first 
_citation.page_last 
_citation.year 
_citation.journal_id_ASTM 
_citation.country 
_citation.journal_id_ISSN 
_citation.journal_id_CSD 
_citation.book_publisher 
_citation.pdbx_database_id_PubMed 
_citation.pdbx_database_id_DOI 
primary 'Taking MAD to the extreme: ultrafast protein structure determination.' 'Acta Crystallogr.,Sect.D' 55 1168 1173 1999 
ABCRE6 DK 0907-4449 0766 ? 10329779 10.1107/S0907444999003698 
1       'A structural model for GroEL-polypeptide recognition.'                 Proc.Natl.Acad.Sci.USA     94 3571 3575 1997 
PNASA6 US 0027-8424 0040 ? 9108017  10.1073/pnas.94.8.3571    
# 
loop_
_citation_author.citation_id 
_citation_author.name 
_citation_author.ordinal 
_citation_author.identifier_ORCID 
primary 'Walsh, M.A.'    1 ? 
primary 'Dementieva, I.' 2 ? 
primary 'Evans, G.'      3 ? 
primary 'Sanishvili, R.' 4 ? 
primary 'Joachimiak, A.' 5 ? 
1       'Buckle, A.M.'   6 ? 
1       'Zahn, R.'       7 ? 
1       'Fersht, A.R.'   8 ? 
# 
loop_
_entity.id 
_entity.type 
_entity.src_method 
_entity.pdbx_description 
_entity.formula_weight 
_entity.pdbx_number_of_molecules 
_entity.pdbx_ec 
_entity.pdbx_mutation 
_entity.pdbx_fragment 
_entity.details 
1 polymer man 'PROTEIN (GROEL (HSP60 CLASS))' 15754.218 1  ? ? 'APICAL DOMAIN, RESIDUES 191 - 376' ? 
2 water   nat water                           18.015    80 ? ? ?                                   ? 
# 
_entity_name_com.entity_id   1 
_entity_name_com.name        '60 KD CHAPERONIN, PROTEIN CPN60' 
# 
_entity_poly.entity_id                      1 
_entity_poly.type                           'polypeptide(L)' 
_entity_poly.nstd_linkage                   no 
_entity_poly.nstd_monomer                   no 
_entity_poly.pdbx_seq_one_letter_code       
;GYQFDKGYISPYFVTNPETMEAVLEDAFILIVEKKVSNVRELLPILEQVAQTGKPLLIIAEDVEGEALATLVVNKLRGTL
SVAAVKAPGFGDRRKEMLKDIAAVTGGTVISEELGFKLENATLSMLGRAERVRITKDETTIVGGK
;
_entity_poly.pdbx_seq_one_letter_code_can   
;GYQFDKGYISPYFVTNPETMEAVLEDAFILIVEKKVSNVRELLPILEQVAQTGKPLLIIAEDVEGEALATLVVNKLRGTL
SVAAVKAPGFGDRRKEMLKDIAAVTGGTVISEELGFKLENATLSMLGRAERVRITKDETTIVGGK
;
_entity_poly.pdbx_strand_id                 A 
_entity_poly.pdbx_target_identifier         ? 
# 
_pdbx_entity_nonpoly.entity_id   2 
_pdbx_entity_nonpoly.name        water 
_pdbx_entity_nonpoly.comp_id     HOH 
# 
loop_
_entity_poly_seq.entity_id 
_entity_poly_seq.num 
_entity_poly_seq.mon_id 
_entity_poly_seq.hetero 
1 1   GLY n 
1 2   TYR n 
1 3   GLN n 
1 4   PHE n 
1 5   ASP n 
1 6   LYS n 
1 7   GLY n 
1 8   TYR n 
1 9   ILE n 
1 10  SER n 
1 11  PRO n 
1 12  TYR n 
1 13  PHE n 
1 14  VAL n 
1 15  THR n 
1 16  ASN n 
1 17  PRO n 
1 18  GLU n 
1 19  THR n 
1 20  MET n 
1 21  GLU n 
1 22  ALA n 
1 23  VAL n 
1 24  LEU n 
1 25  GLU n 
1 26  ASP n 
1 27  ALA n 
1 28  PHE n 
1 29  ILE n 
1 30  LEU n 
1 31  ILE n 
1 32  VAL n 
1 33  GLU n 
1 34  LYS n 
1 35  LYS n 
1 36  VAL n 
1 37  SER n 
1 38  ASN n 
1 39  VAL n 
1 40  ARG n 
1 41  GLU n 
1 42  LEU n 
1 43  LEU n 
1 44  PRO n 
1 45  ILE n 
1 46  LEU n 
1 47  GLU n 
1 48  GLN n 
1 49  VAL n 
1 50  ALA n 
1 51  GLN n 
1 52  THR n 
1 53  GLY n 
1 54  LYS n 
1 55  PRO n 
1 56  LEU n 
1 57  LEU n 
1 58  ILE n 
1 59  ILE n 
1 60  ALA n 
1 61  GLU n 
1 62  ASP n 
1 63  VAL n 
1 64  GLU n 
1 65  GLY n 
1 66  GLU n 
1 67  ALA n 
1 68  LEU n 
1 69  ALA n 
1 70  THR n 
1 71  LEU n 
1 72  VAL n 
1 73  VAL n 
1 74  ASN n 
1 75  LYS n 
1 76  LEU n 
1 77  ARG n 
1 78  GLY n 
1 79  THR n 
1 80  LEU n 
1 81  SER n 
1 82  VAL n 
1 83  ALA n 
1 84  ALA n 
1 85  VAL n 
1 86  LYS n 
1 87  ALA n 
1 88  PRO n 
1 89  GLY n 
1 90  PHE n 
1 91  GLY n 
1 92  ASP n 
1 93  ARG n 
1 94  ARG n 
1 95  LYS n 
1 96  GLU n 
1 97  MET n 
1 98  LEU n 
1 99  LYS n 
1 100 ASP n 
1 101 ILE n 
1 102 ALA n 
1 103 ALA n 
1 104 VAL n 
1 105 THR n 
1 106 GLY n 
1 107 GLY n 
1 108 THR n 
1 109 VAL n 
1 110 ILE n 
1 111 SER n 
1 112 GLU n 
1 113 GLU n 
1 114 LEU n 
1 115 GLY n 
1 116 PHE n 
1 117 LYS n 
1 118 LEU n 
1 119 GLU n 
1 120 ASN n 
1 121 ALA n 
1 122 THR n 
1 123 LEU n 
1 124 SER n 
1 125 MET n 
1 126 LEU n 
1 127 GLY n 
1 128 ARG n 
1 129 ALA n 
1 130 GLU n 
1 131 ARG n 
1 132 VAL n 
1 133 ARG n 
1 134 ILE n 
1 135 THR n 
1 136 LYS n 
1 137 ASP n 
1 138 GLU n 
1 139 THR n 
1 140 THR n 
1 141 ILE n 
1 142 VAL n 
1 143 GLY n 
1 144 GLY n 
1 145 LYS n 
# 
_entity_src_gen.entity_id                          1 
_entity_src_gen.pdbx_src_id                        1 
_entity_src_gen.pdbx_alt_source_flag               sample 
_entity_src_gen.pdbx_seq_type                      ? 
_entity_src_gen.pdbx_beg_seq_num                   ? 
_entity_src_gen.pdbx_end_seq_num                   ? 
_entity_src_gen.gene_src_common_name               ? 
_entity_src_gen.gene_src_genus                     Thermus 
_entity_src_gen.pdbx_gene_src_gene                 ? 
_entity_src_gen.gene_src_species                   ? 
_entity_src_gen.gene_src_strain                    ? 
_entity_src_gen.gene_src_tissue                    ? 
_entity_src_gen.gene_src_tissue_fraction           ? 
_entity_src_gen.gene_src_details                   ? 
_entity_src_gen.pdbx_gene_src_fragment             ? 
_entity_src_gen.pdbx_gene_src_scientific_name      'Thermus thermophilus' 
_entity_src_gen.pdbx_gene_src_ncbi_taxonomy_id     274 
_entity_src_gen.pdbx_gene_src_variant              ? 
_entity_src_gen.pdbx_gene_src_cell_line            ? 
_entity_src_gen.pdbx_gene_src_atcc                 ? 
_entity_src_gen.pdbx_gene_src_organ                ? 
_entity_src_gen.pdbx_gene_src_organelle            ? 
_entity_src_gen.pdbx_gene_src_cell                 ? 
_entity_src_gen.pdbx_gene_src_cellular_location    CYTOPLASM 
_entity_src_gen.host_org_common_name               ? 
_entity_src_gen.pdbx_host_org_scientific_name      'Escherichia coli' 
_entity_src_gen.pdbx_host_org_ncbi_taxonomy_id     562 
_entity_src_gen.host_org_genus                     Escherichia 
_entity_src_gen.pdbx_host_org_gene                 ? 
_entity_src_gen.pdbx_host_org_organ                ? 
_entity_src_gen.host_org_species                   ? 
_entity_src_gen.pdbx_host_org_tissue               ? 
_entity_src_gen.pdbx_host_org_tissue_fraction      ? 
_entity_src_gen.pdbx_host_org_strain               ? 
_entity_src_gen.pdbx_host_org_variant              ? 
_entity_src_gen.pdbx_host_org_cell_line            ? 
_entity_src_gen.pdbx_host_org_atcc                 ? 
_entity_src_gen.pdbx_host_org_culture_collection   ? 
_entity_src_gen.pdbx_host_org_cell                 ? 
_entity_src_gen.pdbx_host_org_organelle            ? 
_entity_src_gen.pdbx_host_org_cellular_location    ? 
_entity_src_gen.pdbx_host_org_vector_type          ? 
_entity_src_gen.pdbx_host_org_vector               ? 
_entity_src_gen.host_org_details                   ? 
_entity_src_gen.expression_system_id               ? 
_entity_src_gen.plasmid_name                       ? 
_entity_src_gen.plasmid_details                    ? 
_entity_src_gen.pdbx_description                   ? 
# 
loop_
_chem_comp.id 
_chem_comp.type 
_chem_comp.mon_nstd_flag 
_chem_comp.name 
_chem_comp.pdbx_synonyms 
_chem_comp.formula 
_chem_comp.formula_weight 
ALA 'L-peptide linking' y ALANINE         ? 'C3 H7 N O2'     89.093  
ARG 'L-peptide linking' y ARGININE        ? 'C6 H15 N4 O2 1' 175.209 
ASN 'L-peptide linking' y ASPARAGINE      ? 'C4 H8 N2 O3'    132.118 
ASP 'L-peptide linking' y 'ASPARTIC ACID' ? 'C4 H7 N O4'     133.103 
GLN 'L-peptide linking' y GLUTAMINE       ? 'C5 H10 N2 O3'   146.144 
GLU 'L-peptide linking' y 'GLUTAMIC ACID' ? 'C5 H9 N O4'     147.129 
GLY 'peptide linking'   y GLYCINE         ? 'C2 H5 N O2'     75.067  
HOH non-polymer         . WATER           ? 'H2 O'           18.015  
ILE 'L-peptide linking' y ISOLEUCINE      ? 'C6 H13 N O2'    131.173 
LEU 'L-peptide linking' y LEUCINE         ? 'C6 H13 N O2'    131.173 
LYS 'L-peptide linking' y LYSINE          ? 'C6 H15 N2 O2 1' 147.195 
MET 'L-peptide linking' y METHIONINE      ? 'C5 H11 N O2 S'  149.211 
PHE 'L-peptide linking' y PHENYLALANINE   ? 'C9 H11 N O2'    165.189 
PRO 'L-peptide linking' y PROLINE         ? 'C5 H9 N O2'     115.130 
SER 'L-peptide linking' y SERINE          ? 'C3 H7 N O3'     105.093 
THR 'L-peptide linking' y THREONINE       ? 'C4 H9 N O3'     119.119 
TYR 'L-peptide linking' y TYROSINE        ? 'C9 H11 N O3'    181.189 
VAL 'L-peptide linking' y VALINE          ? 'C5 H11 N O2'    117.146 
# 
loop_
_pdbx_poly_seq_scheme.asym_id 
_pdbx_poly_seq_scheme.entity_id 
_pdbx_poly_seq_scheme.seq_id 
_pdbx_poly_seq_scheme.mon_id 
_pdbx_poly_seq_scheme.ndb_seq_num 
_pdbx_poly_seq_scheme.pdb_seq_num 
_pdbx_poly_seq_scheme.auth_seq_num 
_pdbx_poly_seq_scheme.pdb_mon_id 
_pdbx_poly_seq_scheme.auth_mon_id 
_pdbx_poly_seq_scheme.pdb_strand_id 
_pdbx_poly_seq_scheme.pdb_ins_code 
_pdbx_poly_seq_scheme.hetero 
A 1 1   GLY 1   192 192 GLY GLY A . n 
A 1 2   TYR 2   193 193 TYR TYR A . n 
A 1 3   GLN 3   194 194 GLN GLN A . n 
A 1 4   PHE 4   195 195 PHE PHE A . n 
A 1 5   ASP 5   196 196 ASP ASP A . n 
A 1 6   LYS 6   197 197 LYS LYS A . n 
A 1 7   GLY 7   198 198 GLY GLY A . n 
A 1 8   TYR 8   199 199 TYR TYR A . n 
A 1 9   ILE 9   200 200 ILE ILE A . n 
A 1 10  SER 10  201 201 SER SER A . n 
A 1 11  PRO 11  202 202 PRO PRO A . n 
A 1 12  TYR 12  203 203 TYR TYR A . n 
A 1 13  PHE 13  204 204 PHE PHE A . n 
A 1 14  VAL 14  205 205 VAL VAL A . n 
A 1 15  THR 15  206 206 THR THR A . n 
A 1 16  ASN 16  207 207 ASN ASN A . n 
A 1 17  PRO 17  208 208 PRO PRO A . n 
A 1 18  GLU 18  209 209 GLU GLU A . n 
A 1 19  THR 19  210 210 THR THR A . n 
A 1 20  MET 20  211 211 MET MET A . n 
A 1 21  GLU 21  212 212 GLU GLU A . n 
A 1 22  ALA 22  213 213 ALA ALA A . n 
A 1 23  VAL 23  214 214 VAL VAL A . n 
A 1 24  LEU 24  215 215 LEU LEU A . n 
A 1 25  GLU 25  216 216 GLU GLU A . n 
A 1 26  ASP 26  217 217 ASP ASP A . n 
A 1 27  ALA 27  218 218 ALA ALA A . n 
A 1 28  PHE 28  219 219 PHE PHE A . n 
A 1 29  ILE 29  220 220 ILE ILE A . n 
A 1 30  LEU 30  221 221 LEU LEU A . n 
A 1 31  ILE 31  222 222 ILE ILE A . n 
A 1 32  VAL 32  223 223 VAL VAL A . n 
A 1 33  GLU 33  224 224 GLU GLU A . n 
A 1 34  LYS 34  225 225 LYS LYS A . n 
A 1 35  LYS 35  226 226 LYS LYS A . n 
A 1 36  VAL 36  227 227 VAL VAL A . n 
A 1 37  SER 37  228 228 SER SER A . n 
A 1 38  ASN 38  229 229 ASN ASN A . n 
A 1 39  VAL 39  230 230 VAL VAL A . n 
A 1 40  ARG 40  231 231 ARG ARG A . n 
A 1 41  GLU 41  232 232 GLU GLU A . n 
A 1 42  LEU 42  233 233 LEU LEU A . n 
A 1 43  LEU 43  234 234 LEU LEU A . n 
A 1 44  PRO 44  235 235 PRO PRO A . n 
A 1 45  ILE 45  236 236 ILE ILE A . n 
A 1 46  LEU 46  237 237 LEU LEU A . n 
A 1 47  GLU 47  238 238 GLU GLU A . n 
A 1 48  GLN 48  239 239 GLN GLN A . n 
A 1 49  VAL 49  240 240 VAL VAL A . n 
A 1 50  ALA 50  241 241 ALA ALA A . n 
A 1 51  GLN 51  242 242 GLN GLN A . n 
A 1 52  THR 52  243 243 THR THR A . n 
A 1 53  GLY 53  244 244 GLY GLY A . n 
A 1 54  LYS 54  245 245 LYS LYS A . n 
A 1 55  PRO 55  246 246 PRO PRO A . n 
A 1 56  LEU 56  247 247 LEU LEU A . n 
A 1 57  LEU 57  248 248 LEU LEU A . n 
A 1 58  ILE 58  249 249 ILE ILE A . n 
A 1 59  ILE 59  250 250 ILE ILE A . n 
A 1 60  ALA 60  251 251 ALA ALA A . n 
A 1 61  GLU 61  252 252 GLU GLU A . n 
A 1 62  ASP 62  253 253 ASP ASP A . n 
A 1 63  VAL 63  254 254 VAL VAL A . n 
A 1 64  GLU 64  255 255 GLU GLU A . n 
A 1 65  GLY 65  256 256 GLY GLY A . n 
A 1 66  GLU 66  257 257 GLU GLU A . n 
A 1 67  ALA 67  258 258 ALA ALA A . n 
A 1 68  LEU 68  259 259 LEU LEU A . n 
A 1 69  ALA 69  260 260 ALA ALA A . n 
A 1 70  THR 70  261 261 THR THR A . n 
A 1 71  LEU 71  262 262 LEU LEU A . n 
A 1 72  VAL 72  263 263 VAL VAL A . n 
A 1 73  VAL 73  264 264 VAL VAL A . n 
A 1 74  ASN 74  265 265 ASN ASN A . n 
A 1 75  LYS 75  266 266 LYS LYS A . n 
A 1 76  LEU 76  267 267 LEU LEU A . n 
A 1 77  ARG 77  268 268 ARG ARG A . n 
A 1 78  GLY 78  269 269 GLY GLY A . n 
A 1 79  THR 79  270 270 THR THR A . n 
A 1 80  LEU 80  271 271 LEU LEU A . n 
A 1 81  SER 81  272 272 SER SER A . n 
A 1 82  VAL 82  273 273 VAL VAL A . n 
A 1 83  ALA 83  274 274 ALA ALA A . n 
A 1 84  ALA 84  275 275 ALA ALA A . n 
A 1 85  VAL 85  276 276 VAL VAL A . n 
A 1 86  LYS 86  277 277 LYS LYS A . n 
A 1 87  ALA 87  278 278 ALA ALA A . n 
A 1 88  PRO 88  279 279 PRO PRO A . n 
A 1 89  GLY 89  280 280 GLY GLY A . n 
A 1 90  PHE 90  281 281 PHE PHE A . n 
A 1 91  GLY 91  282 282 GLY GLY A . n 
A 1 92  ASP 92  283 283 ASP ASP A . n 
A 1 93  ARG 93  284 284 ARG ARG A . n 
A 1 94  ARG 94  285 285 ARG ARG A . n 
A 1 95  LYS 95  286 286 LYS LYS A . n 
A 1 96  GLU 96  287 287 GLU GLU A . n 
A 1 97  MET 97  288 288 MET MET A . n 
A 1 98  LEU 98  289 289 LEU LEU A . n 
A 1 99  LYS 99  290 290 LYS LYS A . n 
A 1 100 ASP 100 291 291 ASP ASP A . n 
A 1 101 ILE 101 292 292 ILE ILE A . n 
A 1 102 ALA 102 293 293 ALA ALA A . n 
A 1 103 ALA 103 294 294 ALA ALA A . n 
A 1 104 VAL 104 295 295 VAL VAL A . n 
A 1 105 THR 105 296 296 THR THR A . n 
A 1 106 GLY 106 297 297 GLY GLY A . n 
A 1 107 GLY 107 298 298 GLY GLY A . n 
A 1 108 THR 108 299 299 THR THR A . n 
A 1 109 VAL 109 300 300 VAL VAL A . n 
A 1 110 ILE 110 301 301 ILE ILE A . n 
A 1 111 SER 111 302 302 SER SER A . n 
A 1 112 GLU 112 303 303 GLU GLU A . n 
A 1 113 GLU 113 304 304 GLU GLU A . n 
A 1 114 LEU 114 305 305 LEU LEU A . n 
A 1 115 GLY 115 306 306 GLY GLY A . n 
A 1 116 PHE 116 307 307 PHE PHE A . n 
A 1 117 LYS 117 308 308 LYS LYS A . n 
A 1 118 LEU 118 309 309 LEU LEU A . n 
A 1 119 GLU 119 310 310 GLU GLU A . n 
A 1 120 ASN 120 311 311 ASN ASN A . n 
A 1 121 ALA 121 312 312 ALA ALA A . n 
A 1 122 THR 122 313 313 THR THR A . n 
A 1 123 LEU 123 314 314 LEU LEU A . n 
A 1 124 SER 124 315 315 SER SER A . n 
A 1 125 MET 125 316 316 MET MET A . n 
A 1 126 LEU 126 317 317 LEU LEU A . n 
A 1 127 GLY 127 318 318 GLY GLY A . n 
A 1 128 ARG 128 319 319 ARG ARG A . n 
A 1 129 ALA 129 320 320 ALA ALA A . n 
A 1 130 GLU 130 321 321 GLU GLU A . n 
A 1 131 ARG 131 322 322 ARG ARG A . n 
A 1 132 VAL 132 323 323 VAL VAL A . n 
A 1 133 ARG 133 324 324 ARG ARG A . n 
A 1 134 ILE 134 325 325 ILE ILE A . n 
A 1 135 THR 135 326 326 THR THR A . n 
A 1 136 LYS 136 327 327 LYS LYS A . n 
A 1 137 ASP 137 328 328 ASP ASP A . n 
A 1 138 GLU 138 329 329 GLU GLU A . n 
A 1 139 THR 139 330 330 THR THR A . n 
A 1 140 THR 140 331 331 THR THR A . n 
A 1 141 ILE 141 332 332 ILE ILE A . n 
A 1 142 VAL 142 333 333 VAL VAL A . n 
A 1 143 GLY 143 334 334 GLY GLY A . n 
A 1 144 GLY 144 335 335 GLY GLY A . n 
A 1 145 LYS 145 336 336 LYS LYS A . n 
# 
loop_
_pdbx_nonpoly_scheme.asym_id 
_pdbx_nonpoly_scheme.entity_id 
_pdbx_nonpoly_scheme.mon_id 
_pdbx_nonpoly_scheme.ndb_seq_num 
_pdbx_nonpoly_scheme.pdb_seq_num 
_pdbx_nonpoly_scheme.auth_seq_num 
_pdbx_nonpoly_scheme.pdb_mon_id 
_pdbx_nonpoly_scheme.auth_mon_id 
_pdbx_nonpoly_scheme.pdb_strand_id 
_pdbx_nonpoly_scheme.pdb_ins_code 
B 2 HOH 1  1  1  HOH HOH A . 
B 2 HOH 2  2  2  HOH HOH A . 
B 2 HOH 3  3  3  HOH HOH A . 
B 2 HOH 4  4  4  HOH HOH A . 
B 2 HOH 5  5  5  HOH HOH A . 
B 2 HOH 6  6  6  HOH HOH A . 
B 2 HOH 7  7  7  HOH HOH A . 
B 2 HOH 8  8  8  HOH HOH A . 
B 2 HOH 9  9  9  HOH HOH A . 
B 2 HOH 10 10 10 HOH HOH A . 
B 2 HOH 11 11 11 HOH HOH A . 
B 2 HOH 12 12 12 HOH HOH A . 
B 2 HOH 13 13 13 HOH HOH A . 
B 2 HOH 14 14 14 HOH HOH A . 
B 2 HOH 15 15 15 HOH HOH A . 
B 2 HOH 16 16 16 HOH HOH A . 
B 2 HOH 17 17 17 HOH HOH A . 
B 2 HOH 18 18 18 HOH HOH A . 
B 2 HOH 19 19 19 HOH HOH A . 
B 2 HOH 20 20 20 HOH HOH A . 
B 2 HOH 21 21 21 HOH HOH A . 
B 2 HOH 22 22 22 HOH HOH A . 
B 2 HOH 23 23 23 HOH HOH A . 
B 2 HOH 24 24 24 HOH HOH A . 
B 2 HOH 25 25 25 HOH HOH A . 
B 2 HOH 26 26 26 HOH HOH A . 
B 2 HOH 27 27 27 HOH HOH A . 
B 2 HOH 28 28 28 HOH HOH A . 
B 2 HOH 29 29 29 HOH HOH A . 
B 2 HOH 30 30 30 HOH HOH A . 
B 2 HOH 31 31 31 HOH HOH A . 
B 2 HOH 32 32 32 HOH HOH A . 
B 2 HOH 33 33 33 HOH HOH A . 
B 2 HOH 34 34 34 HOH HOH A . 
B 2 HOH 35 35 35 HOH HOH A . 
B 2 HOH 36 36 36 HOH HOH A . 
B 2 HOH 37 37 37 HOH HOH A . 
B 2 HOH 38 38 38 HOH HOH A . 
B 2 HOH 39 39 39 HOH HOH A . 
B 2 HOH 40 40 40 HOH HOH A . 
B 2 HOH 41 41 41 HOH HOH A . 
B 2 HOH 42 42 42 HOH HOH A . 
B 2 HOH 43 43 43 HOH HOH A . 
B 2 HOH 44 44 44 HOH HOH A . 
B 2 HOH 45 45 45 HOH HOH A . 
B 2 HOH 46 46 46 HOH HOH A . 
B 2 HOH 47 47 47 HOH HOH A . 
B 2 HOH 48 48 48 HOH HOH A . 
B 2 HOH 49 49 49 HOH HOH A . 
B 2 HOH 50 50 50 HOH HOH A . 
B 2 HOH 51 51 51 HOH HOH A . 
B 2 HOH 52 52 52 HOH HOH A . 
B 2 HOH 53 53 53 HOH HOH A . 
B 2 HOH 54 54 54 HOH HOH A . 
B 2 HOH 55 55 55 HOH HOH A . 
B 2 HOH 56 56 56 HOH HOH A . 
B 2 HOH 57 57 57 HOH HOH A . 
B 2 HOH 58 58 58 HOH HOH A . 
B 2 HOH 59 59 59 HOH HOH A . 
B 2 HOH 60 60 60 HOH HOH A . 
B 2 HOH 61 61 61 HOH HOH A . 
B 2 HOH 62 62 62 HOH HOH A . 
B 2 HOH 63 63 63 HOH HOH A . 
B 2 HOH 64 64 64 HOH HOH A . 
B 2 HOH 65 65 65 HOH HOH A . 
B 2 HOH 66 66 66 HOH HOH A . 
B 2 HOH 67 67 67 HOH HOH A . 
B 2 HOH 68 68 68 HOH HOH A . 
B 2 HOH 69 69 69 HOH HOH A . 
B 2 HOH 70 70 70 HOH HOH A . 
B 2 HOH 71 71 71 HOH HOH A . 
B 2 HOH 72 72 72 HOH HOH A . 
B 2 HOH 73 73 73 HOH HOH A . 
B 2 HOH 74 74 74 HOH HOH A . 
B 2 HOH 75 75 75 HOH HOH A . 
B 2 HOH 76 76 76 HOH HOH A . 
B 2 HOH 77 77 77 HOH HOH A . 
B 2 HOH 78 78 78 HOH HOH A . 
B 2 HOH 79 79 79 HOH HOH A . 
B 2 HOH 80 80 80 HOH HOH A . 
# 
loop_
_software.name 
_software.classification 
_software.version 
_software.citation_id 
_software.pdbx_ordinal 
MLPHARE   phasing          . ? 1 
CCP4      refinement       . ? 2 
DENZO     'data reduction' . ? 3 
SCALEPACK 'data scaling'   . ? 4 
# 
_cell.entry_id           1SRV 
_cell.length_a           63.470 
_cell.length_b           65.960 
_cell.length_c           75.030 
_cell.angle_alpha        90.00 
_cell.angle_beta         90.00 
_cell.angle_gamma        90.00 
_cell.Z_PDB              8 
_cell.pdbx_unique_axis   ? 
# 
_symmetry.entry_id                         1SRV 
_symmetry.space_group_name_H-M             'C 2 2 21' 
_symmetry.pdbx_full_space_group_name_H-M   ? 
_symmetry.cell_setting                     orthorhombic 
_symmetry.Int_Tables_number                20 
# 
_exptl.entry_id          1SRV 
_exptl.method            'X-RAY DIFFRACTION' 
_exptl.crystals_number   1 
# 
_exptl_crystal.id                    1 
_exptl_crystal.density_meas          ? 
_exptl_crystal.density_Matthews      2.4 
_exptl_crystal.density_percent_sol   48 
_exptl_crystal.description           
;MAD DATA WERE COLLECTED AT THE STRUCTURAL BIOLOGY CENTER'S UNDULATOR BEAMLINE 

19ID AT THE APS
;
# 
_exptl_crystal_grow.crystal_id      1 
_exptl_crystal_grow.method          'VAPOR DIFFUSION, HANGING DROP' 
_exptl_crystal_grow.temp            ? 
_exptl_crystal_grow.temp_details    ? 
_exptl_crystal_grow.pH              7.5 
_exptl_crystal_grow.pdbx_details    'pH 7.5, VAPOR DIFFUSION, HANGING DROP' 
_exptl_crystal_grow.pdbx_pH_range   . 
# 
_diffrn.id                     1 
_diffrn.ambient_temp           298 
_diffrn.ambient_temp_details   ? 
_diffrn.crystal_id             1 
# 
_diffrn_detector.diffrn_id              1 
_diffrn_detector.detector               'IMAGE PLATE' 
_diffrn_detector.type                   'RIGAKU RAXIS' 
_diffrn_detector.pdbx_collection_date   1997-11-15 
_diffrn_detector.details                MIRRORS 
# 
_diffrn_radiation.diffrn_id                        1 
_diffrn_radiation.wavelength_id                    1 
_diffrn_radiation.pdbx_monochromatic_or_laue_m_l   M 
_diffrn_radiation.monochromator                    ? 
_diffrn_radiation.pdbx_diffrn_protocol             'SINGLE WAVELENGTH' 
_diffrn_radiation.pdbx_scattering_type             x-ray 
# 
_diffrn_radiation_wavelength.id           1 
_diffrn_radiation_wavelength.wavelength   1.5418 
_diffrn_radiation_wavelength.wt           1.0 
# 
_diffrn_source.diffrn_id                   1 
_diffrn_source.source                      'ROTATING ANODE' 
_diffrn_source.type                        'RIGAKU RU200' 
_diffrn_source.pdbx_synchrotron_site       ? 
_diffrn_source.pdbx_synchrotron_beamline   ? 
_diffrn_source.pdbx_wavelength             1.5418 
_diffrn_source.pdbx_wavelength_list        ? 
# 
_reflns.entry_id                     1SRV 
_reflns.observed_criterion_sigma_I   -3 
_reflns.observed_criterion_sigma_F   ? 
_reflns.d_resolution_low             20.0 
_reflns.d_resolution_high            1.7 
_reflns.number_obs                   15546 
_reflns.number_all                   ? 
_reflns.percent_possible_obs         88 
_reflns.pdbx_Rmerge_I_obs            0.0580000 
_reflns.pdbx_Rsym_value              ? 
_reflns.pdbx_netI_over_sigmaI        17.2 
_reflns.B_iso_Wilson_estimate        30.7 
_reflns.pdbx_redundancy              3.8 
_reflns.R_free_details               ? 
_reflns.limit_h_max                  ? 
_reflns.limit_h_min                  ? 
_reflns.limit_k_max                  ? 
_reflns.limit_k_min                  ? 
_reflns.limit_l_max                  ? 
_reflns.limit_l_min                  ? 
_reflns.observed_criterion_F_max     ? 
_reflns.observed_criterion_F_min     ? 
_reflns.pdbx_diffrn_id               1 
_reflns.pdbx_ordinal                 1 
# 
_reflns_shell.d_res_high             1.7 
_reflns_shell.d_res_low              1.73 
_reflns_shell.percent_possible_all   46 
_reflns_shell.Rmerge_I_obs           0.3900000 
_reflns_shell.pdbx_Rsym_value        ? 
_reflns_shell.meanI_over_sigI_obs    2.2 
_reflns_shell.pdbx_redundancy        1.8 
_reflns_shell.percent_possible_obs   ? 
_reflns_shell.number_unique_all      ? 
_reflns_shell.pdbx_diffrn_id         ? 
_reflns_shell.pdbx_ordinal           1 
# 
_refine.entry_id                                 1SRV 
_refine.ls_number_reflns_obs                     17661 
_refine.ls_number_reflns_all                     17661 
_refine.pdbx_ls_sigma_I                          ? 
_refine.pdbx_ls_sigma_F                          0.0 
_refine.pdbx_data_cutoff_high_absF               ? 
_refine.pdbx_data_cutoff_low_absF                ? 
_refine.pdbx_data_cutoff_high_rms_absF           ? 
_refine.ls_d_res_low                             10 
_refine.ls_d_res_high                            1.7 
_refine.ls_percent_reflns_obs                    89.32 
_refine.ls_R_factor_obs                          0.1930000 
_refine.ls_R_factor_all                          0.1930000 
_refine.ls_R_factor_R_work                       0.1990000 
_refine.ls_R_factor_R_free                       0.2570000 
_refine.ls_R_factor_R_free_error                 ? 
_refine.ls_R_factor_R_free_error_details         ? 
_refine.ls_percent_reflns_R_free                 5. 
_refine.ls_number_reflns_R_free                  791 
_refine.ls_number_parameters                     ? 
_refine.ls_number_restraints                     ? 
_refine.occupancy_min                            ? 
_refine.occupancy_max                            ? 
_refine.B_iso_mean                               41.7 
_refine.aniso_B[1][1]                            ? 
_refine.aniso_B[2][2]                            ? 
_refine.aniso_B[3][3]                            ? 
_refine.aniso_B[1][2]                            ? 
_refine.aniso_B[1][3]                            ? 
_refine.aniso_B[2][3]                            ? 
_refine.solvent_model_details                    ? 
_refine.solvent_model_param_ksol                 ? 
_refine.solvent_model_param_bsol                 ? 
_refine.pdbx_ls_cross_valid_method               THROUGHOUT 
_refine.details                                  ? 
_refine.pdbx_starting_model                      ? 
_refine.pdbx_method_to_determine_struct          MAD 
_refine.pdbx_isotropic_thermal_model             ? 
_refine.pdbx_stereochemistry_target_values       ? 
_refine.pdbx_stereochem_target_val_spec_case     ? 
_refine.pdbx_R_Free_selection_details            RANDOM 
_refine.pdbx_overall_ESU_R                       ? 
_refine.pdbx_overall_ESU_R_Free                  ? 
_refine.overall_SU_ML                            ? 
_refine.overall_SU_B                             ? 
_refine.ls_redundancy_reflns_obs                 ? 
_refine.B_iso_min                                ? 
_refine.B_iso_max                                ? 
_refine.pdbx_refine_id                           'X-RAY DIFFRACTION' 
_refine.pdbx_diffrn_id                           1 
_refine.pdbx_TLS_residual_ADP_flag               ? 
_refine.correlation_coeff_Fo_to_Fc               ? 
_refine.correlation_coeff_Fo_to_Fc_free          ? 
_refine.pdbx_solvent_vdw_probe_radii             ? 
_refine.pdbx_solvent_ion_probe_radii             ? 
_refine.pdbx_solvent_shrinkage_radii             ? 
_refine.pdbx_overall_phase_error                 ? 
_refine.overall_SU_R_Cruickshank_DPI             ? 
_refine.pdbx_overall_SU_R_free_Cruickshank_DPI   ? 
_refine.pdbx_overall_SU_R_Blow_DPI               ? 
_refine.pdbx_overall_SU_R_free_Blow_DPI          ? 
# 
_refine_hist.pdbx_refine_id                   'X-RAY DIFFRACTION' 
_refine_hist.cycle_id                         LAST 
_refine_hist.pdbx_number_atoms_protein        1143 
_refine_hist.pdbx_number_atoms_nucleic_acid   0 
_refine_hist.pdbx_number_atoms_ligand         0 
_refine_hist.number_atoms_solvent             80 
_refine_hist.number_atoms_total               1223 
_refine_hist.d_res_high                       1.7 
_refine_hist.d_res_low                        10 
# 
loop_
_refine_ls_restr.type 
_refine_ls_restr.dev_ideal 
_refine_ls_restr.dev_ideal_target 
_refine_ls_restr.weight 
_refine_ls_restr.number 
_refine_ls_restr.pdbx_refine_id 
_refine_ls_restr.pdbx_restraint_function 
p_bond_d            0.018 0.020 ? ? 'X-RAY DIFFRACTION' ? 
p_angle_d           0.038 0.040 ? ? 'X-RAY DIFFRACTION' ? 
p_angle_deg         ?     ?     ? ? 'X-RAY DIFFRACTION' ? 
p_planar_d          0.040 0.050 ? ? 'X-RAY DIFFRACTION' ? 
p_hb_or_metal_coord ?     ?     ? ? 'X-RAY DIFFRACTION' ? 
p_mcbond_it         2.903 3.000 ? ? 'X-RAY DIFFRACTION' ? 
p_mcangle_it        3.905 5.000 ? ? 'X-RAY DIFFRACTION' ? 
p_scbond_it         7.015 6.000 ? ? 'X-RAY DIFFRACTION' ? 
p_scangle_it        9.905 8.000 ? ? 'X-RAY DIFFRACTION' ? 
p_plane_restr       0.029 0.03  ? ? 'X-RAY DIFFRACTION' ? 
p_chiral_restr      0.19  0.150 ? ? 'X-RAY DIFFRACTION' ? 
p_singtor_nbd       0.236 0.3   ? ? 'X-RAY DIFFRACTION' ? 
p_multtor_nbd       0.331 0.3   ? ? 'X-RAY DIFFRACTION' ? 
p_xhyhbond_nbd      ?     ?     ? ? 'X-RAY DIFFRACTION' ? 
p_xyhbond_nbd       0.305 0.3   ? ? 'X-RAY DIFFRACTION' ? 
p_planar_tor        4.8   7.0   ? ? 'X-RAY DIFFRACTION' ? 
p_staggered_tor     18.5  15.0  ? ? 'X-RAY DIFFRACTION' ? 
p_orthonormal_tor   ?     ?     ? ? 'X-RAY DIFFRACTION' ? 
p_transverse_tor    21.7  20.0  ? ? 'X-RAY DIFFRACTION' ? 
p_special_tor       ?     ?     ? ? 'X-RAY DIFFRACTION' ? 
# 
_pdbx_refine.entry_id                                    1SRV 
_pdbx_refine.R_factor_all_no_cutoff                      0.1930000 
_pdbx_refine.R_factor_obs_no_cutoff                      ? 
_pdbx_refine.free_R_factor_no_cutoff                     ? 
_pdbx_refine.free_R_val_test_set_size_perc_no_cutoff     ? 
_pdbx_refine.free_R_val_test_set_ct_no_cutoff            ? 
_pdbx_refine.R_factor_all_4sig_cutoff                    ? 
_pdbx_refine.R_factor_obs_4sig_cutoff                    ? 
_pdbx_refine.free_R_factor_4sig_cutoff                   ? 
_pdbx_refine.free_R_val_test_set_size_perc_4sig_cutoff   ? 
_pdbx_refine.free_R_val_test_set_ct_4sig_cutoff          ? 
_pdbx_refine.number_reflns_obs_4sig_cutoff               ? 
_pdbx_refine.number_reflns_obs_no_cutoff                 ? 
_pdbx_refine.pdbx_refine_id                              'X-RAY DIFFRACTION' 
_pdbx_refine.free_R_error_no_cutoff                      ? 
# 
_struct.entry_id                  1SRV 
_struct.title                     'THERMUS THERMOPHILUS GROEL (HSP60 CLASS) FRAGMENT (APICAL DOMAIN) COMPRISING RESIDUES 192-336' 
_struct.pdbx_model_details        ? 
_struct.pdbx_CASP_flag            ? 
_struct.pdbx_model_type_details   ? 
# 
_struct_keywords.entry_id        1SRV 
_struct_keywords.pdbx_keywords   CHAPERONE 
_struct_keywords.text            'CHAPERONE, HSP60, GROEL, CELL DIVISION, ATP-BINDING, PHOSPHORYLATION' 
# 
loop_
_struct_asym.id 
_struct_asym.pdbx_blank_PDB_chainid_flag 
_struct_asym.pdbx_modified 
_struct_asym.entity_id 
_struct_asym.details 
A N N 1 ? 
B N N 2 ? 
# 
_struct_ref.id                         1 
_struct_ref.db_name                    UNP 
_struct_ref.db_code                    CH60_THETH 
_struct_ref.entity_id                  1 
_struct_ref.pdbx_db_accession          P61491 
_struct_ref.pdbx_db_isoform            ? 
_struct_ref.pdbx_seq_one_letter_code   ? 
_struct_ref.pdbx_align_begin           ? 
# 
_struct_ref_seq.align_id                      1 
_struct_ref_seq.ref_id                        1 
_struct_ref_seq.pdbx_PDB_id_code              1SRV 
_struct_ref_seq.pdbx_strand_id                A 
_struct_ref_seq.seq_align_beg                 1 
_struct_ref_seq.pdbx_seq_align_beg_ins_code   ? 
_struct_ref_seq.seq_align_end                 145 
_struct_ref_seq.pdbx_seq_align_end_ins_code   ? 
_struct_ref_seq.pdbx_db_accession             P61491 
_struct_ref_seq.db_align_beg                  190 
_struct_ref_seq.pdbx_db_align_beg_ins_code    ? 
_struct_ref_seq.db_align_end                  334 
_struct_ref_seq.pdbx_db_align_end_ins_code    ? 
_struct_ref_seq.pdbx_auth_seq_align_beg       192 
_struct_ref_seq.pdbx_auth_seq_align_end       336 
# 
_pdbx_struct_assembly.id                   1 
_pdbx_struct_assembly.details              author_defined_assembly 
_pdbx_struct_assembly.method_details       ? 
_pdbx_struct_assembly.oligomeric_details   monomeric 
_pdbx_struct_assembly.oligomeric_count     1 
# 
_pdbx_struct_assembly_gen.assembly_id       1 
_pdbx_struct_assembly_gen.oper_expression   1 
_pdbx_struct_assembly_gen.asym_id_list      A,B 
# 
_pdbx_struct_oper_list.id                   1 
_pdbx_struct_oper_list.type                 'identity operation' 
_pdbx_struct_oper_list.name                 1_555 
_pdbx_struct_oper_list.symmetry_operation   x,y,z 
_pdbx_struct_oper_list.matrix[1][1]         1.0000000000 
_pdbx_struct_oper_list.matrix[1][2]         0.0000000000 
_pdbx_struct_oper_list.matrix[1][3]         0.0000000000 
_pdbx_struct_oper_list.vector[1]            0.0000000000 
_pdbx_struct_oper_list.matrix[2][1]         0.0000000000 
_pdbx_struct_oper_list.matrix[2][2]         1.0000000000 
_pdbx_struct_oper_list.matrix[2][3]         0.0000000000 
_pdbx_struct_oper_list.vector[2]            0.0000000000 
_pdbx_struct_oper_list.matrix[3][1]         0.0000000000 
_pdbx_struct_oper_list.matrix[3][2]         0.0000000000 
_pdbx_struct_oper_list.matrix[3][3]         1.0000000000 
_pdbx_struct_oper_list.vector[3]            0.0000000000 
# 
_struct_biol.id   1 
# 
loop_
_struct_conf.conf_type_id 
_struct_conf.id 
_struct_conf.pdbx_PDB_helix_id 
_struct_conf.beg_label_comp_id 
_struct_conf.beg_label_asym_id 
_struct_conf.beg_label_seq_id 
_struct_conf.pdbx_beg_PDB_ins_code 
_struct_conf.end_label_comp_id 
_struct_conf.end_label_asym_id 
_struct_conf.end_label_seq_id 
_struct_conf.pdbx_end_PDB_ins_code 
_struct_conf.beg_auth_comp_id 
_struct_conf.beg_auth_asym_id 
_struct_conf.beg_auth_seq_id 
_struct_conf.end_auth_comp_id 
_struct_conf.end_auth_asym_id 
_struct_conf.end_auth_seq_id 
_struct_conf.pdbx_PDB_helix_class 
_struct_conf.details 
_struct_conf.pdbx_PDB_helix_length 
HELX_P HELX_P1 1 PRO A 11  ? PHE A 13  ? PRO A 202 PHE A 204 5 ? 3  
HELX_P HELX_P2 2 VAL A 39  ? THR A 52  ? VAL A 230 THR A 243 1 ? 14 
HELX_P HELX_P3 3 GLY A 65  ? ARG A 77  ? GLY A 256 ARG A 268 1 ? 13 
HELX_P HELX_P4 4 GLY A 91  ? THR A 105 ? GLY A 282 THR A 296 1 ? 15 
HELX_P HELX_P5 5 LEU A 118 ? ASN A 120 ? LEU A 309 ASN A 311 5 ? 3  
HELX_P HELX_P6 6 LEU A 123 ? MET A 125 ? LEU A 314 MET A 316 5 ? 3  
# 
_struct_conf_type.id          HELX_P 
_struct_conf_type.criteria    ? 
_struct_conf_type.reference   ? 
# 
loop_
_struct_sheet.id 
_struct_sheet.type 
_struct_sheet.number_strands 
_struct_sheet.details 
A ? 4 ? 
B ? 4 ? 
# 
loop_
_struct_sheet_order.sheet_id 
_struct_sheet_order.range_id_1 
_struct_sheet_order.range_id_2 
_struct_sheet_order.offset 
_struct_sheet_order.sense 
A 1 2 ? anti-parallel 
A 2 3 ? anti-parallel 
A 3 4 ? anti-parallel 
B 1 2 ? anti-parallel 
B 2 3 ? parallel      
B 3 4 ? parallel      
# 
loop_
_struct_sheet_range.sheet_id 
_struct_sheet_range.id 
_struct_sheet_range.beg_label_comp_id 
_struct_sheet_range.beg_label_asym_id 
_struct_sheet_range.beg_label_seq_id 
_struct_sheet_range.pdbx_beg_PDB_ins_code 
_struct_sheet_range.end_label_comp_id 
_struct_sheet_range.end_label_asym_id 
_struct_sheet_range.end_label_seq_id 
_struct_sheet_range.pdbx_end_PDB_ins_code 
_struct_sheet_range.beg_auth_comp_id 
_struct_sheet_range.beg_auth_asym_id 
_struct_sheet_range.beg_auth_seq_id 
_struct_sheet_range.end_auth_comp_id 
_struct_sheet_range.end_auth_asym_id 
_struct_sheet_range.end_auth_seq_id 
A 1 TYR A 2   ? PHE A 4   ? TYR A 193 PHE A 195 
A 2 THR A 139 ? VAL A 142 ? THR A 330 VAL A 333 
A 3 ARG A 131 ? ILE A 134 ? ARG A 322 ILE A 325 
A 4 ALA A 22  ? GLU A 25  ? ALA A 213 GLU A 216 
B 1 GLY A 127 ? ALA A 129 ? GLY A 318 ALA A 320 
B 2 ALA A 27  ? ILE A 31  ? ALA A 218 ILE A 222 
B 3 LEU A 56  ? ALA A 60  ? LEU A 247 ALA A 251 
B 4 VAL A 82  ? LYS A 86  ? VAL A 273 LYS A 277 
# 
loop_
_pdbx_struct_sheet_hbond.sheet_id 
_pdbx_struct_sheet_hbond.range_id_1 
_pdbx_struct_sheet_hbond.range_id_2 
_pdbx_struct_sheet_hbond.range_1_label_atom_id 
_pdbx_struct_sheet_hbond.range_1_label_comp_id 
_pdbx_struct_sheet_hbond.range_1_label_asym_id 
_pdbx_struct_sheet_hbond.range_1_label_seq_id 
_pdbx_struct_sheet_hbond.range_1_PDB_ins_code 
_pdbx_struct_sheet_hbond.range_1_auth_atom_id 
_pdbx_struct_sheet_hbond.range_1_auth_comp_id 
_pdbx_struct_sheet_hbond.range_1_auth_asym_id 
_pdbx_struct_sheet_hbond.range_1_auth_seq_id 
_pdbx_struct_sheet_hbond.range_2_label_atom_id 
_pdbx_struct_sheet_hbond.range_2_label_comp_id 
_pdbx_struct_sheet_hbond.range_2_label_asym_id 
_pdbx_struct_sheet_hbond.range_2_label_seq_id 
_pdbx_struct_sheet_hbond.range_2_PDB_ins_code 
_pdbx_struct_sheet_hbond.range_2_auth_atom_id 
_pdbx_struct_sheet_hbond.range_2_auth_comp_id 
_pdbx_struct_sheet_hbond.range_2_auth_asym_id 
_pdbx_struct_sheet_hbond.range_2_auth_seq_id 
A 1 2 O TYR A 2   ? O TYR A 193 N ILE A 141 ? N ILE A 332 
A 2 3 O THR A 140 ? O THR A 331 N ARG A 133 ? N ARG A 324 
A 3 4 O VAL A 132 ? O VAL A 323 N LEU A 24  ? N LEU A 215 
B 1 2 O GLY A 127 ? O GLY A 318 N ILE A 29  ? N ILE A 220 
B 2 3 O PHE A 28  ? O PHE A 219 N LEU A 57  ? N LEU A 248 
B 3 4 O LEU A 56  ? O LEU A 247 N ALA A 83  ? N ALA A 274 
# 
loop_
_pdbx_validate_close_contact.id 
_pdbx_validate_close_contact.PDB_model_num 
_pdbx_validate_close_contact.auth_atom_id_1 
_pdbx_validate_close_contact.auth_asym_id_1 
_pdbx_validate_close_contact.auth_comp_id_1 
_pdbx_validate_close_contact.auth_seq_id_1 
_pdbx_validate_close_contact.PDB_ins_code_1 
_pdbx_validate_close_contact.label_alt_id_1 
_pdbx_validate_close_contact.auth_atom_id_2 
_pdbx_validate_close_contact.auth_asym_id_2 
_pdbx_validate_close_contact.auth_comp_id_2 
_pdbx_validate_close_contact.auth_seq_id_2 
_pdbx_validate_close_contact.PDB_ins_code_2 
_pdbx_validate_close_contact.label_alt_id_2 
_pdbx_validate_close_contact.dist 
1 1 OE1 A GLN 242 ? ? O A HOH 73 ? ? 1.78 
2 1 O   A HOH 36  ? ? O A HOH 79 ? ? 1.98 
3 1 OE1 A GLU 257 ? ? O A HOH 27 ? ? 1.98 
4 1 CG  A GLU 310 ? ? O A HOH 15 ? ? 2.08 
5 1 OE1 A GLU 212 ? ? O A HOH 41 ? ? 2.09 
6 1 N   A GLY 256 ? ? O A HOH 79 ? ? 2.19 
# 
loop_
_pdbx_validate_symm_contact.id 
_pdbx_validate_symm_contact.PDB_model_num 
_pdbx_validate_symm_contact.auth_atom_id_1 
_pdbx_validate_symm_contact.auth_asym_id_1 
_pdbx_validate_symm_contact.auth_comp_id_1 
_pdbx_validate_symm_contact.auth_seq_id_1 
_pdbx_validate_symm_contact.PDB_ins_code_1 
_pdbx_validate_symm_contact.label_alt_id_1 
_pdbx_validate_symm_contact.site_symmetry_1 
_pdbx_validate_symm_contact.auth_atom_id_2 
_pdbx_validate_symm_contact.auth_asym_id_2 
_pdbx_validate_symm_contact.auth_comp_id_2 
_pdbx_validate_symm_contact.auth_seq_id_2 
_pdbx_validate_symm_contact.PDB_ins_code_2 
_pdbx_validate_symm_contact.label_alt_id_2 
_pdbx_validate_symm_contact.site_symmetry_2 
_pdbx_validate_symm_contact.dist 
1 1 NH2 A ARG 231 ? ? 1_555 OE1 A GLU 321 ? ? 6_554 1.81 
2 1 OD1 A ASP 196 ? B 1_555 O   A HOH 24  ? ? 4_556 1.82 
3 1 NZ  A LYS 290 ? ? 1_555 OE2 A GLU 304 ? ? 3_555 2.13 
# 
loop_
_pdbx_validate_rmsd_angle.id 
_pdbx_validate_rmsd_angle.PDB_model_num 
_pdbx_validate_rmsd_angle.auth_atom_id_1 
_pdbx_validate_rmsd_angle.auth_asym_id_1 
_pdbx_validate_rmsd_angle.auth_comp_id_1 
_pdbx_validate_rmsd_angle.auth_seq_id_1 
_pdbx_validate_rmsd_angle.PDB_ins_code_1 
_pdbx_validate_rmsd_angle.label_alt_id_1 
_pdbx_validate_rmsd_angle.auth_atom_id_2 
_pdbx_validate_rmsd_angle.auth_asym_id_2 
_pdbx_validate_rmsd_angle.auth_comp_id_2 
_pdbx_validate_rmsd_angle.auth_seq_id_2 
_pdbx_validate_rmsd_angle.PDB_ins_code_2 
_pdbx_validate_rmsd_angle.label_alt_id_2 
_pdbx_validate_rmsd_angle.auth_atom_id_3 
_pdbx_validate_rmsd_angle.auth_asym_id_3 
_pdbx_validate_rmsd_angle.auth_comp_id_3 
_pdbx_validate_rmsd_angle.auth_seq_id_3 
_pdbx_validate_rmsd_angle.PDB_ins_code_3 
_pdbx_validate_rmsd_angle.label_alt_id_3 
_pdbx_validate_rmsd_angle.angle_value 
_pdbx_validate_rmsd_angle.angle_target_value 
_pdbx_validate_rmsd_angle.angle_deviation 
_pdbx_validate_rmsd_angle.angle_standard_deviation 
_pdbx_validate_rmsd_angle.linker_flag 
1  1 CB  A TYR 199 ? ? CG A TYR 199 ? ? CD2 A TYR 199 ? ? 116.49 121.00 -4.51  0.60 N 
2  1 N   A THR 206 ? ? CA A THR 206 ? ? CB  A THR 206 ? ? 94.71  110.30 -15.59 1.90 N 
3  1 CA  A LEU 233 ? ? CB A LEU 233 ? A CG  A LEU 233 ? A 130.29 115.30 14.99  2.30 N 
4  1 CB  A ASP 253 ? ? CG A ASP 253 ? ? OD1 A ASP 253 ? ? 127.35 118.30 9.05   0.90 N 
5  1 CA  A THR 270 ? ? CB A THR 270 ? ? CG2 A THR 270 ? ? 103.65 112.40 -8.75  1.40 N 
6  1 CD  A ARG 285 ? ? NE A ARG 285 ? ? CZ  A ARG 285 ? ? 112.43 123.60 -11.17 1.40 N 
7  1 NH1 A ARG 285 ? ? CZ A ARG 285 ? ? NH2 A ARG 285 ? ? 128.20 119.40 8.80   1.10 N 
8  1 NE  A ARG 285 ? ? CZ A ARG 285 ? ? NH1 A ARG 285 ? ? 99.29  120.30 -21.01 0.50 N 
9  1 NE  A ARG 285 ? ? CZ A ARG 285 ? ? NH2 A ARG 285 ? ? 132.51 120.30 12.21  0.50 N 
10 1 NE  A ARG 324 ? ? CZ A ARG 324 ? ? NH2 A ARG 324 ? ? 115.56 120.30 -4.74  0.50 N 
11 1 N   A THR 326 ? ? CA A THR 326 ? ? CB  A THR 326 ? ? 92.94  110.30 -17.36 1.90 N 
12 1 OG1 A THR 326 ? ? CB A THR 326 ? ? CG2 A THR 326 ? ? 130.66 110.00 20.66  2.30 N 
# 
loop_
_pdbx_validate_torsion.id 
_pdbx_validate_torsion.PDB_model_num 
_pdbx_validate_torsion.auth_comp_id 
_pdbx_validate_torsion.auth_asym_id 
_pdbx_validate_torsion.auth_seq_id 
_pdbx_validate_torsion.PDB_ins_code 
_pdbx_validate_torsion.label_alt_id 
_pdbx_validate_torsion.phi 
_pdbx_validate_torsion.psi 
1 1 ASP A 196 ? ? -92.94  50.17  
2 1 SER A 228 ? ? -131.61 -33.31 
# 
loop_
_chem_comp_atom.comp_id 
_chem_comp_atom.atom_id 
_chem_comp_atom.type_symbol 
_chem_comp_atom.pdbx_aromatic_flag 
_chem_comp_atom.pdbx_stereo_config 
_chem_comp_atom.pdbx_ordinal 
ALA N    N N N 1   
ALA CA   C N S 2   
ALA C    C N N 3   
ALA O    O N N 4   
ALA CB   C N N 5   
ALA OXT  O N N 6   
ALA H    H N N 7   
ALA H2   H N N 8   
ALA HA   H N N 9   
ALA HB1  H N N 10  
ALA HB2  H N N 11  
ALA HB3  H N N 12  
ALA HXT  H N N 13  
ARG N    N N N 14  
ARG CA   C N S 15  
ARG C    C N N 16  
ARG O    O N N 17  
ARG CB   C N N 18  
ARG CG   C N N 19  
ARG CD   C N N 20  
ARG NE   N N N 21  
ARG CZ   C N N 22  
ARG NH1  N N N 23  
ARG NH2  N N N 24  
ARG OXT  O N N 25  
ARG H    H N N 26  
ARG H2   H N N 27  
ARG HA   H N N 28  
ARG HB2  H N N 29  
ARG HB3  H N N 30  
ARG HG2  H N N 31  
ARG HG3  H N N 32  
ARG HD2  H N N 33  
ARG HD3  H N N 34  
ARG HE   H N N 35  
ARG HH11 H N N 36  
ARG HH12 H N N 37  
ARG HH21 H N N 38  
ARG HH22 H N N 39  
ARG HXT  H N N 40  
ASN N    N N N 41  
ASN CA   C N S 42  
ASN C    C N N 43  
ASN O    O N N 44  
ASN CB   C N N 45  
ASN CG   C N N 46  
ASN OD1  O N N 47  
ASN ND2  N N N 48  
ASN OXT  O N N 49  
ASN H    H N N 50  
ASN H2   H N N 51  
ASN HA   H N N 52  
ASN HB2  H N N 53  
ASN HB3  H N N 54  
ASN HD21 H N N 55  
ASN HD22 H N N 56  
ASN HXT  H N N 57  
ASP N    N N N 58  
ASP CA   C N S 59  
ASP C    C N N 60  
ASP O    O N N 61  
ASP CB   C N N 62  
ASP CG   C N N 63  
ASP OD1  O N N 64  
ASP OD2  O N N 65  
ASP OXT  O N N 66  
ASP H    H N N 67  
ASP H2   H N N 68  
ASP HA   H N N 69  
ASP HB2  H N N 70  
ASP HB3  H N N 71  
ASP HD2  H N N 72  
ASP HXT  H N N 73  
GLN N    N N N 74  
GLN CA   C N S 75  
GLN C    C N N 76  
GLN O    O N N 77  
GLN CB   C N N 78  
GLN CG   C N N 79  
GLN CD   C N N 80  
GLN OE1  O N N 81  
GLN NE2  N N N 82  
GLN OXT  O N N 83  
GLN H    H N N 84  
GLN H2   H N N 85  
GLN HA   H N N 86  
GLN HB2  H N N 87  
GLN HB3  H N N 88  
GLN HG2  H N N 89  
GLN HG3  H N N 90  
GLN HE21 H N N 91  
GLN HE22 H N N 92  
GLN HXT  H N N 93  
GLU N    N N N 94  
GLU CA   C N S 95  
GLU C    C N N 96  
GLU O    O N N 97  
GLU CB   C N N 98  
GLU CG   C N N 99  
GLU CD   C N N 100 
GLU OE1  O N N 101 
GLU OE2  O N N 102 
GLU OXT  O N N 103 
GLU H    H N N 104 
GLU H2   H N N 105 
GLU HA   H N N 106 
GLU HB2  H N N 107 
GLU HB3  H N N 108 
GLU HG2  H N N 109 
GLU HG3  H N N 110 
GLU HE2  H N N 111 
GLU HXT  H N N 112 
GLY N    N N N 113 
GLY CA   C N N 114 
GLY C    C N N 115 
GLY O    O N N 116 
GLY OXT  O N N 117 
GLY H    H N N 118 
GLY H2   H N N 119 
GLY HA2  H N N 120 
GLY HA3  H N N 121 
GLY HXT  H N N 122 
HOH O    O N N 123 
HOH H1   H N N 124 
HOH H2   H N N 125 
ILE N    N N N 126 
ILE CA   C N S 127 
ILE C    C N N 128 
ILE O    O N N 129 
ILE CB   C N S 130 
ILE CG1  C N N 131 
ILE CG2  C N N 132 
ILE CD1  C N N 133 
ILE OXT  O N N 134 
ILE H    H N N 135 
ILE H2   H N N 136 
ILE HA   H N N 137 
ILE HB   H N N 138 
ILE HG12 H N N 139 
ILE HG13 H N N 140 
ILE HG21 H N N 141 
ILE HG22 H N N 142 
ILE HG23 H N N 143 
ILE HD11 H N N 144 
ILE HD12 H N N 145 
ILE HD13 H N N 146 
ILE HXT  H N N 147 
LEU N    N N N 148 
LEU CA   C N S 149 
LEU C    C N N 150 
LEU O    O N N 151 
LEU CB   C N N 152 
LEU CG   C N N 153 
LEU CD1  C N N 154 
LEU CD2  C N N 155 
LEU OXT  O N N 156 
LEU H    H N N 157 
LEU H2   H N N 158 
LEU HA   H N N 159 
LEU HB2  H N N 160 
LEU HB3  H N N 161 
LEU HG   H N N 162 
LEU HD11 H N N 163 
LEU HD12 H N N 164 
LEU HD13 H N N 165 
LEU HD21 H N N 166 
LEU HD22 H N N 167 
LEU HD23 H N N 168 
LEU HXT  H N N 169 
LYS N    N N N 170 
LYS CA   C N S 171 
LYS C    C N N 172 
LYS O    O N N 173 
LYS CB   C N N 174 
LYS CG   C N N 175 
LYS CD   C N N 176 
LYS CE   C N N 177 
LYS NZ   N N N 178 
LYS OXT  O N N 179 
LYS H    H N N 180 
LYS H2   H N N 181 
LYS HA   H N N 182 
LYS HB2  H N N 183 
LYS HB3  H N N 184 
LYS HG2  H N N 185 
LYS HG3  H N N 186 
LYS HD2  H N N 187 
LYS HD3  H N N 188 
LYS HE2  H N N 189 
LYS HE3  H N N 190 
LYS HZ1  H N N 191 
LYS HZ2  H N N 192 
LYS HZ3  H N N 193 
LYS HXT  H N N 194 
MET N    N N N 195 
MET CA   C N S 196 
MET C    C N N 197 
MET O    O N N 198 
MET CB   C N N 199 
MET CG   C N N 200 
MET SD   S N N 201 
MET CE   C N N 202 
MET OXT  O N N 203 
MET H    H N N 204 
MET H2   H N N 205 
MET HA   H N N 206 
MET HB2  H N N 207 
MET HB3  H N N 208 
MET HG2  H N N 209 
MET HG3  H N N 210 
MET HE1  H N N 211 
MET HE2  H N N 212 
MET HE3  H N N 213 
MET HXT  H N N 214 
PHE N    N N N 215 
PHE CA   C N S 216 
PHE C    C N N 217 
PHE O    O N N 218 
PHE CB   C N N 219 
PHE CG   C Y N 220 
PHE CD1  C Y N 221 
PHE CD2  C Y N 222 
PHE CE1  C Y N 223 
PHE CE2  C Y N 224 
PHE CZ   C Y N 225 
PHE OXT  O N N 226 
PHE H    H N N 227 
PHE H2   H N N 228 
PHE HA   H N N 229 
PHE HB2  H N N 230 
PHE HB3  H N N 231 
PHE HD1  H N N 232 
PHE HD2  H N N 233 
PHE HE1  H N N 234 
PHE HE2  H N N 235 
PHE HZ   H N N 236 
PHE HXT  H N N 237 
PRO N    N N N 238 
PRO CA   C N S 239 
PRO C    C N N 240 
PRO O    O N N 241 
PRO CB   C N N 242 
PRO CG   C N N 243 
PRO CD   C N N 244 
PRO OXT  O N N 245 
PRO H    H N N 246 
PRO HA   H N N 247 
PRO HB2  H N N 248 
PRO HB3  H N N 249 
PRO HG2  H N N 250 
PRO HG3  H N N 251 
PRO HD2  H N N 252 
PRO HD3  H N N 253 
PRO HXT  H N N 254 
SER N    N N N 255 
SER CA   C N S 256 
SER C    C N N 257 
SER O    O N N 258 
SER CB   C N N 259 
SER OG   O N N 260 
SER OXT  O N N 261 
SER H    H N N 262 
SER H2   H N N 263 
SER HA   H N N 264 
SER HB2  H N N 265 
SER HB3  H N N 266 
SER HG   H N N 267 
SER HXT  H N N 268 
THR N    N N N 269 
THR CA   C N S 270 
THR C    C N N 271 
THR O    O N N 272 
THR CB   C N R 273 
THR OG1  O N N 274 
THR CG2  C N N 275 
THR OXT  O N N 276 
THR H    H N N 277 
THR H2   H N N 278 
THR HA   H N N 279 
THR HB   H N N 280 
THR HG1  H N N 281 
THR HG21 H N N 282 
THR HG22 H N N 283 
THR HG23 H N N 284 
THR HXT  H N N 285 
TYR N    N N N 286 
TYR CA   C N S 287 
TYR C    C N N 288 
TYR O    O N N 289 
TYR CB   C N N 290 
TYR CG   C Y N 291 
TYR CD1  C Y N 292 
TYR CD2  C Y N 293 
TYR CE1  C Y N 294 
TYR CE2  C Y N 295 
TYR CZ   C Y N 296 
TYR OH   O N N 297 
TYR OXT  O N N 298 
TYR H    H N N 299 
TYR H2   H N N 300 
TYR HA   H N N 301 
TYR HB2  H N N 302 
TYR HB3  H N N 303 
TYR HD1  H N N 304 
TYR HD2  H N N 305 
TYR HE1  H N N 306 
TYR HE2  H N N 307 
TYR HH   H N N 308 
TYR HXT  H N N 309 
VAL N    N N N 310 
VAL CA   C N S 311 
VAL C    C N N 312 
VAL O    O N N 313 
VAL CB   C N N 314 
VAL CG1  C N N 315 
VAL CG2  C N N 316 
VAL OXT  O N N 317 
VAL H    H N N 318 
VAL H2   H N N 319 
VAL HA   H N N 320 
VAL HB   H N N 321 
VAL HG11 H N N 322 
VAL HG12 H N N 323 
VAL HG13 H N N 324 
VAL HG21 H N N 325 
VAL HG22 H N N 326 
VAL HG23 H N N 327 
VAL HXT  H N N 328 
# 
loop_
_chem_comp_bond.comp_id 
_chem_comp_bond.atom_id_1 
_chem_comp_bond.atom_id_2 
_chem_comp_bond.value_order 
_chem_comp_bond.pdbx_aromatic_flag 
_chem_comp_bond.pdbx_stereo_config 
_chem_comp_bond.pdbx_ordinal 
ALA N   CA   sing N N 1   
ALA N   H    sing N N 2   
ALA N   H2   sing N N 3   
ALA CA  C    sing N N 4   
ALA CA  CB   sing N N 5   
ALA CA  HA   sing N N 6   
ALA C   O    doub N N 7   
ALA C   OXT  sing N N 8   
ALA CB  HB1  sing N N 9   
ALA CB  HB2  sing N N 10  
ALA CB  HB3  sing N N 11  
ALA OXT HXT  sing N N 12  
ARG N   CA   sing N N 13  
ARG N   H    sing N N 14  
ARG N   H2   sing N N 15  
ARG CA  C    sing N N 16  
ARG CA  CB   sing N N 17  
ARG CA  HA   sing N N 18  
ARG C   O    doub N N 19  
ARG C   OXT  sing N N 20  
ARG CB  CG   sing N N 21  
ARG CB  HB2  sing N N 22  
ARG CB  HB3  sing N N 23  
ARG CG  CD   sing N N 24  
ARG CG  HG2  sing N N 25  
ARG CG  HG3  sing N N 26  
ARG CD  NE   sing N N 27  
ARG CD  HD2  sing N N 28  
ARG CD  HD3  sing N N 29  
ARG NE  CZ   sing N N 30  
ARG NE  HE   sing N N 31  
ARG CZ  NH1  sing N N 32  
ARG CZ  NH2  doub N N 33  
ARG NH1 HH11 sing N N 34  
ARG NH1 HH12 sing N N 35  
ARG NH2 HH21 sing N N 36  
ARG NH2 HH22 sing N N 37  
ARG OXT HXT  sing N N 38  
ASN N   CA   sing N N 39  
ASN N   H    sing N N 40  
ASN N   H2   sing N N 41  
ASN CA  C    sing N N 42  
ASN CA  CB   sing N N 43  
ASN CA  HA   sing N N 44  
ASN C   O    doub N N 45  
ASN C   OXT  sing N N 46  
ASN CB  CG   sing N N 47  
ASN CB  HB2  sing N N 48  
ASN CB  HB3  sing N N 49  
ASN CG  OD1  doub N N 50  
ASN CG  ND2  sing N N 51  
ASN ND2 HD21 sing N N 52  
ASN ND2 HD22 sing N N 53  
ASN OXT HXT  sing N N 54  
ASP N   CA   sing N N 55  
ASP N   H    sing N N 56  
ASP N   H2   sing N N 57  
ASP CA  C    sing N N 58  
ASP CA  CB   sing N N 59  
ASP CA  HA   sing N N 60  
ASP C   O    doub N N 61  
ASP C   OXT  sing N N 62  
ASP CB  CG   sing N N 63  
ASP CB  HB2  sing N N 64  
ASP CB  HB3  sing N N 65  
ASP CG  OD1  doub N N 66  
ASP CG  OD2  sing N N 67  
ASP OD2 HD2  sing N N 68  
ASP OXT HXT  sing N N 69  
GLN N   CA   sing N N 70  
GLN N   H    sing N N 71  
GLN N   H2   sing N N 72  
GLN CA  C    sing N N 73  
GLN CA  CB   sing N N 74  
GLN CA  HA   sing N N 75  
GLN C   O    doub N N 76  
GLN C   OXT  sing N N 77  
GLN CB  CG   sing N N 78  
GLN CB  HB2  sing N N 79  
GLN CB  HB3  sing N N 80  
GLN CG  CD   sing N N 81  
GLN CG  HG2  sing N N 82  
GLN CG  HG3  sing N N 83  
GLN CD  OE1  doub N N 84  
GLN CD  NE2  sing N N 85  
GLN NE2 HE21 sing N N 86  
GLN NE2 HE22 sing N N 87  
GLN OXT HXT  sing N N 88  
GLU N   CA   sing N N 89  
GLU N   H    sing N N 90  
GLU N   H2   sing N N 91  
GLU CA  C    sing N N 92  
GLU CA  CB   sing N N 93  
GLU CA  HA   sing N N 94  
GLU C   O    doub N N 95  
GLU C   OXT  sing N N 96  
GLU CB  CG   sing N N 97  
GLU CB  HB2  sing N N 98  
GLU CB  HB3  sing N N 99  
GLU CG  CD   sing N N 100 
GLU CG  HG2  sing N N 101 
GLU CG  HG3  sing N N 102 
GLU CD  OE1  doub N N 103 
GLU CD  OE2  sing N N 104 
GLU OE2 HE2  sing N N 105 
GLU OXT HXT  sing N N 106 
GLY N   CA   sing N N 107 
GLY N   H    sing N N 108 
GLY N   H2   sing N N 109 
GLY CA  C    sing N N 110 
GLY CA  HA2  sing N N 111 
GLY CA  HA3  sing N N 112 
GLY C   O    doub N N 113 
GLY C   OXT  sing N N 114 
GLY OXT HXT  sing N N 115 
HOH O   H1   sing N N 116 
HOH O   H2   sing N N 117 
ILE N   CA   sing N N 118 
ILE N   H    sing N N 119 
ILE N   H2   sing N N 120 
ILE CA  C    sing N N 121 
ILE CA  CB   sing N N 122 
ILE CA  HA   sing N N 123 
ILE C   O    doub N N 124 
ILE C   OXT  sing N N 125 
ILE CB  CG1  sing N N 126 
ILE CB  CG2  sing N N 127 
ILE CB  HB   sing N N 128 
ILE CG1 CD1  sing N N 129 
ILE CG1 HG12 sing N N 130 
ILE CG1 HG13 sing N N 131 
ILE CG2 HG21 sing N N 132 
ILE CG2 HG22 sing N N 133 
ILE CG2 HG23 sing N N 134 
ILE CD1 HD11 sing N N 135 
ILE CD1 HD12 sing N N 136 
ILE CD1 HD13 sing N N 137 
ILE OXT HXT  sing N N 138 
LEU N   CA   sing N N 139 
LEU N   H    sing N N 140 
LEU N   H2   sing N N 141 
LEU CA  C    sing N N 142 
LEU CA  CB   sing N N 143 
LEU CA  HA   sing N N 144 
LEU C   O    doub N N 145 
LEU C   OXT  sing N N 146 
LEU CB  CG   sing N N 147 
LEU CB  HB2  sing N N 148 
LEU CB  HB3  sing N N 149 
LEU CG  CD1  sing N N 150 
LEU CG  CD2  sing N N 151 
LEU CG  HG   sing N N 152 
LEU CD1 HD11 sing N N 153 
LEU CD1 HD12 sing N N 154 
LEU CD1 HD13 sing N N 155 
LEU CD2 HD21 sing N N 156 
LEU CD2 HD22 sing N N 157 
LEU CD2 HD23 sing N N 158 
LEU OXT HXT  sing N N 159 
LYS N   CA   sing N N 160 
LYS N   H    sing N N 161 
LYS N   H2   sing N N 162 
LYS CA  C    sing N N 163 
LYS CA  CB   sing N N 164 
LYS CA  HA   sing N N 165 
LYS C   O    doub N N 166 
LYS C   OXT  sing N N 167 
LYS CB  CG   sing N N 168 
LYS CB  HB2  sing N N 169 
LYS CB  HB3  sing N N 170 
LYS CG  CD   sing N N 171 
LYS CG  HG2  sing N N 172 
LYS CG  HG3  sing N N 173 
LYS CD  CE   sing N N 174 
LYS CD  HD2  sing N N 175 
LYS CD  HD3  sing N N 176 
LYS CE  NZ   sing N N 177 
LYS CE  HE2  sing N N 178 
LYS CE  HE3  sing N N 179 
LYS NZ  HZ1  sing N N 180 
LYS NZ  HZ2  sing N N 181 
LYS NZ  HZ3  sing N N 182 
LYS OXT HXT  sing N N 183 
MET N   CA   sing N N 184 
MET N   H    sing N N 185 
MET N   H2   sing N N 186 
MET CA  C    sing N N 187 
MET CA  CB   sing N N 188 
MET CA  HA   sing N N 189 
MET C   O    doub N N 190 
MET C   OXT  sing N N 191 
MET CB  CG   sing N N 192 
MET CB  HB2  sing N N 193 
MET CB  HB3  sing N N 194 
MET CG  SD   sing N N 195 
MET CG  HG2  sing N N 196 
MET CG  HG3  sing N N 197 
MET SD  CE   sing N N 198 
MET CE  HE1  sing N N 199 
MET CE  HE2  sing N N 200 
MET CE  HE3  sing N N 201 
MET OXT HXT  sing N N 202 
PHE N   CA   sing N N 203 
PHE N   H    sing N N 204 
PHE N   H2   sing N N 205 
PHE CA  C    sing N N 206 
PHE CA  CB   sing N N 207 
PHE CA  HA   sing N N 208 
PHE C   O    doub N N 209 
PHE C   OXT  sing N N 210 
PHE CB  CG   sing N N 211 
PHE CB  HB2  sing N N 212 
PHE CB  HB3  sing N N 213 
PHE CG  CD1  doub Y N 214 
PHE CG  CD2  sing Y N 215 
PHE CD1 CE1  sing Y N 216 
PHE CD1 HD1  sing N N 217 
PHE CD2 CE2  doub Y N 218 
PHE CD2 HD2  sing N N 219 
PHE CE1 CZ   doub Y N 220 
PHE CE1 HE1  sing N N 221 
PHE CE2 CZ   sing Y N 222 
PHE CE2 HE2  sing N N 223 
PHE CZ  HZ   sing N N 224 
PHE OXT HXT  sing N N 225 
PRO N   CA   sing N N 226 
PRO N   CD   sing N N 227 
PRO N   H    sing N N 228 
PRO CA  C    sing N N 229 
PRO CA  CB   sing N N 230 
PRO CA  HA   sing N N 231 
PRO C   O    doub N N 232 
PRO C   OXT  sing N N 233 
PRO CB  CG   sing N N 234 
PRO CB  HB2  sing N N 235 
PRO CB  HB3  sing N N 236 
PRO CG  CD   sing N N 237 
PRO CG  HG2  sing N N 238 
PRO CG  HG3  sing N N 239 
PRO CD  HD2  sing N N 240 
PRO CD  HD3  sing N N 241 
PRO OXT HXT  sing N N 242 
SER N   CA   sing N N 243 
SER N   H    sing N N 244 
SER N   H2   sing N N 245 
SER CA  C    sing N N 246 
SER CA  CB   sing N N 247 
SER CA  HA   sing N N 248 
SER C   O    doub N N 249 
SER C   OXT  sing N N 250 
SER CB  OG   sing N N 251 
SER CB  HB2  sing N N 252 
SER CB  HB3  sing N N 253 
SER OG  HG   sing N N 254 
SER OXT HXT  sing N N 255 
THR N   CA   sing N N 256 
THR N   H    sing N N 257 
THR N   H2   sing N N 258 
THR CA  C    sing N N 259 
THR CA  CB   sing N N 260 
THR CA  HA   sing N N 261 
THR C   O    doub N N 262 
THR C   OXT  sing N N 263 
THR CB  OG1  sing N N 264 
THR CB  CG2  sing N N 265 
THR CB  HB   sing N N 266 
THR OG1 HG1  sing N N 267 
THR CG2 HG21 sing N N 268 
THR CG2 HG22 sing N N 269 
THR CG2 HG23 sing N N 270 
THR OXT HXT  sing N N 271 
TYR N   CA   sing N N 272 
TYR N   H    sing N N 273 
TYR N   H2   sing N N 274 
TYR CA  C    sing N N 275 
TYR CA  CB   sing N N 276 
TYR CA  HA   sing N N 277 
TYR C   O    doub N N 278 
TYR C   OXT  sing N N 279 
TYR CB  CG   sing N N 280 
TYR CB  HB2  sing N N 281 
TYR CB  HB3  sing N N 282 
TYR CG  CD1  doub Y N 283 
TYR CG  CD2  sing Y N 284 
TYR CD1 CE1  sing Y N 285 
TYR CD1 HD1  sing N N 286 
TYR CD2 CE2  doub Y N 287 
TYR CD2 HD2  sing N N 288 
TYR CE1 CZ   doub Y N 289 
TYR CE1 HE1  sing N N 290 
TYR CE2 CZ   sing Y N 291 
TYR CE2 HE2  sing N N 292 
TYR CZ  OH   sing N N 293 
TYR OH  HH   sing N N 294 
TYR OXT HXT  sing N N 295 
VAL N   CA   sing N N 296 
VAL N   H    sing N N 297 
VAL N   H2   sing N N 298 
VAL CA  C    sing N N 299 
VAL CA  CB   sing N N 300 
VAL CA  HA   sing N N 301 
VAL C   O    doub N N 302 
VAL C   OXT  sing N N 303 
VAL CB  CG1  sing N N 304 
VAL CB  CG2  sing N N 305 
VAL CB  HB   sing N N 306 
VAL CG1 HG11 sing N N 307 
VAL CG1 HG12 sing N N 308 
VAL CG1 HG13 sing N N 309 
VAL CG2 HG21 sing N N 310 
VAL CG2 HG22 sing N N 311 
VAL CG2 HG23 sing N N 312 
VAL OXT HXT  sing N N 313 
# 
_atom_sites.entry_id                    1SRV 
_atom_sites.fract_transf_matrix[1][1]   -0.00853484 
_atom_sites.fract_transf_matrix[1][2]   0.00450924 
_atom_sites.fract_transf_matrix[1][3]   0.01245164 
_atom_sites.fract_transf_matrix[2][1]   -0.00816585 
_atom_sites.fract_transf_matrix[2][2]   -0.01273596 
_atom_sites.fract_transf_matrix[2][3]   -0.00098499 
_atom_sites.fract_transf_matrix[3][1]   0.00860081 
_atom_sites.fract_transf_matrix[3][2]   -0.00614252 
_atom_sites.fract_transf_matrix[3][3]   0.00811979 
_atom_sites.fract_transf_vector[1]      0.248076 
_atom_sites.fract_transf_vector[2]      0.158742 
_atom_sites.fract_transf_vector[3]      0.327799 
# 
loop_
_atom_type.symbol 
C 
N 
O 
S 
# 
loop_
_atom_site.group_PDB 
_atom_site.id 
_atom_site.type_symbol 
_atom_site.label_atom_id 
_atom_site.label_alt_id 
_atom_site.label_comp_id 
_atom_site.label_asym_id 
_atom_site.label_entity_id 
_atom_site.label_seq_id 
_atom_site.pdbx_PDB_ins_code 
_atom_site.Cartn_x 
_atom_site.Cartn_y 
_atom_site.Cartn_z 
_atom_site.occupancy 
_atom_site.B_iso_or_equiv 
_atom_site.pdbx_formal_charge 
_atom_site.auth_seq_id 
_atom_site.auth_comp_id 
_atom_site.auth_asym_id 
_atom_site.auth_atom_id 
_atom_site.pdbx_PDB_model_num 
ATOM   1    N N   . GLY A 1 1   ? 16.439  -2.326  7.472   1.00 43.40  ? 192 GLY A N   1 
ATOM   2    C CA  . GLY A 1 1   ? 15.088  -2.014  7.013   1.00 42.48  ? 192 GLY A CA  1 
ATOM   3    C C   . GLY A 1 1   ? 15.103  -0.814  6.127   1.00 40.55  ? 192 GLY A C   1 
ATOM   4    O O   . GLY A 1 1   ? 16.053  -0.039  6.145   1.00 39.35  ? 192 GLY A O   1 
ATOM   5    N N   . TYR A 1 2   ? 14.134  -0.663  5.223   1.00 37.53  ? 193 TYR A N   1 
ATOM   6    C CA  . TYR A 1 2   ? 13.995  0.467   4.331   1.00 34.18  ? 193 TYR A CA  1 
ATOM   7    C C   . TYR A 1 2   ? 12.942  1.387   4.952   1.00 38.17  ? 193 TYR A C   1 
ATOM   8    O O   . TYR A 1 2   ? 11.808  0.959   5.221   1.00 41.10  ? 193 TYR A O   1 
ATOM   9    C CB  . TYR A 1 2   ? 13.522  0.098   2.906   1.00 36.15  ? 193 TYR A CB  1 
ATOM   10   C CG  . TYR A 1 2   ? 13.521  1.247   1.960   1.00 39.34  ? 193 TYR A CG  1 
ATOM   11   C CD1 . TYR A 1 2   ? 12.395  2.070   1.858   1.00 43.19  ? 193 TYR A CD1 1 
ATOM   12   C CD2 . TYR A 1 2   ? 14.611  1.590   1.173   1.00 42.05  ? 193 TYR A CD2 1 
ATOM   13   C CE1 . TYR A 1 2   ? 12.373  3.150   1.020   1.00 42.79  ? 193 TYR A CE1 1 
ATOM   14   C CE2 . TYR A 1 2   ? 14.594  2.662   0.307   1.00 42.71  ? 193 TYR A CE2 1 
ATOM   15   C CZ  . TYR A 1 2   ? 13.466  3.450   0.239   1.00 44.26  ? 193 TYR A CZ  1 
ATOM   16   O OH  . TYR A 1 2   ? 13.363  4.544   -0.568  1.00 50.23  ? 193 TYR A OH  1 
ATOM   17   N N   . GLN A 1 3   ? 13.256  2.633   5.190   1.00 32.37  ? 194 GLN A N   1 
ATOM   18   C CA  . GLN A 1 3   ? 12.342  3.578   5.800   1.00 32.32  ? 194 GLN A CA  1 
ATOM   19   C C   . GLN A 1 3   ? 12.084  4.721   4.897   1.00 34.54  ? 194 GLN A C   1 
ATOM   20   O O   . GLN A 1 3   ? 12.960  5.168   4.146   1.00 38.12  ? 194 GLN A O   1 
ATOM   21   C CB  . GLN A 1 3   ? 12.971  4.085   7.146   1.00 37.24  ? 194 GLN A CB  1 
ATOM   22   C CG  . GLN A 1 3   ? 12.241  5.188   7.806   1.00 46.52  ? 194 GLN A CG  1 
ATOM   23   C CD  . GLN A 1 3   ? 12.644  6.613   7.488   1.00 41.39  ? 194 GLN A CD  1 
ATOM   24   O OE1 . GLN A 1 3   ? 13.495  6.902   6.670   1.00 43.75  ? 194 GLN A OE1 1 
ATOM   25   N NE2 . GLN A 1 3   ? 11.949  7.541   8.122   1.00 45.40  ? 194 GLN A NE2 1 
ATOM   26   N N   . PHE A 1 4   ? 10.890  5.325   4.986   1.00 33.09  ? 195 PHE A N   1 
ATOM   27   C CA  . PHE A 1 4   ? 10.550  6.535   4.296   1.00 33.06  ? 195 PHE A CA  1 
ATOM   28   C C   . PHE A 1 4   ? 9.587   7.359   5.130   1.00 32.87  ? 195 PHE A C   1 
ATOM   29   O O   . PHE A 1 4   ? 8.880   6.859   5.987   1.00 35.62  ? 195 PHE A O   1 
ATOM   30   C CB  . PHE A 1 4   ? 10.112  6.385   2.835   1.00 35.07  ? 195 PHE A CB  1 
ATOM   31   C CG  . PHE A 1 4   ? 8.836   5.585   2.670   1.00 32.04  ? 195 PHE A CG  1 
ATOM   32   C CD1 . PHE A 1 4   ? 8.913   4.219   2.580   1.00 34.27  ? 195 PHE A CD1 1 
ATOM   33   C CD2 . PHE A 1 4   ? 7.630   6.236   2.528   1.00 35.80  ? 195 PHE A CD2 1 
ATOM   34   C CE1 . PHE A 1 4   ? 7.758   3.449   2.386   1.00 41.16  ? 195 PHE A CE1 1 
ATOM   35   C CE2 . PHE A 1 4   ? 6.476   5.486   2.342   1.00 31.65  ? 195 PHE A CE2 1 
ATOM   36   C CZ  . PHE A 1 4   ? 6.582   4.131   2.261   1.00 33.43  ? 195 PHE A CZ  1 
ATOM   37   N N   . ASP A 1 5   ? 9.584   8.656   4.937   1.00 35.73  ? 196 ASP A N   1 
ATOM   38   C CA  . ASP A 1 5   ? 8.933   9.578   5.820   1.00 36.55  ? 196 ASP A CA  1 
ATOM   39   C C   . ASP A 1 5   ? 7.502   9.939   5.444   1.00 35.37  ? 196 ASP A C   1 
ATOM   40   O O   . ASP A 1 5   ? 7.131   11.094  5.495   1.00 37.62  ? 196 ASP A O   1 
ATOM   41   C CB  A ASP A 1 5   ? 9.732   10.899  5.941   0.70 42.94  ? 196 ASP A CB  1 
ATOM   42   C CB  B ASP A 1 5   ? 9.758   10.892  5.797   0.30 39.43  ? 196 ASP A CB  1 
ATOM   43   C CG  A ASP A 1 5   ? 11.088  10.733  6.605   0.70 53.37  ? 196 ASP A CG  1 
ATOM   44   C CG  B ASP A 1 5   ? 9.889   11.292  4.333   0.30 39.43  ? 196 ASP A CG  1 
ATOM   45   O OD1 A ASP A 1 5   ? 11.258  10.017  7.623   0.70 47.87  ? 196 ASP A OD1 1 
ATOM   46   O OD1 B ASP A 1 5   ? 10.551  10.606  3.539   0.30 45.49  ? 196 ASP A OD1 1 
ATOM   47   O OD2 A ASP A 1 5   ? 12.040  11.358  6.085   0.70 61.87  ? 196 ASP A OD2 1 
ATOM   48   O OD2 B ASP A 1 5   ? 9.276   12.324  4.011   0.30 52.20  ? 196 ASP A OD2 1 
ATOM   49   N N   . LYS A 1 6   ? 6.675   8.903   5.189   1.00 34.04  ? 197 LYS A N   1 
ATOM   50   C CA  . LYS A 1 6   ? 5.239   9.156   5.074   1.00 36.50  ? 197 LYS A CA  1 
ATOM   51   C C   . LYS A 1 6   ? 4.572   8.042   5.934   1.00 31.23  ? 197 LYS A C   1 
ATOM   52   O O   . LYS A 1 6   ? 5.071   6.927   5.913   1.00 33.71  ? 197 LYS A O   1 
ATOM   53   C CB  . LYS A 1 6   ? 4.771   9.090   3.632   1.00 35.05  ? 197 LYS A CB  1 
ATOM   54   C CG  . LYS A 1 6   ? 5.108   10.254  2.700   1.00 40.11  ? 197 LYS A CG  1 
ATOM   55   C CD  . LYS A 1 6   ? 4.409   11.509  3.249   1.00 38.27  ? 197 LYS A CD  1 
ATOM   56   C CE  . LYS A 1 6   ? 4.146   12.417  2.049   1.00 52.88  ? 197 LYS A CE  1 
ATOM   57   N NZ  . LYS A 1 6   ? 4.796   13.693  2.399   1.00 48.73  ? 197 LYS A NZ  1 
ATOM   58   N N   . GLY A 1 7   ? 3.528   8.416   6.653   1.00 31.25  ? 198 GLY A N   1 
ATOM   59   C CA  . GLY A 1 7   ? 2.857   7.453   7.506   1.00 32.88  ? 198 GLY A CA  1 
ATOM   60   C C   . GLY A 1 7   ? 1.453   7.085   7.001   1.00 33.87  ? 198 GLY A C   1 
ATOM   61   O O   . GLY A 1 7   ? 1.200   7.400   5.839   1.00 31.70  ? 198 GLY A O   1 
ATOM   62   N N   . TYR A 1 8   ? 0.644   6.554   7.922   1.00 30.18  ? 199 TYR A N   1 
ATOM   63   C CA  . TYR A 1 8   ? -0.674  6.107   7.411   1.00 30.34  ? 199 TYR A CA  1 
ATOM   64   C C   . TYR A 1 8   ? -1.534  7.240   7.036   1.00 30.15  ? 199 TYR A C   1 
ATOM   65   O O   . TYR A 1 8   ? -1.564  8.372   7.544   1.00 30.26  ? 199 TYR A O   1 
ATOM   66   C CB  . TYR A 1 8   ? -1.340  5.199   8.458   1.00 30.87  ? 199 TYR A CB  1 
ATOM   67   C CG  . TYR A 1 8   ? -1.241  5.621   9.917   1.00 31.34  ? 199 TYR A CG  1 
ATOM   68   C CD1 . TYR A 1 8   ? -1.840  6.756   10.348  1.00 35.89  ? 199 TYR A CD1 1 
ATOM   69   C CD2 . TYR A 1 8   ? -0.545  4.774   10.758  1.00 36.05  ? 199 TYR A CD2 1 
ATOM   70   C CE1 . TYR A 1 8   ? -1.767  7.106   11.713  1.00 39.87  ? 199 TYR A CE1 1 
ATOM   71   C CE2 . TYR A 1 8   ? -0.441  5.107   12.110  1.00 40.75  ? 199 TYR A CE2 1 
ATOM   72   C CZ  . TYR A 1 8   ? -1.060  6.244   12.537  1.00 44.91  ? 199 TYR A CZ  1 
ATOM   73   O OH  . TYR A 1 8   ? -0.948  6.555   13.893  1.00 48.41  ? 199 TYR A OH  1 
ATOM   74   N N   . ILE A 1 9   ? -2.307  7.003   5.947   1.00 28.29  ? 200 ILE A N   1 
ATOM   75   C CA  . ILE A 1 9   ? -3.190  8.095   5.437   1.00 28.62  ? 200 ILE A CA  1 
ATOM   76   C C   . ILE A 1 9   ? -4.353  8.329   6.404   1.00 31.90  ? 200 ILE A C   1 
ATOM   77   O O   . ILE A 1 9   ? -4.828  9.470   6.467   1.00 36.30  ? 200 ILE A O   1 
ATOM   78   C CB  . ILE A 1 9   ? -3.728  7.679   4.053   1.00 30.20  ? 200 ILE A CB  1 
ATOM   79   C CG1 . ILE A 1 9   ? -2.628  7.892   3.006   1.00 29.79  ? 200 ILE A CG1 1 
ATOM   80   C CG2 . ILE A 1 9   ? -4.942  8.483   3.634   1.00 38.09  ? 200 ILE A CG2 1 
ATOM   81   C CD1 . ILE A 1 9   ? -2.908  7.385   1.639   1.00 36.29  ? 200 ILE A CD1 1 
ATOM   82   N N   . SER A 1 10  ? -4.800  7.247   7.023   1.00 30.14  ? 201 SER A N   1 
ATOM   83   C CA  . SER A 1 10  ? -5.884  7.332   8.012   1.00 33.04  ? 201 SER A CA  1 
ATOM   84   C C   . SER A 1 10  ? -5.471  6.643   9.273   1.00 30.45  ? 201 SER A C   1 
ATOM   85   O O   . SER A 1 10  ? -4.963  5.523   9.312   1.00 31.90  ? 201 SER A O   1 
ATOM   86   C CB  . SER A 1 10  ? -7.110  6.609   7.428   1.00 40.40  ? 201 SER A CB  1 
ATOM   87   O OG  . SER A 1 10  ? -8.139  6.658   8.414   1.00 37.08  ? 201 SER A OG  1 
ATOM   88   N N   . PRO A 1 11  ? -5.797  7.227   10.432  1.00 35.84  ? 202 PRO A N   1 
ATOM   89   C CA  . PRO A 1 11  ? -5.558  6.578   11.700  1.00 34.47  ? 202 PRO A CA  1 
ATOM   90   C C   . PRO A 1 11  ? -6.461  5.401   11.925  1.00 33.43  ? 202 PRO A C   1 
ATOM   91   O O   . PRO A 1 11  ? -6.111  4.532   12.763  1.00 38.22  ? 202 PRO A O   1 
ATOM   92   C CB  . PRO A 1 11  ? -5.756  7.713   12.768  1.00 40.06  ? 202 PRO A CB  1 
ATOM   93   C CG  . PRO A 1 11  ? -6.735  8.610   12.070  1.00 41.02  ? 202 PRO A CG  1 
ATOM   94   C CD  . PRO A 1 11  ? -6.491  8.506   10.568  1.00 40.27  ? 202 PRO A CD  1 
ATOM   95   N N   . TYR A 1 12  ? -7.492  5.169   11.075  1.00 35.23  ? 203 TYR A N   1 
ATOM   96   C CA  . TYR A 1 12  ? -8.239  3.916   11.213  1.00 33.94  ? 203 TYR A CA  1 
ATOM   97   C C   . TYR A 1 12  ? -7.459  2.690   10.857  1.00 34.49  ? 203 TYR A C   1 
ATOM   98   O O   . TYR A 1 12  ? -7.874  1.553   11.003  1.00 38.69  ? 203 TYR A O   1 
ATOM   99   C CB  . TYR A 1 12  ? -9.592  3.938   10.475  1.00 34.00  ? 203 TYR A CB  1 
ATOM   100  C CG  . TYR A 1 12  ? -10.411 5.104   11.047  1.00 33.85  ? 203 TYR A CG  1 
ATOM   101  C CD1 . TYR A 1 12  ? -10.835 5.010   12.359  1.00 44.31  ? 203 TYR A CD1 1 
ATOM   102  C CD2 . TYR A 1 12  ? -10.699 6.186   10.279  1.00 38.90  ? 203 TYR A CD2 1 
ATOM   103  C CE1 . TYR A 1 12  ? -11.556 6.069   12.885  1.00 43.61  ? 203 TYR A CE1 1 
ATOM   104  C CE2 . TYR A 1 12  ? -11.436 7.256   10.812  1.00 43.83  ? 203 TYR A CE2 1 
ATOM   105  C CZ  . TYR A 1 12  ? -11.848 7.135   12.122  1.00 43.08  ? 203 TYR A CZ  1 
ATOM   106  O OH  . TYR A 1 12  ? -12.564 8.210   12.623  1.00 50.92  ? 203 TYR A OH  1 
ATOM   107  N N   . PHE A 1 13  ? -6.278  2.859   10.206  1.00 30.39  ? 204 PHE A N   1 
ATOM   108  C CA  . PHE A 1 13  ? -5.421  1.792   9.812   1.00 30.22  ? 204 PHE A CA  1 
ATOM   109  C C   . PHE A 1 13  ? -4.563  1.248   10.998  1.00 31.09  ? 204 PHE A C   1 
ATOM   110  O O   . PHE A 1 13  ? -3.929  0.247   10.807  1.00 35.23  ? 204 PHE A O   1 
ATOM   111  C CB  . PHE A 1 13  ? -4.491  2.143   8.638   1.00 30.65  ? 204 PHE A CB  1 
ATOM   112  C CG  . PHE A 1 13  ? -5.281  2.459   7.382   1.00 29.36  ? 204 PHE A CG  1 
ATOM   113  C CD1 . PHE A 1 13  ? -6.378  1.687   7.034   1.00 31.65  ? 204 PHE A CD1 1 
ATOM   114  C CD2 . PHE A 1 13  ? -4.882  3.489   6.562   1.00 29.62  ? 204 PHE A CD2 1 
ATOM   115  C CE1 . PHE A 1 13  ? -7.068  1.974   5.878   1.00 33.03  ? 204 PHE A CE1 1 
ATOM   116  C CE2 . PHE A 1 13  ? -5.592  3.783   5.417   1.00 31.97  ? 204 PHE A CE2 1 
ATOM   117  C CZ  . PHE A 1 13  ? -6.710  3.038   5.060   1.00 31.41  ? 204 PHE A CZ  1 
ATOM   118  N N   . VAL A 1 14  ? -4.578  2.009   12.077  1.00 34.28  ? 205 VAL A N   1 
ATOM   119  C CA  . VAL A 1 14  ? -3.784  1.475   13.245  1.00 36.42  ? 205 VAL A CA  1 
ATOM   120  C C   . VAL A 1 14  ? -4.287  0.147   13.665  1.00 38.65  ? 205 VAL A C   1 
ATOM   121  O O   . VAL A 1 14  ? -5.468  -0.168  13.641  1.00 40.00  ? 205 VAL A O   1 
ATOM   122  C CB  . VAL A 1 14  ? -3.933  2.495   14.392  1.00 43.70  ? 205 VAL A CB  1 
ATOM   123  C CG1 . VAL A 1 14  ? -3.540  1.927   15.725  1.00 47.23  ? 205 VAL A CG1 1 
ATOM   124  C CG2 . VAL A 1 14  ? -3.152  3.752   13.997  1.00 39.08  ? 205 VAL A CG2 1 
ATOM   125  N N   . THR A 1 15  ? -3.405  -0.682  14.131  1.00 35.60  ? 206 THR A N   1 
ATOM   126  C CA  . THR A 1 15  ? -3.544  -2.065  14.567  1.00 42.57  ? 206 THR A CA  1 
ATOM   127  C C   . THR A 1 15  ? -3.255  -2.176  16.088  1.00 45.43  ? 206 THR A C   1 
ATOM   128  O O   . THR A 1 15  ? -3.804  -3.096  16.700  1.00 46.41  ? 206 THR A O   1 
ATOM   129  C CB  . THR A 1 15  ? -2.553  -2.613  13.560  1.00 54.52  ? 206 THR A CB  1 
ATOM   130  O OG1 . THR A 1 15  ? -3.160  -3.483  12.590  1.00 55.58  ? 206 THR A OG1 1 
ATOM   131  C CG2 . THR A 1 15  ? -1.204  -2.971  14.039  1.00 30.60  ? 206 THR A CG2 1 
ATOM   132  N N   . ASN A 1 16  ? -2.500  -1.238  16.602  1.00 45.37  ? 207 ASN A N   1 
ATOM   133  C CA  . ASN A 1 16  ? -2.109  -1.155  18.022  1.00 47.78  ? 207 ASN A CA  1 
ATOM   134  C C   . ASN A 1 16  ? -2.244  0.281   18.489  1.00 44.05  ? 207 ASN A C   1 
ATOM   135  O O   . ASN A 1 16  ? -1.526  1.255   18.288  1.00 49.99  ? 207 ASN A O   1 
ATOM   136  C CB  . ASN A 1 16  ? -0.684  -1.573  18.311  1.00 47.10  ? 207 ASN A CB  1 
ATOM   137  C CG  . ASN A 1 16  ? -0.403  -1.697  19.826  1.00 57.86  ? 207 ASN A CG  1 
ATOM   138  O OD1 . ASN A 1 16  ? -1.027  -1.034  20.668  1.00 53.00  ? 207 ASN A OD1 1 
ATOM   139  N ND2 . ASN A 1 16  ? 0.559   -2.545  20.139  1.00 57.08  ? 207 ASN A ND2 1 
ATOM   140  N N   . PRO A 1 17  ? -3.406  0.527   19.063  1.00 51.47  ? 208 PRO A N   1 
ATOM   141  C CA  . PRO A 1 17  ? -3.748  1.812   19.648  1.00 55.83  ? 208 PRO A CA  1 
ATOM   142  C C   . PRO A 1 17  ? -2.874  2.099   20.876  1.00 59.43  ? 208 PRO A C   1 
ATOM   143  O O   . PRO A 1 17  ? -2.843  3.287   21.202  1.00 63.28  ? 208 PRO A O   1 
ATOM   144  C CB  . PRO A 1 17  ? -5.233  1.785   19.971  1.00 55.78  ? 208 PRO A CB  1 
ATOM   145  C CG  . PRO A 1 17  ? -5.617  0.375   19.622  1.00 57.03  ? 208 PRO A CG  1 
ATOM   146  C CD  . PRO A 1 17  ? -4.408  -0.493  19.398  1.00 53.68  ? 208 PRO A CD  1 
ATOM   147  N N   . GLU A 1 18  ? -2.062  1.149   21.360  1.00 62.67  ? 209 GLU A N   1 
ATOM   148  C CA  . GLU A 1 18  ? -1.226  1.551   22.515  1.00 67.51  ? 209 GLU A CA  1 
ATOM   149  C C   . GLU A 1 18  ? -0.138  2.441   21.893  1.00 66.09  ? 209 GLU A C   1 
ATOM   150  O O   . GLU A 1 18  ? 0.042   3.592   22.262  1.00 65.59  ? 209 GLU A O   1 
ATOM   151  C CB  . GLU A 1 18  ? -0.614  0.403   23.289  1.00 77.45  ? 209 GLU A CB  1 
ATOM   152  C CG  . GLU A 1 18  ? -1.485  -0.816  23.539  1.00 91.10  ? 209 GLU A CG  1 
ATOM   153  C CD  . GLU A 1 18  ? -0.676  -2.064  23.853  1.00 99.43  ? 209 GLU A CD  1 
ATOM   154  O OE1 . GLU A 1 18  ? 0.534   -2.054  23.527  1.00 99.47  ? 209 GLU A OE1 1 
ATOM   155  O OE2 . GLU A 1 18  ? -1.268  -3.014  24.418  1.00 103.01 ? 209 GLU A OE2 1 
ATOM   156  N N   . THR A 1 19  ? 0.470   1.872   20.862  1.00 62.87  ? 210 THR A N   1 
ATOM   157  C CA  . THR A 1 19  ? 1.538   2.468   20.084  1.00 60.38  ? 210 THR A CA  1 
ATOM   158  C C   . THR A 1 19  ? 1.089   3.379   18.948  1.00 55.01  ? 210 THR A C   1 
ATOM   159  O O   . THR A 1 19  ? 1.849   4.259   18.501  1.00 51.74  ? 210 THR A O   1 
ATOM   160  C CB  . THR A 1 19  ? 2.397   1.327   19.503  1.00 63.22  ? 210 THR A CB  1 
ATOM   161  O OG1 . THR A 1 19  ? 1.566   0.363   18.856  1.00 66.59  ? 210 THR A OG1 1 
ATOM   162  C CG2 . THR A 1 19  ? 3.154   0.656   20.654  1.00 70.86  ? 210 THR A CG2 1 
ATOM   163  N N   . MET A 1 20  ? -0.178  3.356   18.572  1.00 46.78  ? 211 MET A N   1 
ATOM   164  C CA  . MET A 1 20  ? -0.667  4.142   17.438  1.00 46.72  ? 211 MET A CA  1 
ATOM   165  C C   . MET A 1 20  ? 0.129   3.779   16.177  1.00 40.95  ? 211 MET A C   1 
ATOM   166  O O   . MET A 1 20  ? 0.562   4.636   15.423  1.00 45.14  ? 211 MET A O   1 
ATOM   167  C CB  . MET A 1 20  ? -0.666  5.647   17.658  1.00 50.78  ? 211 MET A CB  1 
ATOM   168  C CG  . MET A 1 20  ? -1.841  6.122   18.500  1.00 54.44  ? 211 MET A CG  1 
ATOM   169  S SD  . MET A 1 20  ? -3.467  5.540   17.972  1.00 55.21  ? 211 MET A SD  1 
ATOM   170  C CE  . MET A 1 20  ? -4.086  7.006   17.166  1.00 55.72  ? 211 MET A CE  1 
ATOM   171  N N   . GLU A 1 21  ? 0.432   2.496   16.021  1.00 42.69  ? 212 GLU A N   1 
ATOM   172  C CA  . GLU A 1 21  ? 1.145   1.985   14.876  1.00 40.44  ? 212 GLU A CA  1 
ATOM   173  C C   . GLU A 1 21  ? 0.264   0.976   14.121  1.00 39.68  ? 212 GLU A C   1 
ATOM   174  O O   . GLU A 1 21  ? -0.614  0.347   14.699  1.00 41.39  ? 212 GLU A O   1 
ATOM   175  C CB  . GLU A 1 21  ? 2.342   1.124   15.327  1.00 45.54  ? 212 GLU A CB  1 
ATOM   176  C CG  . GLU A 1 21  ? 3.287   1.960   16.183  1.00 56.81  ? 212 GLU A CG  1 
ATOM   177  C CD  . GLU A 1 21  ? 4.582   1.241   16.533  1.00 58.68  ? 212 GLU A CD  1 
ATOM   178  O OE1 . GLU A 1 21  ? 4.554   0.011   16.751  1.00 56.18  ? 212 GLU A OE1 1 
ATOM   179  O OE2 . GLU A 1 21  ? 5.625   1.943   16.577  1.00 69.60  ? 212 GLU A OE2 1 
ATOM   180  N N   . ALA A 1 22  ? 0.567   0.787   12.864  1.00 36.30  ? 213 ALA A N   1 
ATOM   181  C CA  . ALA A 1 22  ? 0.032   -0.345  12.117  1.00 37.33  ? 213 ALA A CA  1 
ATOM   182  C C   . ALA A 1 22  ? 1.160   -1.283  11.819  1.00 37.86  ? 213 ALA A C   1 
ATOM   183  O O   . ALA A 1 22  ? 2.183   -0.842  11.276  1.00 40.95  ? 213 ALA A O   1 
ATOM   184  C CB  . ALA A 1 22  ? -0.600  0.089   10.789  1.00 43.16  ? 213 ALA A CB  1 
ATOM   185  N N   . VAL A 1 23  ? 1.060   -2.539  12.175  1.00 35.31  ? 214 VAL A N   1 
ATOM   186  C CA  . VAL A 1 23  ? 2.030   -3.557  11.929  1.00 37.62  ? 214 VAL A CA  1 
ATOM   187  C C   . VAL A 1 23  ? 1.450   -4.693  11.132  1.00 38.95  ? 214 VAL A C   1 
ATOM   188  O O   . VAL A 1 23  ? 0.365   -5.225  11.409  1.00 40.01  ? 214 VAL A O   1 
ATOM   189  C CB  . VAL A 1 23  ? 2.608   -4.137  13.267  1.00 46.09  ? 214 VAL A CB  1 
ATOM   190  C CG1 . VAL A 1 23  ? 3.561   -5.264  12.964  1.00 40.88  ? 214 VAL A CG1 1 
ATOM   191  C CG2 . VAL A 1 23  ? 3.286   -3.043  14.038  1.00 46.35  ? 214 VAL A CG2 1 
ATOM   192  N N   . LEU A 1 24  ? 1.961   -4.858  9.929   1.00 37.53  ? 215 LEU A N   1 
ATOM   193  C CA  . LEU A 1 24  ? 1.489   -5.851  8.979   1.00 39.08  ? 215 LEU A CA  1 
ATOM   194  C C   . LEU A 1 24  ? 2.599   -6.890  8.843   1.00 39.69  ? 215 LEU A C   1 
ATOM   195  O O   . LEU A 1 24  ? 3.742   -6.533  8.540   1.00 42.16  ? 215 LEU A O   1 
ATOM   196  C CB  A LEU A 1 24  ? 1.282   -5.242  7.572   0.50 35.40  ? 215 LEU A CB  1 
ATOM   197  C CB  B LEU A 1 24  ? 1.176   -5.276  7.587   0.50 36.58  ? 215 LEU A CB  1 
ATOM   198  C CG  A LEU A 1 24  ? 0.103   -4.279  7.427   0.50 39.39  ? 215 LEU A CG  1 
ATOM   199  C CG  B LEU A 1 24  ? 0.272   -4.041  7.583   0.50 36.22  ? 215 LEU A CG  1 
ATOM   200  C CD1 A LEU A 1 24  ? 0.271   -3.012  8.248   0.50 39.28  ? 215 LEU A CD1 1 
ATOM   201  C CD1 B LEU A 1 24  ? 0.079   -3.560  6.129   0.50 41.30  ? 215 LEU A CD1 1 
ATOM   202  C CD2 A LEU A 1 24  ? -0.070  -3.929  5.935   0.50 38.20  ? 215 LEU A CD2 1 
ATOM   203  C CD2 B LEU A 1 24  ? -1.058  -4.228  8.251   0.50 31.81  ? 215 LEU A CD2 1 
ATOM   204  N N   . GLU A 1 25  ? 2.233   -8.145  9.042   1.00 38.36  ? 216 GLU A N   1 
ATOM   205  C CA  . GLU A 1 25  ? 3.231   -9.196  8.782   1.00 39.19  ? 216 GLU A CA  1 
ATOM   206  C C   . GLU A 1 25  ? 2.859   -10.039 7.602   1.00 35.38  ? 216 GLU A C   1 
ATOM   207  O O   . GLU A 1 25  ? 1.685   -10.421 7.310   1.00 38.96  ? 216 GLU A O   1 
ATOM   208  C CB  . GLU A 1 25  ? 3.335   -10.068 10.085  1.00 48.88  ? 216 GLU A CB  1 
ATOM   209  C CG  . GLU A 1 25  ? 3.751   -9.205  11.267  1.00 58.04  ? 216 GLU A CG  1 
ATOM   210  C CD  . GLU A 1 25  ? 4.435   -10.015 12.356  1.00 72.76  ? 216 GLU A CD  1 
ATOM   211  O OE1 . GLU A 1 25  ? 4.064   -11.184 12.566  1.00 74.64  ? 216 GLU A OE1 1 
ATOM   212  O OE2 . GLU A 1 25  ? 5.365   -9.499  13.017  1.00 81.80  ? 216 GLU A OE2 1 
ATOM   213  N N   . ASP A 1 26  ? 3.847   -10.427 6.828   1.00 35.81  ? 217 ASP A N   1 
ATOM   214  C CA  . ASP A 1 26  ? 3.860   -11.222 5.638   1.00 39.08  ? 217 ASP A CA  1 
ATOM   215  C C   . ASP A 1 26  ? 2.891   -10.601 4.617   1.00 40.81  ? 217 ASP A C   1 
ATOM   216  O O   . ASP A 1 26  ? 1.944   -11.170 4.105   1.00 38.11  ? 217 ASP A O   1 
ATOM   217  C CB  . ASP A 1 26  ? 3.380   -12.660 5.959   1.00 41.68  ? 217 ASP A CB  1 
ATOM   218  C CG  . ASP A 1 26  ? 3.587   -13.561 4.782   1.00 51.97  ? 217 ASP A CG  1 
ATOM   219  O OD1 . ASP A 1 26  ? 4.598   -13.370 4.088   1.00 61.50  ? 217 ASP A OD1 1 
ATOM   220  O OD2 . ASP A 1 26  ? 2.755   -14.451 4.534   1.00 67.36  ? 217 ASP A OD2 1 
ATOM   221  N N   . ALA A 1 27  ? 3.139   -9.296  4.460   1.00 36.25  ? 218 ALA A N   1 
ATOM   222  C CA  . ALA A 1 27  ? 2.252   -8.443  3.664   1.00 33.71  ? 218 ALA A CA  1 
ATOM   223  C C   . ALA A 1 27  ? 2.581   -8.355  2.190   1.00 34.35  ? 218 ALA A C   1 
ATOM   224  O O   . ALA A 1 27  ? 3.731   -8.513  1.758   1.00 37.64  ? 218 ALA A O   1 
ATOM   225  C CB  . ALA A 1 27  ? 2.388   -7.035  4.214   1.00 35.88  ? 218 ALA A CB  1 
ATOM   226  N N   . PHE A 1 28  ? 1.563   -8.184  1.360   1.00 30.42  ? 219 PHE A N   1 
ATOM   227  C CA  . PHE A 1 28  ? 1.774   -7.830  -0.039  1.00 28.82  ? 219 PHE A CA  1 
ATOM   228  C C   . PHE A 1 28  ? 1.916   -6.285  -0.062  1.00 28.29  ? 219 PHE A C   1 
ATOM   229  O O   . PHE A 1 28  ? 1.302   -5.646  0.776   1.00 32.27  ? 219 PHE A O   1 
ATOM   230  C CB  . PHE A 1 28  ? 0.524   -8.193  -0.842  1.00 30.93  ? 219 PHE A CB  1 
ATOM   231  C CG  . PHE A 1 28  ? 0.354   -9.671  -1.081  1.00 31.28  ? 219 PHE A CG  1 
ATOM   232  C CD1 . PHE A 1 28  ? 1.250   -10.274 -1.894  1.00 30.89  ? 219 PHE A CD1 1 
ATOM   233  C CD2 . PHE A 1 28  ? -0.694  -10.384 -0.545  1.00 37.91  ? 219 PHE A CD2 1 
ATOM   234  C CE1 . PHE A 1 28  ? 1.173   -11.635 -2.247  1.00 37.86  ? 219 PHE A CE1 1 
ATOM   235  C CE2 . PHE A 1 28  ? -0.792  -11.736 -0.844  1.00 40.34  ? 219 PHE A CE2 1 
ATOM   236  C CZ  . PHE A 1 28  ? 0.133   -12.347 -1.691  1.00 38.44  ? 219 PHE A CZ  1 
ATOM   237  N N   . ILE A 1 29  ? 2.560   -5.830  -1.117  1.00 28.30  ? 220 ILE A N   1 
ATOM   238  C CA  . ILE A 1 29  ? 2.836   -4.405  -1.313  1.00 28.81  ? 220 ILE A CA  1 
ATOM   239  C C   . ILE A 1 29  ? 2.410   -4.026  -2.726  1.00 26.17  ? 220 ILE A C   1 
ATOM   240  O O   . ILE A 1 29  ? 2.922   -4.493  -3.739  1.00 29.57  ? 220 ILE A O   1 
ATOM   241  C CB  . ILE A 1 29  ? 4.278   -3.920  -1.090  1.00 32.11  ? 220 ILE A CB  1 
ATOM   242  C CG1 . ILE A 1 29  ? 4.540   -4.305  0.440   1.00 42.32  ? 220 ILE A CG1 1 
ATOM   243  C CG2 . ILE A 1 29  ? 4.421   -2.429  -1.245  1.00 32.74  ? 220 ILE A CG2 1 
ATOM   244  C CD1 . ILE A 1 29  ? 5.862   -5.006  0.424   1.00 48.06  ? 220 ILE A CD1 1 
ATOM   245  N N   . LEU A 1 30  ? 1.398   -3.115  -2.780  1.00 24.52  ? 221 LEU A N   1 
ATOM   246  C CA  . LEU A 1 30  ? 0.904   -2.609  -4.076  1.00 24.76  ? 221 LEU A CA  1 
ATOM   247  C C   . LEU A 1 30  ? 1.527   -1.232  -4.245  1.00 26.95  ? 221 LEU A C   1 
ATOM   248  O O   . LEU A 1 30  ? 1.260   -0.375  -3.419  1.00 26.17  ? 221 LEU A O   1 
ATOM   249  C CB  . LEU A 1 30  ? -0.625  -2.518  -4.052  1.00 24.87  ? 221 LEU A CB  1 
ATOM   250  C CG  . LEU A 1 30  ? -1.282  -1.827  -5.242  1.00 29.41  ? 221 LEU A CG  1 
ATOM   251  C CD1 . LEU A 1 30  ? -1.066  -2.569  -6.531  1.00 31.48  ? 221 LEU A CD1 1 
ATOM   252  C CD2 . LEU A 1 30  ? -2.804  -1.706  -5.029  1.00 32.74  ? 221 LEU A CD2 1 
ATOM   253  N N   . ILE A 1 31  ? 2.227   -0.968  -5.318  1.00 25.66  ? 222 ILE A N   1 
ATOM   254  C CA  . ILE A 1 31  ? 2.942   0.285   -5.548  1.00 24.58  ? 222 ILE A CA  1 
ATOM   255  C C   . ILE A 1 31  ? 2.354   0.933   -6.807  1.00 28.56  ? 222 ILE A C   1 
ATOM   256  O O   . ILE A 1 31  ? 2.443   0.386   -7.909  1.00 29.51  ? 222 ILE A O   1 
ATOM   257  C CB  . ILE A 1 31  ? 4.406   -0.030  -5.798  1.00 28.55  ? 222 ILE A CB  1 
ATOM   258  C CG1 . ILE A 1 31  ? 4.862   -0.839  -4.552  1.00 35.73  ? 222 ILE A CG1 1 
ATOM   259  C CG2 . ILE A 1 31  ? 5.188   1.263   -5.940  1.00 30.79  ? 222 ILE A CG2 1 
ATOM   260  C CD1 . ILE A 1 31  ? 6.268   -1.392  -4.869  1.00 45.69  ? 222 ILE A CD1 1 
ATOM   261  N N   . VAL A 1 32  ? 1.649   1.992   -6.598  1.00 28.03  ? 223 VAL A N   1 
ATOM   262  C CA  . VAL A 1 32  ? 0.846   2.638   -7.653  1.00 31.19  ? 223 VAL A CA  1 
ATOM   263  C C   . VAL A 1 32  ? 1.296   4.053   -7.835  1.00 33.61  ? 223 VAL A C   1 
ATOM   264  O O   . VAL A 1 32  ? 1.363   4.881   -6.885  1.00 32.21  ? 223 VAL A O   1 
ATOM   265  C CB  A VAL A 1 32  ? -0.674  2.666   -7.321  0.70 37.72  ? 223 VAL A CB  1 
ATOM   266  C CB  B VAL A 1 32  ? -0.645  2.471   -7.313  0.30 29.58  ? 223 VAL A CB  1 
ATOM   267  C CG1 A VAL A 1 32  ? -1.412  3.123   -8.606  0.70 33.19  ? 223 VAL A CG1 1 
ATOM   268  C CG1 B VAL A 1 32  ? -0.985  0.990   -7.416  0.30 30.68  ? 223 VAL A CG1 1 
ATOM   269  C CG2 A VAL A 1 32  ? -1.268  1.392   -6.803  0.70 38.57  ? 223 VAL A CG2 1 
ATOM   270  C CG2 B VAL A 1 32  ? -0.958  3.055   -5.956  0.30 30.06  ? 223 VAL A CG2 1 
ATOM   271  N N   . GLU A 1 33  ? 1.613   4.449   -9.095  1.00 28.82  ? 224 GLU A N   1 
ATOM   272  C CA  . GLU A 1 33  ? 2.152   5.797   -9.221  1.00 28.88  ? 224 GLU A CA  1 
ATOM   273  C C   . GLU A 1 33  ? 1.074   6.833   -9.095  1.00 37.61  ? 224 GLU A C   1 
ATOM   274  O O   . GLU A 1 33  ? 1.321   7.915   -8.481  1.00 44.48  ? 224 GLU A O   1 
ATOM   275  C CB  A GLU A 1 33  ? 2.908   5.827   -10.610 0.70 30.50  ? 224 GLU A CB  1 
ATOM   276  C CB  B GLU A 1 33  ? 2.959   5.922   -10.536 0.30 29.75  ? 224 GLU A CB  1 
ATOM   277  C CG  A GLU A 1 33  ? 4.326   6.305   -10.442 0.70 46.49  ? 224 GLU A CG  1 
ATOM   278  C CG  B GLU A 1 33  ? 3.545   7.319   -10.671 0.30 28.57  ? 224 GLU A CG  1 
ATOM   279  C CD  A GLU A 1 33  ? 5.083   6.314   -11.782 0.70 51.96  ? 224 GLU A CD  1 
ATOM   280  C CD  B GLU A 1 33  ? 4.409   7.389   -11.929 0.30 38.71  ? 224 GLU A CD  1 
ATOM   281  O OE1 A GLU A 1 33  ? 4.471   6.606   -12.836 0.70 48.79  ? 224 GLU A OE1 1 
ATOM   282  O OE1 B GLU A 1 33  ? 4.210   6.565   -12.849 0.30 38.04  ? 224 GLU A OE1 1 
ATOM   283  O OE2 A GLU A 1 33  ? 6.283   5.992   -11.744 0.70 55.25  ? 224 GLU A OE2 1 
ATOM   284  O OE2 B GLU A 1 33  ? 5.273   8.279   -11.959 0.30 42.20  ? 224 GLU A OE2 1 
ATOM   285  N N   . LYS A 1 34  ? -0.126  6.647   -9.528  1.00 34.05  ? 225 LYS A N   1 
ATOM   286  C CA  . LYS A 1 34  ? -1.242  7.581   -9.536  1.00 34.81  ? 225 LYS A CA  1 
ATOM   287  C C   . LYS A 1 34  ? -2.065  7.763   -8.292  1.00 39.44  ? 225 LYS A C   1 
ATOM   288  O O   . LYS A 1 34  ? -1.795  7.095   -7.289  1.00 35.45  ? 225 LYS A O   1 
ATOM   289  C CB  . LYS A 1 34  ? -2.245  7.087   -10.619 1.00 38.15  ? 225 LYS A CB  1 
ATOM   290  C CG  . LYS A 1 34  ? -3.106  5.920   -10.275 1.00 37.18  ? 225 LYS A CG  1 
ATOM   291  C CD  . LYS A 1 34  ? -4.144  5.463   -11.277 1.00 47.59  ? 225 LYS A CD  1 
ATOM   292  C CE  . LYS A 1 34  ? -5.387  6.339   -11.392 1.00 50.15  ? 225 LYS A CE  1 
ATOM   293  N NZ  . LYS A 1 34  ? -6.275  5.829   -12.491 1.00 52.78  ? 225 LYS A NZ  1 
ATOM   294  N N   . LYS A 1 35  ? -2.959  8.783   -8.345  1.00 32.90  ? 226 LYS A N   1 
ATOM   295  C CA  . LYS A 1 35  ? -3.858  8.999   -7.233  1.00 34.84  ? 226 LYS A CA  1 
ATOM   296  C C   . LYS A 1 35  ? -5.014  8.022   -7.337  1.00 39.13  ? 226 LYS A C   1 
ATOM   297  O O   . LYS A 1 35  ? -5.576  7.854   -8.423  1.00 40.37  ? 226 LYS A O   1 
ATOM   298  C CB  . LYS A 1 35  ? -4.420  10.418  -7.240  1.00 41.06  ? 226 LYS A CB  1 
ATOM   299  C CG  . LYS A 1 35  ? -3.633  11.434  -6.419  1.00 58.31  ? 226 LYS A CG  1 
ATOM   300  C CD  . LYS A 1 35  ? -4.631  12.524  -6.011  1.00 63.01  ? 226 LYS A CD  1 
ATOM   301  C CE  . LYS A 1 35  ? -3.974  13.768  -5.456  1.00 72.70  ? 226 LYS A CE  1 
ATOM   302  N NZ  . LYS A 1 35  ? -2.823  14.170  -6.307  1.00 80.29  ? 226 LYS A NZ  1 
ATOM   303  N N   . VAL A 1 36  ? -5.348  7.305   -6.288  1.00 33.07  ? 227 VAL A N   1 
ATOM   304  C CA  . VAL A 1 36  ? -6.452  6.366   -6.359  1.00 33.29  ? 227 VAL A CA  1 
ATOM   305  C C   . VAL A 1 36  ? -7.702  6.978   -5.710  1.00 36.11  ? 227 VAL A C   1 
ATOM   306  O O   . VAL A 1 36  ? -7.724  7.152   -4.530  1.00 33.97  ? 227 VAL A O   1 
ATOM   307  C CB  . VAL A 1 36  ? -6.101  5.038   -5.724  1.00 35.48  ? 227 VAL A CB  1 
ATOM   308  C CG1 . VAL A 1 36  ? -7.248  4.065   -5.812  1.00 38.42  ? 227 VAL A CG1 1 
ATOM   309  C CG2 . VAL A 1 36  ? -4.875  4.429   -6.396  1.00 36.46  ? 227 VAL A CG2 1 
ATOM   310  N N   . SER A 1 37  ? -8.791  7.098   -6.471  1.00 36.90  ? 228 SER A N   1 
ATOM   311  C CA  . SER A 1 37  ? -9.983  7.770   -6.016  1.00 37.33  ? 228 SER A CA  1 
ATOM   312  C C   . SER A 1 37  ? -11.261 6.960   -6.265  1.00 44.19  ? 228 SER A C   1 
ATOM   313  O O   . SER A 1 37  ? -12.164 6.867   -5.455  1.00 43.41  ? 228 SER A O   1 
ATOM   314  C CB  . SER A 1 37  ? -10.112 9.040   -6.901  1.00 45.85  ? 228 SER A CB  1 
ATOM   315  O OG  . SER A 1 37  ? -10.925 9.896   -6.117  1.00 64.75  ? 228 SER A OG  1 
ATOM   316  N N   . ASN A 1 38  ? -11.237 6.222   -7.359  1.00 44.13  ? 229 ASN A N   1 
ATOM   317  C CA  . ASN A 1 38  ? -12.398 5.437   -7.759  1.00 44.37  ? 229 ASN A CA  1 
ATOM   318  C C   . ASN A 1 38  ? -12.250 4.015   -7.293  1.00 42.21  ? 229 ASN A C   1 
ATOM   319  O O   . ASN A 1 38  ? -11.322 3.326   -7.737  1.00 45.47  ? 229 ASN A O   1 
ATOM   320  C CB  . ASN A 1 38  ? -12.511 5.419   -9.293  1.00 53.34  ? 229 ASN A CB  1 
ATOM   321  C CG  . ASN A 1 38  ? -13.896 4.974   -9.718  1.00 63.95  ? 229 ASN A CG  1 
ATOM   322  O OD1 . ASN A 1 38  ? -14.570 4.145   -9.110  1.00 73.65  ? 229 ASN A OD1 1 
ATOM   323  N ND2 . ASN A 1 38  ? -14.384 5.573   -10.808 1.00 76.57  ? 229 ASN A ND2 1 
ATOM   324  N N   . VAL A 1 39  ? -13.218 3.526   -6.577  1.00 39.46  ? 230 VAL A N   1 
ATOM   325  C CA  . VAL A 1 39  ? -13.312 2.180   -6.064  1.00 40.46  ? 230 VAL A CA  1 
ATOM   326  C C   . VAL A 1 39  ? -13.154 1.133   -7.121  1.00 37.97  ? 230 VAL A C   1 
ATOM   327  O O   . VAL A 1 39  ? -12.619 0.042   -6.951  1.00 38.36  ? 230 VAL A O   1 
ATOM   328  C CB  . VAL A 1 39  ? -14.729 1.960   -5.418  1.00 51.00  ? 230 VAL A CB  1 
ATOM   329  C CG1 . VAL A 1 39  ? -15.121 0.494   -5.437  1.00 57.56  ? 230 VAL A CG1 1 
ATOM   330  C CG2 . VAL A 1 39  ? -14.829 2.443   -3.991  1.00 68.89  ? 230 VAL A CG2 1 
ATOM   331  N N   . ARG A 1 40  ? -13.820 1.392   -8.285  1.00 37.48  ? 231 ARG A N   1 
ATOM   332  C CA  . ARG A 1 40  ? -13.854 0.357   -9.314  1.00 38.29  ? 231 ARG A CA  1 
ATOM   333  C C   . ARG A 1 40  ? -12.515 -0.127  -9.834  1.00 36.11  ? 231 ARG A C   1 
ATOM   334  O O   . ARG A 1 40  ? -12.361 -1.312  -10.071 1.00 38.53  ? 231 ARG A O   1 
ATOM   335  C CB  . ARG A 1 40  ? -14.640 0.913   -10.539 1.00 50.74  ? 231 ARG A CB  1 
ATOM   336  C CG  . ARG A 1 40  ? -15.549 -0.192  -11.032 1.00 67.45  ? 231 ARG A CG  1 
ATOM   337  C CD  . ARG A 1 40  ? -16.574 -0.436  -9.934  1.00 75.17  ? 231 ARG A CD  1 
ATOM   338  N NE  . ARG A 1 40  ? -17.569 0.627   -9.839  1.00 85.66  ? 231 ARG A NE  1 
ATOM   339  C CZ  . ARG A 1 40  ? -18.732 0.567   -10.492 1.00 84.02  ? 231 ARG A CZ  1 
ATOM   340  N NH1 . ARG A 1 40  ? -18.996 -0.488  -11.244 1.00 88.71  ? 231 ARG A NH1 1 
ATOM   341  N NH2 . ARG A 1 40  ? -19.566 1.578   -10.337 1.00 86.75  ? 231 ARG A NH2 1 
ATOM   342  N N   . GLU A 1 41  ? -11.515 0.732   -9.966  1.00 38.38  ? 232 GLU A N   1 
ATOM   343  C CA  . GLU A 1 41  ? -10.238 0.183   -10.425 1.00 42.68  ? 232 GLU A CA  1 
ATOM   344  C C   . GLU A 1 41  ? -9.420  -0.450  -9.297  1.00 37.54  ? 232 GLU A C   1 
ATOM   345  O O   . GLU A 1 41  ? -8.517  -1.178  -9.694  1.00 40.39  ? 232 GLU A O   1 
ATOM   346  C CB  . GLU A 1 41  ? -9.372  1.161   -11.187 1.00 51.57  ? 232 GLU A CB  1 
ATOM   347  C CG  . GLU A 1 41  ? -9.060  2.399   -10.455 1.00 45.74  ? 232 GLU A CG  1 
ATOM   348  C CD  . GLU A 1 41  ? -8.114  3.357   -11.174 1.00 54.02  ? 232 GLU A CD  1 
ATOM   349  O OE1 . GLU A 1 41  ? -7.481  3.075   -12.199 1.00 59.66  ? 232 GLU A OE1 1 
ATOM   350  O OE2 . GLU A 1 41  ? -8.016  4.474   -10.643 1.00 50.93  ? 232 GLU A OE2 1 
ATOM   351  N N   . LEU A 1 42  ? -9.826  -0.332  -8.062  1.00 34.83  ? 233 LEU A N   1 
ATOM   352  C CA  . LEU A 1 42  ? -9.126  -1.040  -6.966  1.00 34.30  ? 233 LEU A CA  1 
ATOM   353  C C   . LEU A 1 42  ? -9.731  -2.373  -6.626  1.00 38.03  ? 233 LEU A C   1 
ATOM   354  O O   . LEU A 1 42  ? -9.035  -3.293  -6.169  1.00 35.02  ? 233 LEU A O   1 
ATOM   355  C CB  A LEU A 1 42  ? -9.176  -0.171  -5.723  0.60 41.19  ? 233 LEU A CB  1 
ATOM   356  C CB  B LEU A 1 42  ? -9.108  -0.130  -5.744  0.40 37.09  ? 233 LEU A CB  1 
ATOM   357  C CG  A LEU A 1 42  ? -8.060  0.478   -4.939  0.60 47.65  ? 233 LEU A CG  1 
ATOM   358  C CG  B LEU A 1 42  ? -8.118  -0.480  -4.623  0.40 37.40  ? 233 LEU A CG  1 
ATOM   359  C CD1 A LEU A 1 42  ? -8.675  0.901   -3.602  0.60 40.86  ? 233 LEU A CD1 1 
ATOM   360  C CD1 B LEU A 1 42  ? -6.684  -0.396  -5.148  0.40 29.02  ? 233 LEU A CD1 1 
ATOM   361  C CD2 A LEU A 1 42  ? -6.856  -0.413  -4.689  0.60 41.38  ? 233 LEU A CD2 1 
ATOM   362  C CD2 B LEU A 1 42  ? -8.311  0.578   -3.539  0.40 39.91  ? 233 LEU A CD2 1 
ATOM   363  N N   . LEU A 1 43  ? -11.074 -2.569  -6.846  1.00 35.97  ? 234 LEU A N   1 
ATOM   364  C CA  . LEU A 1 43  ? -11.674 -3.837  -6.520  1.00 36.49  ? 234 LEU A CA  1 
ATOM   365  C C   . LEU A 1 43  ? -11.030 -5.102  -6.993  1.00 36.10  ? 234 LEU A C   1 
ATOM   366  O O   . LEU A 1 43  ? -10.882 -6.056  -6.194  1.00 36.50  ? 234 LEU A O   1 
ATOM   367  C CB  . LEU A 1 43  ? -13.191 -3.763  -6.852  1.00 39.51  ? 234 LEU A CB  1 
ATOM   368  C CG  . LEU A 1 43  ? -14.006 -2.890  -5.890  1.00 41.81  ? 234 LEU A CG  1 
ATOM   369  C CD1 . LEU A 1 43  ? -15.484 -2.827  -6.249  1.00 55.12  ? 234 LEU A CD1 1 
ATOM   370  C CD2 . LEU A 1 43  ? -13.874 -3.346  -4.444  1.00 48.17  ? 234 LEU A CD2 1 
ATOM   371  N N   . PRO A 1 44  ? -10.574 -5.255  -8.231  1.00 36.71  ? 235 PRO A N   1 
ATOM   372  C CA  . PRO A 1 44  ? -10.010 -6.458  -8.770  1.00 34.01  ? 235 PRO A CA  1 
ATOM   373  C C   . PRO A 1 44  ? -8.843  -6.967  -7.951  1.00 36.92  ? 235 PRO A C   1 
ATOM   374  O O   . PRO A 1 44  ? -8.727  -8.143  -7.614  1.00 37.67  ? 235 PRO A O   1 
ATOM   375  C CB  . PRO A 1 44  ? -9.673  -6.177  -10.225 1.00 37.93  ? 235 PRO A CB  1 
ATOM   376  C CG  . PRO A 1 44  ? -10.720 -5.121  -10.514 1.00 39.75  ? 235 PRO A CG  1 
ATOM   377  C CD  . PRO A 1 44  ? -10.770 -4.246  -9.277  1.00 40.10  ? 235 PRO A CD  1 
ATOM   378  N N   . ILE A 1 45  ? -7.903  -6.032  -7.671  1.00 36.53  ? 236 ILE A N   1 
ATOM   379  C CA  . ILE A 1 45  ? -6.717  -6.477  -6.897  1.00 32.36  ? 236 ILE A CA  1 
ATOM   380  C C   . ILE A 1 45  ? -7.164  -6.711  -5.469  1.00 32.08  ? 236 ILE A C   1 
ATOM   381  O O   . ILE A 1 45  ? -6.633  -7.673  -4.873  1.00 35.63  ? 236 ILE A O   1 
ATOM   382  C CB  . ILE A 1 45  ? -5.511  -5.514  -7.086  1.00 35.62  ? 236 ILE A CB  1 
ATOM   383  C CG1 . ILE A 1 45  ? -4.264  -6.184  -6.496  1.00 37.52  ? 236 ILE A CG1 1 
ATOM   384  C CG2 . ILE A 1 45  ? -5.753  -4.221  -6.346  1.00 36.73  ? 236 ILE A CG2 1 
ATOM   385  C CD1 . ILE A 1 45  ? -3.695  -7.284  -7.360  1.00 38.83  ? 236 ILE A CD1 1 
ATOM   386  N N   . LEU A 1 46  ? -8.050  -5.982  -4.832  1.00 32.88  ? 237 LEU A N   1 
ATOM   387  C CA  . LEU A 1 46  ? -8.541  -6.286  -3.480  1.00 32.01  ? 237 LEU A CA  1 
ATOM   388  C C   . LEU A 1 46  ? -9.218  -7.652  -3.370  1.00 34.94  ? 237 LEU A C   1 
ATOM   389  O O   . LEU A 1 46  ? -9.018  -8.421  -2.405  1.00 37.88  ? 237 LEU A O   1 
ATOM   390  C CB  . LEU A 1 46  ? -9.507  -5.244  -2.938  1.00 33.16  ? 237 LEU A CB  1 
ATOM   391  C CG  . LEU A 1 46  ? -9.032  -3.812  -2.799  1.00 37.49  ? 237 LEU A CG  1 
ATOM   392  C CD1 . LEU A 1 46  ? -10.171 -2.969  -2.237  1.00 37.79  ? 237 LEU A CD1 1 
ATOM   393  C CD2 . LEU A 1 46  ? -7.773  -3.776  -1.940  1.00 41.46  ? 237 LEU A CD2 1 
ATOM   394  N N   . GLU A 1 47  ? -9.989  -8.021  -4.398  1.00 34.59  ? 238 GLU A N   1 
ATOM   395  C CA  . GLU A 1 47  ? -10.602 -9.351  -4.437  1.00 39.36  ? 238 GLU A CA  1 
ATOM   396  C C   . GLU A 1 47  ? -9.573  -10.459 -4.403  1.00 39.04  ? 238 GLU A C   1 
ATOM   397  O O   . GLU A 1 47  ? -9.656  -11.477 -3.708  1.00 41.75  ? 238 GLU A O   1 
ATOM   398  C CB  . GLU A 1 47  ? -11.486 -9.542  -5.690  1.00 43.76  ? 238 GLU A CB  1 
ATOM   399  C CG  . GLU A 1 47  ? -12.676 -8.623  -5.764  1.00 49.74  ? 238 GLU A CG  1 
ATOM   400  C CD  . GLU A 1 47  ? -13.684 -9.116  -6.819  1.00 56.67  ? 238 GLU A CD  1 
ATOM   401  O OE1 . GLU A 1 47  ? -13.454 -10.197 -7.411  1.00 60.50  ? 238 GLU A OE1 1 
ATOM   402  O OE2 . GLU A 1 47  ? -14.685 -8.398  -7.014  1.00 63.47  ? 238 GLU A OE2 1 
ATOM   403  N N   . GLN A 1 48  ? -8.521  -10.266 -5.187  1.00 36.44  ? 239 GLN A N   1 
ATOM   404  C CA  . GLN A 1 48  ? -7.434  -11.261 -5.289  1.00 36.12  ? 239 GLN A CA  1 
ATOM   405  C C   . GLN A 1 48  ? -6.708  -11.392 -3.971  1.00 39.34  ? 239 GLN A C   1 
ATOM   406  O O   . GLN A 1 48  ? -6.364  -12.506 -3.568  1.00 41.11  ? 239 GLN A O   1 
ATOM   407  C CB  . GLN A 1 48  ? -6.404  -10.974 -6.360  1.00 34.61  ? 239 GLN A CB  1 
ATOM   408  C CG  . GLN A 1 48  ? -6.963  -11.080 -7.782  1.00 38.51  ? 239 GLN A CG  1 
ATOM   409  C CD  . GLN A 1 48  ? -5.964  -10.509 -8.771  1.00 42.49  ? 239 GLN A CD  1 
ATOM   410  O OE1 . GLN A 1 48  ? -4.839  -10.976 -8.865  1.00 44.40  ? 239 GLN A OE1 1 
ATOM   411  N NE2 . GLN A 1 48  ? -6.322  -9.472  -9.522  1.00 48.40  ? 239 GLN A NE2 1 
ATOM   412  N N   . VAL A 1 49  ? -6.469  -10.226 -3.311  1.00 35.92  ? 240 VAL A N   1 
ATOM   413  C CA  . VAL A 1 49  ? -5.729  -10.367 -2.059  1.00 34.68  ? 240 VAL A CA  1 
ATOM   414  C C   . VAL A 1 49  ? -6.641  -10.931 -0.960  1.00 33.70  ? 240 VAL A C   1 
ATOM   415  O O   . VAL A 1 49  ? -6.130  -11.569 -0.062  1.00 37.29  ? 240 VAL A O   1 
ATOM   416  C CB  . VAL A 1 49  ? -4.810  -9.246  -1.604  1.00 43.61  ? 240 VAL A CB  1 
ATOM   417  C CG1 . VAL A 1 49  ? -4.288  -8.380  -2.747  1.00 38.46  ? 240 VAL A CG1 1 
ATOM   418  C CG2 . VAL A 1 49  ? -5.120  -8.610  -0.305  1.00 44.25  ? 240 VAL A CG2 1 
ATOM   419  N N   . ALA A 1 50  ? -7.916  -10.516 -0.998  1.00 37.07  ? 241 ALA A N   1 
ATOM   420  C CA  . ALA A 1 50  ? -8.853  -11.023 0.019   1.00 39.95  ? 241 ALA A CA  1 
ATOM   421  C C   . ALA A 1 50  ? -8.822  -12.560 0.035   1.00 43.01  ? 241 ALA A C   1 
ATOM   422  O O   . ALA A 1 50  ? -8.962  -13.099 1.127   1.00 47.57  ? 241 ALA A O   1 
ATOM   423  C CB  . ALA A 1 50  ? -10.268 -10.628 -0.323  1.00 41.53  ? 241 ALA A CB  1 
ATOM   424  N N   . GLN A 1 51  ? -8.697  -13.197 -1.119  1.00 42.83  ? 242 GLN A N   1 
ATOM   425  C CA  . GLN A 1 51  ? -8.787  -14.683 -1.009  1.00 48.61  ? 242 GLN A CA  1 
ATOM   426  C C   . GLN A 1 51  ? -7.549  -15.283 -0.404  1.00 47.63  ? 242 GLN A C   1 
ATOM   427  O O   . GLN A 1 51  ? -7.512  -16.485 -0.073  1.00 49.13  ? 242 GLN A O   1 
ATOM   428  C CB  . GLN A 1 51  ? -9.218  -15.335 -2.287  1.00 61.36  ? 242 GLN A CB  1 
ATOM   429  C CG  . GLN A 1 51  ? -8.500  -15.028 -3.561  1.00 76.25  ? 242 GLN A CG  1 
ATOM   430  C CD  . GLN A 1 51  ? -8.725  -16.103 -4.612  1.00 78.45  ? 242 GLN A CD  1 
ATOM   431  O OE1 . GLN A 1 51  ? -8.074  -17.149 -4.619  1.00 84.79  ? 242 GLN A OE1 1 
ATOM   432  N NE2 . GLN A 1 51  ? -9.656  -15.832 -5.519  1.00 84.08  ? 242 GLN A NE2 1 
ATOM   433  N N   . THR A 1 52  ? -6.446  -14.543 -0.289  1.00 40.96  ? 243 THR A N   1 
ATOM   434  C CA  . THR A 1 52  ? -5.197  -15.026 0.238   1.00 38.88  ? 243 THR A CA  1 
ATOM   435  C C   . THR A 1 52  ? -5.203  -14.913 1.737   1.00 40.83  ? 243 THR A C   1 
ATOM   436  O O   . THR A 1 52  ? -4.374  -15.604 2.344   1.00 44.37  ? 243 THR A O   1 
ATOM   437  C CB  . THR A 1 52  ? -3.883  -14.338 -0.220  1.00 49.66  ? 243 THR A CB  1 
ATOM   438  O OG1 . THR A 1 52  ? -3.864  -13.023 0.392   1.00 41.46  ? 243 THR A OG1 1 
ATOM   439  C CG2 . THR A 1 52  ? -3.795  -14.328 -1.723  1.00 47.56  ? 243 THR A CG2 1 
ATOM   440  N N   . GLY A 1 53  ? -6.022  -14.078 2.340   1.00 43.48  ? 244 GLY A N   1 
ATOM   441  C CA  . GLY A 1 53  ? -5.954  -13.801 3.757   1.00 44.75  ? 244 GLY A CA  1 
ATOM   442  C C   . GLY A 1 53  ? -4.757  -13.036 4.288   1.00 44.78  ? 244 GLY A C   1 
ATOM   443  O O   . GLY A 1 53  ? -4.506  -12.974 5.506   1.00 47.50  ? 244 GLY A O   1 
ATOM   444  N N   . LYS A 1 54  ? -3.903  -12.539 3.412   1.00 38.09  ? 245 LYS A N   1 
ATOM   445  C CA  . LYS A 1 54  ? -2.697  -11.804 3.863   1.00 39.22  ? 245 LYS A CA  1 
ATOM   446  C C   . LYS A 1 54  ? -2.949  -10.294 3.773   1.00 35.38  ? 245 LYS A C   1 
ATOM   447  O O   . LYS A 1 54  ? -3.892  -9.857  3.121   1.00 36.52  ? 245 LYS A O   1 
ATOM   448  C CB  . LYS A 1 54  ? -1.569  -12.191 2.930   1.00 41.26  ? 245 LYS A CB  1 
ATOM   449  C CG  . LYS A 1 54  ? -1.222  -13.697 3.089   1.00 47.62  ? 245 LYS A CG  1 
ATOM   450  C CD  . LYS A 1 54  ? 0.025   -13.998 2.299   1.00 62.38  ? 245 LYS A CD  1 
ATOM   451  C CE  . LYS A 1 54  ? 0.746   -15.248 2.807   1.00 73.51  ? 245 LYS A CE  1 
ATOM   452  N NZ  . LYS A 1 54  ? 1.890   -15.513 1.873   1.00 84.44  ? 245 LYS A NZ  1 
ATOM   453  N N   . PRO A 1 55  ? -2.178  -9.563  4.540   1.00 35.83  ? 246 PRO A N   1 
ATOM   454  C CA  . PRO A 1 55  ? -2.333  -8.106  4.670   1.00 30.87  ? 246 PRO A CA  1 
ATOM   455  C C   . PRO A 1 55  ? -1.829  -7.532  3.357   1.00 29.23  ? 246 PRO A C   1 
ATOM   456  O O   . PRO A 1 55  ? -0.992  -8.059  2.641   1.00 33.17  ? 246 PRO A O   1 
ATOM   457  C CB  . PRO A 1 55  ? -1.508  -7.634  5.852   1.00 38.85  ? 246 PRO A CB  1 
ATOM   458  C CG  . PRO A 1 55  ? -0.990  -8.927  6.441   1.00 41.99  ? 246 PRO A CG  1 
ATOM   459  C CD  . PRO A 1 55  ? -1.180  -10.052 5.502   1.00 38.33  ? 246 PRO A CD  1 
ATOM   460  N N   . LEU A 1 56  ? -2.194  -6.246  3.244   1.00 28.04  ? 247 LEU A N   1 
ATOM   461  C CA  . LEU A 1 56  ? -1.797  -5.464  2.059   1.00 28.46  ? 247 LEU A CA  1 
ATOM   462  C C   . LEU A 1 56  ? -1.510  -4.032  2.493   1.00 26.96  ? 247 LEU A C   1 
ATOM   463  O O   . LEU A 1 56  ? -2.284  -3.352  3.144   1.00 29.46  ? 247 LEU A O   1 
ATOM   464  C CB  . LEU A 1 56  ? -3.036  -5.404  1.110   1.00 29.87  ? 247 LEU A CB  1 
ATOM   465  C CG  . LEU A 1 56  ? -2.823  -4.538  -0.151  1.00 30.19  ? 247 LEU A CG  1 
ATOM   466  C CD1 . LEU A 1 56  ? -1.738  -5.045  -1.048  1.00 31.70  ? 247 LEU A CD1 1 
ATOM   467  C CD2 . LEU A 1 56  ? -4.148  -4.404  -0.891  1.00 34.80  ? 247 LEU A CD2 1 
ATOM   468  N N   . LEU A 1 57  ? -0.335  -3.574  1.995   1.00 25.78  ? 248 LEU A N   1 
ATOM   469  C CA  . LEU A 1 57  ? 0.038   -2.182  2.052   1.00 24.40  ? 248 LEU A CA  1 
ATOM   470  C C   . LEU A 1 57  ? -0.078  -1.592  0.640   1.00 26.65  ? 248 LEU A C   1 
ATOM   471  O O   . LEU A 1 57  ? 0.475   -2.117  -0.317  1.00 26.41  ? 248 LEU A O   1 
ATOM   472  C CB  . LEU A 1 57  ? 1.515   -2.059  2.461   1.00 28.97  ? 248 LEU A CB  1 
ATOM   473  C CG  . LEU A 1 57  ? 2.060   -0.625  2.431   1.00 29.76  ? 248 LEU A CG  1 
ATOM   474  C CD1 . LEU A 1 57  ? 1.375   0.347   3.363   1.00 31.79  ? 248 LEU A CD1 1 
ATOM   475  C CD2 . LEU A 1 57  ? 3.573   -0.615  2.667   1.00 34.76  ? 248 LEU A CD2 1 
ATOM   476  N N   . ILE A 1 58  ? -0.824  -0.486  0.579   1.00 26.21  ? 249 ILE A N   1 
ATOM   477  C CA  . ILE A 1 58  ? -0.892  0.259   -0.694  1.00 24.88  ? 249 ILE A CA  1 
ATOM   478  C C   . ILE A 1 58  ? -0.060  1.529   -0.515  1.00 23.86  ? 249 ILE A C   1 
ATOM   479  O O   . ILE A 1 58  ? -0.319  2.334   0.382   1.00 26.43  ? 249 ILE A O   1 
ATOM   480  C CB  . ILE A 1 58  ? -2.337  0.678   -0.977  1.00 23.43  ? 249 ILE A CB  1 
ATOM   481  C CG1 . ILE A 1 58  ? -3.147  -0.601  -1.144  1.00 29.06  ? 249 ILE A CG1 1 
ATOM   482  C CG2 . ILE A 1 58  ? -2.382  1.502   -2.255  1.00 29.35  ? 249 ILE A CG2 1 
ATOM   483  C CD1 . ILE A 1 58  ? -4.641  -0.429  -1.072  1.00 35.14  ? 249 ILE A CD1 1 
ATOM   484  N N   . ILE A 1 59  ? 0.816   1.776   -1.490  1.00 22.62  ? 250 ILE A N   1 
ATOM   485  C CA  . ILE A 1 59  ? 1.578   3.026   -1.563  1.00 24.04  ? 250 ILE A CA  1 
ATOM   486  C C   . ILE A 1 59  ? 1.107   3.669   -2.865  1.00 27.43  ? 250 ILE A C   1 
ATOM   487  O O   . ILE A 1 59  ? 1.167   3.000   -3.910  1.00 28.84  ? 250 ILE A O   1 
ATOM   488  C CB  . ILE A 1 59  ? 3.066   2.685   -1.649  1.00 25.26  ? 250 ILE A CB  1 
ATOM   489  C CG1 . ILE A 1 59  ? 3.550   2.054   -0.354  1.00 29.21  ? 250 ILE A CG1 1 
ATOM   490  C CG2 . ILE A 1 59  ? 3.846   4.021   -1.855  1.00 29.97  ? 250 ILE A CG2 1 
ATOM   491  C CD1 . ILE A 1 59  ? 4.932   1.438   -0.554  1.00 32.83  ? 250 ILE A CD1 1 
ATOM   492  N N   . ALA A 1 60  ? 0.568   4.874   -2.781  1.00 28.12  ? 251 ALA A N   1 
ATOM   493  C CA  . ALA A 1 60  ? 0.081   5.539   -3.994  1.00 27.26  ? 251 ALA A CA  1 
ATOM   494  C C   . ALA A 1 60  ? 0.391   7.008   -3.915  1.00 29.42  ? 251 ALA A C   1 
ATOM   495  O O   . ALA A 1 60  ? 0.685   7.482   -2.827  1.00 28.19  ? 251 ALA A O   1 
ATOM   496  C CB  . ALA A 1 60  ? -1.421  5.296   -4.161  1.00 29.15  ? 251 ALA A CB  1 
ATOM   497  N N   . GLU A 1 61  ? 0.173   7.800   -5.016  1.00 30.66  ? 252 GLU A N   1 
ATOM   498  C CA  . GLU A 1 61  ? 0.363   9.241   -4.817  1.00 28.18  ? 252 GLU A CA  1 
ATOM   499  C C   . GLU A 1 61  ? -0.586  9.775   -3.766  1.00 28.87  ? 252 GLU A C   1 
ATOM   500  O O   . GLU A 1 61  ? -0.212  10.616  -2.948  1.00 32.12  ? 252 GLU A O   1 
ATOM   501  C CB  . GLU A 1 61  ? 0.014   9.935   -6.195  1.00 30.97  ? 252 GLU A CB  1 
ATOM   502  C CG  . GLU A 1 61  ? 0.343   11.405  -6.129  1.00 41.54  ? 252 GLU A CG  1 
ATOM   503  C CD  . GLU A 1 61  ? 0.166   12.013  -7.544  1.00 47.87  ? 252 GLU A CD  1 
ATOM   504  O OE1 . GLU A 1 61  ? 0.378   11.350  -8.554  1.00 60.61  ? 252 GLU A OE1 1 
ATOM   505  O OE2 . GLU A 1 61  ? -0.240  13.153  -7.493  1.00 57.23  ? 252 GLU A OE2 1 
ATOM   506  N N   . ASP A 1 62  ? -1.812  9.206   -3.691  1.00 29.39  ? 253 ASP A N   1 
ATOM   507  C CA  . ASP A 1 62  ? -2.768  9.484   -2.654  1.00 30.18  ? 253 ASP A CA  1 
ATOM   508  C C   . ASP A 1 62  ? -3.911  8.462   -2.821  1.00 28.88  ? 253 ASP A C   1 
ATOM   509  O O   . ASP A 1 62  ? -4.023  7.815   -3.883  1.00 30.75  ? 253 ASP A O   1 
ATOM   510  C CB  . ASP A 1 62  ? -3.350  10.910  -2.717  1.00 33.89  ? 253 ASP A CB  1 
ATOM   511  C CG  . ASP A 1 62  ? -3.811  11.371  -1.342  1.00 39.58  ? 253 ASP A CG  1 
ATOM   512  O OD1 . ASP A 1 62  ? -3.930  10.688  -0.327  1.00 37.32  ? 253 ASP A OD1 1 
ATOM   513  O OD2 . ASP A 1 62  ? -4.083  12.574  -1.209  1.00 45.52  ? 253 ASP A OD2 1 
ATOM   514  N N   . VAL A 1 63  ? -4.660  8.285   -1.772  1.00 30.65  ? 254 VAL A N   1 
ATOM   515  C CA  . VAL A 1 63  ? -5.818  7.412   -1.791  1.00 28.48  ? 254 VAL A CA  1 
ATOM   516  C C   . VAL A 1 63  ? -6.941  8.224   -1.095  1.00 30.52  ? 254 VAL A C   1 
ATOM   517  O O   . VAL A 1 63  ? -6.750  8.743   0.014   1.00 34.04  ? 254 VAL A O   1 
ATOM   518  C CB  . VAL A 1 63  ? -5.727  6.060   -1.055  1.00 29.28  ? 254 VAL A CB  1 
ATOM   519  C CG1 . VAL A 1 63  ? -6.988  5.229   -1.264  1.00 33.86  ? 254 VAL A CG1 1 
ATOM   520  C CG2 . VAL A 1 63  ? -4.481  5.371   -1.501  1.00 31.57  ? 254 VAL A CG2 1 
ATOM   521  N N   . GLU A 1 64  ? -7.955  8.507   -1.887  1.00 31.47  ? 255 GLU A N   1 
ATOM   522  C CA  . GLU A 1 64  ? -8.964  9.432   -1.379  1.00 33.45  ? 255 GLU A CA  1 
ATOM   523  C C   . GLU A 1 64  ? -10.363 9.019   -1.798  1.00 33.62  ? 255 GLU A C   1 
ATOM   524  O O   . GLU A 1 64  ? -10.593 7.955   -2.385  1.00 34.07  ? 255 GLU A O   1 
ATOM   525  C CB  . GLU A 1 64  ? -8.634  10.841  -1.894  1.00 39.70  ? 255 GLU A CB  1 
ATOM   526  C CG  . GLU A 1 64  ? -8.694  10.855  -3.398  1.00 42.95  ? 255 GLU A CG  1 
ATOM   527  C CD  . GLU A 1 64  ? -8.519  12.300  -3.893  1.00 64.39  ? 255 GLU A CD  1 
ATOM   528  O OE1 . GLU A 1 64  ? -7.913  13.158  -3.230  1.00 55.46  ? 255 GLU A OE1 1 
ATOM   529  O OE2 . GLU A 1 64  ? -9.033  12.553  -5.002  1.00 69.65  ? 255 GLU A OE2 1 
ATOM   530  N N   . GLY A 1 65  ? -11.331 9.772   -1.229  1.00 35.72  ? 256 GLY A N   1 
ATOM   531  C CA  . GLY A 1 65  ? -12.675 9.504   -1.748  1.00 37.98  ? 256 GLY A CA  1 
ATOM   532  C C   . GLY A 1 65  ? -13.249 8.176   -1.372  1.00 36.77  ? 256 GLY A C   1 
ATOM   533  O O   . GLY A 1 65  ? -13.017 7.607   -0.283  1.00 35.86  ? 256 GLY A O   1 
ATOM   534  N N   . GLU A 1 66  ? -13.998 7.594   -2.299  1.00 37.34  ? 257 GLU A N   1 
ATOM   535  C CA  . GLU A 1 66  ? -14.657 6.332   -2.124  1.00 35.47  ? 257 GLU A CA  1 
ATOM   536  C C   . GLU A 1 66  ? -13.643 5.201   -1.977  1.00 35.89  ? 257 GLU A C   1 
ATOM   537  O O   . GLU A 1 66  ? -13.948 4.252   -1.255  1.00 34.66  ? 257 GLU A O   1 
ATOM   538  C CB  . GLU A 1 66  ? -15.515 6.021   -3.353  1.00 44.52  ? 257 GLU A CB  1 
ATOM   539  C CG  . GLU A 1 66  ? -16.219 4.714   -3.520  1.00 61.58  ? 257 GLU A CG  1 
ATOM   540  C CD  . GLU A 1 66  ? -17.400 4.907   -4.486  1.00 75.98  ? 257 GLU A CD  1 
ATOM   541  O OE1 . GLU A 1 66  ? -17.369 5.811   -5.355  1.00 73.57  ? 257 GLU A OE1 1 
ATOM   542  O OE2 . GLU A 1 66  ? -18.367 4.131   -4.332  1.00 80.38  ? 257 GLU A OE2 1 
ATOM   543  N N   . ALA A 1 67  ? -12.480 5.318   -2.634  1.00 31.87  ? 258 ALA A N   1 
ATOM   544  C CA  . ALA A 1 67  ? -11.513 4.244   -2.486  1.00 29.50  ? 258 ALA A CA  1 
ATOM   545  C C   . ALA A 1 67  ? -10.999 4.227   -1.010  1.00 27.41  ? 258 ALA A C   1 
ATOM   546  O O   . ALA A 1 67  ? -10.885 3.120   -0.480  1.00 30.60  ? 258 ALA A O   1 
ATOM   547  C CB  . ALA A 1 67  ? -10.371 4.568   -3.461  1.00 34.26  ? 258 ALA A CB  1 
ATOM   548  N N   . LEU A 1 68  ? -10.769 5.395   -0.471  1.00 30.57  ? 259 LEU A N   1 
ATOM   549  C CA  . LEU A 1 68  ? -10.294 5.449   0.935   1.00 31.72  ? 259 LEU A CA  1 
ATOM   550  C C   . LEU A 1 68  ? -11.358 4.922   1.882   1.00 32.98  ? 259 LEU A C   1 
ATOM   551  O O   . LEU A 1 68  ? -11.099 4.123   2.759   1.00 29.33  ? 259 LEU A O   1 
ATOM   552  C CB  . LEU A 1 68  ? -9.828  6.815   1.310   1.00 29.86  ? 259 LEU A CB  1 
ATOM   553  C CG  . LEU A 1 68  ? -9.376  7.027   2.753   1.00 33.77  ? 259 LEU A CG  1 
ATOM   554  C CD1 . LEU A 1 68  ? -8.216  6.059   2.964   1.00 32.82  ? 259 LEU A CD1 1 
ATOM   555  C CD2 . LEU A 1 68  ? -9.008  8.460   3.098   1.00 34.34  ? 259 LEU A CD2 1 
ATOM   556  N N   . ALA A 1 69  ? -12.631 5.344   1.650   1.00 29.85  ? 260 ALA A N   1 
ATOM   557  C CA  . ALA A 1 69  ? -13.730 4.924   2.508   1.00 32.86  ? 260 ALA A CA  1 
ATOM   558  C C   . ALA A 1 69  ? -13.853 3.418   2.490   1.00 31.87  ? 260 ALA A C   1 
ATOM   559  O O   . ALA A 1 69  ? -14.132 2.802   3.507   1.00 31.82  ? 260 ALA A O   1 
ATOM   560  C CB  . ALA A 1 69  ? -15.038 5.586   2.066   1.00 30.59  ? 260 ALA A CB  1 
ATOM   561  N N   . THR A 1 70  ? -13.669 2.803   1.325   1.00 28.86  ? 261 THR A N   1 
ATOM   562  C CA  . THR A 1 70  ? -13.745 1.378   1.169   1.00 29.00  ? 261 THR A CA  1 
ATOM   563  C C   . THR A 1 70  ? -12.668 0.636   1.973   1.00 28.86  ? 261 THR A C   1 
ATOM   564  O O   . THR A 1 70  ? -12.903 -0.409  2.581   1.00 29.93  ? 261 THR A O   1 
ATOM   565  C CB  . THR A 1 70  ? -13.620 0.966   -0.332  1.00 35.59  ? 261 THR A CB  1 
ATOM   566  O OG1 . THR A 1 70  ? -14.876 1.447   -0.907  1.00 37.42  ? 261 THR A OG1 1 
ATOM   567  C CG2 . THR A 1 70  ? -13.518 -0.518  -0.513  1.00 40.46  ? 261 THR A CG2 1 
ATOM   568  N N   . LEU A 1 71  ? -11.497 1.247   1.919   1.00 27.69  ? 262 LEU A N   1 
ATOM   569  C CA  . LEU A 1 71  ? -10.379 0.639   2.703   1.00 28.14  ? 262 LEU A CA  1 
ATOM   570  C C   . LEU A 1 71  ? -10.668 0.706   4.213   1.00 27.38  ? 262 LEU A C   1 
ATOM   571  O O   . LEU A 1 71  ? -10.488 -0.285  4.922   1.00 29.71  ? 262 LEU A O   1 
ATOM   572  C CB  . LEU A 1 71  ? -9.075  1.274   2.374   1.00 29.60  ? 262 LEU A CB  1 
ATOM   573  C CG  . LEU A 1 71  ? -8.587  1.152   0.922   1.00 29.78  ? 262 LEU A CG  1 
ATOM   574  C CD1 . LEU A 1 71  ? -7.220  1.848   0.797   1.00 34.12  ? 262 LEU A CD1 1 
ATOM   575  C CD2 . LEU A 1 71  ? -8.475  -0.279  0.540   1.00 32.14  ? 262 LEU A CD2 1 
ATOM   576  N N   . VAL A 1 72  ? -11.164 1.887   4.658   1.00 28.27  ? 263 VAL A N   1 
ATOM   577  C CA  . VAL A 1 72  ? -11.466 2.091   6.100   1.00 27.22  ? 263 VAL A CA  1 
ATOM   578  C C   . VAL A 1 72  ? -12.562 1.148   6.586   1.00 27.28  ? 263 VAL A C   1 
ATOM   579  O O   . VAL A 1 72  ? -12.349 0.441   7.574   1.00 31.28  ? 263 VAL A O   1 
ATOM   580  C CB  . VAL A 1 72  ? -11.878 3.564   6.301   1.00 32.27  ? 263 VAL A CB  1 
ATOM   581  C CG1 . VAL A 1 72  ? -12.477 3.790   7.690   1.00 31.38  ? 263 VAL A CG1 1 
ATOM   582  C CG2 . VAL A 1 72  ? -10.626 4.434   6.049   1.00 31.05  ? 263 VAL A CG2 1 
ATOM   583  N N   . VAL A 1 73  ? -13.644 1.010   5.800   1.00 29.46  ? 264 VAL A N   1 
ATOM   584  C CA  . VAL A 1 73  ? -14.727 0.144   6.309   1.00 30.77  ? 264 VAL A CA  1 
ATOM   585  C C   . VAL A 1 73  ? -14.354 -1.280  6.356   1.00 30.89  ? 264 VAL A C   1 
ATOM   586  O O   . VAL A 1 73  ? -14.572 -2.029  7.348   1.00 30.96  ? 264 VAL A O   1 
ATOM   587  C CB  . VAL A 1 73  ? -16.057 0.501   5.598   1.00 33.06  ? 264 VAL A CB  1 
ATOM   588  C CG1 . VAL A 1 73  ? -16.099 -0.107  4.236   1.00 36.14  ? 264 VAL A CG1 1 
ATOM   589  C CG2 . VAL A 1 73  ? -17.227 -0.052  6.448   1.00 38.57  ? 264 VAL A CG2 1 
ATOM   590  N N   . ASN A 1 74  ? -13.589 -1.804  5.368   1.00 30.32  ? 265 ASN A N   1 
ATOM   591  C CA  . ASN A 1 74  ? -13.114 -3.159  5.341   1.00 29.60  ? 265 ASN A CA  1 
ATOM   592  C C   . ASN A 1 74  ? -12.092 -3.476  6.453   1.00 31.06  ? 265 ASN A C   1 
ATOM   593  O O   . ASN A 1 74  ? -12.165 -4.535  7.086   1.00 30.99  ? 265 ASN A O   1 
ATOM   594  C CB  . ASN A 1 74  ? -12.570 -3.464  3.945   1.00 32.25  ? 265 ASN A CB  1 
ATOM   595  C CG  . ASN A 1 74  ? -13.736 -3.773  3.021   1.00 44.61  ? 265 ASN A CG  1 
ATOM   596  O OD1 . ASN A 1 74  ? -14.264 -4.882  3.129   1.00 42.98  ? 265 ASN A OD1 1 
ATOM   597  N ND2 . ASN A 1 74  ? -14.125 -2.849  2.192   1.00 41.77  ? 265 ASN A ND2 1 
ATOM   598  N N   . LYS A 1 75  ? -11.229 -2.542  6.787   1.00 29.31  ? 266 LYS A N   1 
ATOM   599  C CA  . LYS A 1 75  ? -10.289 -2.689  7.897   1.00 30.78  ? 266 LYS A CA  1 
ATOM   600  C C   . LYS A 1 75  ? -11.078 -2.686  9.227   1.00 30.56  ? 266 LYS A C   1 
ATOM   601  O O   . LYS A 1 75  ? -10.828 -3.619  10.016  1.00 34.02  ? 266 LYS A O   1 
ATOM   602  C CB  . LYS A 1 75  ? -9.281  -1.541  7.929   1.00 32.00  ? 266 LYS A CB  1 
ATOM   603  C CG  . LYS A 1 75  ? -8.189  -1.792  8.958   1.00 37.97  ? 266 LYS A CG  1 
ATOM   604  C CD  . LYS A 1 75  ? -8.545  -1.271  10.314  1.00 43.62  ? 266 LYS A CD  1 
ATOM   605  C CE  . LYS A 1 75  ? -7.389  -1.526  11.297  1.00 48.78  ? 266 LYS A CE  1 
ATOM   606  N NZ  . LYS A 1 75  ? -7.707  -0.716  12.525  1.00 44.69  ? 266 LYS A NZ  1 
ATOM   607  N N   . LEU A 1 76  ? -11.988 -1.777  9.416   1.00 30.50  ? 267 LEU A N   1 
ATOM   608  C CA  . LEU A 1 76  ? -12.726 -1.673  10.683  1.00 32.06  ? 267 LEU A CA  1 
ATOM   609  C C   . LEU A 1 76  ? -13.604 -2.911  10.864  1.00 38.79  ? 267 LEU A C   1 
ATOM   610  O O   . LEU A 1 76  ? -13.818 -3.273  11.998  1.00 35.22  ? 267 LEU A O   1 
ATOM   611  C CB  . LEU A 1 76  ? -13.511 -0.385  10.785  1.00 29.15  ? 267 LEU A CB  1 
ATOM   612  C CG  . LEU A 1 76  ? -12.671 0.908   10.978  1.00 32.02  ? 267 LEU A CG  1 
ATOM   613  C CD1 . LEU A 1 76  ? -13.573 2.123   11.008  1.00 36.12  ? 267 LEU A CD1 1 
ATOM   614  C CD2 . LEU A 1 76  ? -11.731 0.796   12.160  1.00 37.86  ? 267 LEU A CD2 1 
ATOM   615  N N   . ARG A 1 77  ? -14.159 -3.445  9.795   1.00 32.78  ? 268 ARG A N   1 
ATOM   616  C CA  . ARG A 1 77  ? -14.973 -4.677  9.884   1.00 31.85  ? 268 ARG A CA  1 
ATOM   617  C C   . ARG A 1 77  ? -14.176 -5.934  10.029  1.00 37.64  ? 268 ARG A C   1 
ATOM   618  O O   . ARG A 1 77  ? -14.765 -7.010  10.099  1.00 42.11  ? 268 ARG A O   1 
ATOM   619  C CB  . ARG A 1 77  ? -15.830 -4.786  8.626   1.00 30.74  ? 268 ARG A CB  1 
ATOM   620  C CG  . ARG A 1 77  ? -16.982 -3.871  8.629   1.00 30.46  ? 268 ARG A CG  1 
ATOM   621  C CD  . ARG A 1 77  ? -18.104 -4.354  9.559   1.00 36.41  ? 268 ARG A CD  1 
ATOM   622  N NE  . ARG A 1 77  ? -18.655 -5.568  9.011   1.00 35.64  ? 268 ARG A NE  1 
ATOM   623  C CZ  . ARG A 1 77  ? -18.985 -6.670  9.684   1.00 41.11  ? 268 ARG A CZ  1 
ATOM   624  N NH1 . ARG A 1 77  ? -18.804 -6.748  10.989  1.00 39.85  ? 268 ARG A NH1 1 
ATOM   625  N NH2 . ARG A 1 77  ? -19.484 -7.688  9.012   1.00 44.55  ? 268 ARG A NH2 1 
ATOM   626  N N   . GLY A 1 78  ? -12.886 -5.924  9.751   1.00 33.09  ? 269 GLY A N   1 
ATOM   627  C CA  . GLY A 1 78  ? -11.992 -7.039  9.797   1.00 37.00  ? 269 GLY A CA  1 
ATOM   628  C C   . GLY A 1 78  ? -11.982 -7.927  8.579   1.00 39.90  ? 269 GLY A C   1 
ATOM   629  O O   . GLY A 1 78  ? -11.427 -9.027  8.615   1.00 41.87  ? 269 GLY A O   1 
ATOM   630  N N   . THR A 1 79  ? -12.521 -7.460  7.459   1.00 34.43  ? 270 THR A N   1 
ATOM   631  C CA  . THR A 1 79  ? -12.625 -8.108  6.192   1.00 35.18  ? 270 THR A CA  1 
ATOM   632  C C   . THR A 1 79  ? -11.331 -8.116  5.426   1.00 39.80  ? 270 THR A C   1 
ATOM   633  O O   . THR A 1 79  ? -11.030 -8.948  4.585   1.00 41.11  ? 270 THR A O   1 
ATOM   634  C CB  . THR A 1 79  ? -13.756 -7.427  5.342   1.00 40.38  ? 270 THR A CB  1 
ATOM   635  O OG1 . THR A 1 79  ? -14.962 -7.817  5.995   1.00 59.94  ? 270 THR A OG1 1 
ATOM   636  C CG2 . THR A 1 79  ? -13.652 -8.117  3.986   1.00 52.69  ? 270 THR A CG2 1 
ATOM   637  N N   . LEU A 1 80  ? -10.533 -7.036  5.619   1.00 34.65  ? 271 LEU A N   1 
ATOM   638  C CA  . LEU A 1 80  ? -9.214  -7.007  5.026   1.00 37.15  ? 271 LEU A CA  1 
ATOM   639  C C   . LEU A 1 80  ? -8.234  -6.365  6.020   1.00 34.15  ? 271 LEU A C   1 
ATOM   640  O O   . LEU A 1 80  ? -8.632  -5.400  6.689   1.00 38.41  ? 271 LEU A O   1 
ATOM   641  C CB  . LEU A 1 80  ? -9.216  -6.007  3.872   1.00 42.68  ? 271 LEU A CB  1 
ATOM   642  C CG  . LEU A 1 80  ? -9.634  -6.273  2.468   1.00 59.76  ? 271 LEU A CG  1 
ATOM   643  C CD1 . LEU A 1 80  ? -9.528  -4.977  1.669   1.00 53.49  ? 271 LEU A CD1 1 
ATOM   644  C CD2 . LEU A 1 80  ? -8.738  -7.357  1.875   1.00 63.75  ? 271 LEU A CD2 1 
ATOM   645  N N   . SER A 1 81  ? -7.024  -6.845  5.992   1.00 33.22  ? 272 SER A N   1 
ATOM   646  C CA  . SER A 1 81  ? -6.012  -6.183  6.812   1.00 31.20  ? 272 SER A CA  1 
ATOM   647  C C   . SER A 1 81  ? -5.226  -5.331  5.806   1.00 32.37  ? 272 SER A C   1 
ATOM   648  O O   . SER A 1 81  ? -4.472  -5.862  5.029   1.00 34.39  ? 272 SER A O   1 
ATOM   649  C CB  . SER A 1 81  ? -5.082  -7.223  7.472   1.00 39.28  ? 272 SER A CB  1 
ATOM   650  O OG  . SER A 1 81  ? -4.153  -6.413  8.215   1.00 47.05  ? 272 SER A OG  1 
ATOM   651  N N   . VAL A 1 82  ? -5.427  -4.051  5.920   1.00 30.24  ? 273 VAL A N   1 
ATOM   652  C CA  . VAL A 1 82  ? -4.887  -3.167  4.858   1.00 29.54  ? 273 VAL A CA  1 
ATOM   653  C C   . VAL A 1 82  ? -4.450  -1.896  5.539   1.00 29.76  ? 273 VAL A C   1 
ATOM   654  O O   . VAL A 1 82  ? -5.057  -1.354  6.465   1.00 29.15  ? 273 VAL A O   1 
ATOM   655  C CB  . VAL A 1 82  ? -5.952  -2.978  3.782   1.00 29.59  ? 273 VAL A CB  1 
ATOM   656  C CG1 . VAL A 1 82  ? -7.247  -2.296  4.251   1.00 31.22  ? 273 VAL A CG1 1 
ATOM   657  C CG2 . VAL A 1 82  ? -5.395  -2.199  2.591   1.00 34.08  ? 273 VAL A CG2 1 
ATOM   658  N N   . ALA A 1 83  ? -3.509  -1.206  4.853   1.00 26.04  ? 274 ALA A N   1 
ATOM   659  C CA  . ALA A 1 83  ? -3.153  0.118   5.204   1.00 26.23  ? 274 ALA A CA  1 
ATOM   660  C C   . ALA A 1 83  ? -2.738  0.829   3.880   1.00 25.39  ? 274 ALA A C   1 
ATOM   661  O O   . ALA A 1 83  ? -2.363  0.147   2.934   1.00 28.51  ? 274 ALA A O   1 
ATOM   662  C CB  . ALA A 1 83  ? -2.016  0.295   6.195   1.00 31.62  ? 274 ALA A CB  1 
ATOM   663  N N   . ALA A 1 84  ? -2.822  2.132   3.929   1.00 26.69  ? 275 ALA A N   1 
ATOM   664  C CA  . ALA A 1 84  ? -2.363  2.891   2.758   1.00 25.87  ? 275 ALA A CA  1 
ATOM   665  C C   . ALA A 1 84  ? -1.508  4.043   3.204   1.00 26.14  ? 275 ALA A C   1 
ATOM   666  O O   . ALA A 1 84  ? -1.842  4.655   4.231   1.00 28.35  ? 275 ALA A O   1 
ATOM   667  C CB  . ALA A 1 84  ? -3.595  3.441   1.983   1.00 28.17  ? 275 ALA A CB  1 
ATOM   668  N N   . VAL A 1 85  ? -0.481  4.359   2.443   1.00 25.14  ? 276 VAL A N   1 
ATOM   669  C CA  . VAL A 1 85  ? 0.387   5.460   2.727   1.00 24.93  ? 276 VAL A CA  1 
ATOM   670  C C   . VAL A 1 85  ? 0.635   6.233   1.464   1.00 26.39  ? 276 VAL A C   1 
ATOM   671  O O   . VAL A 1 85  ? 0.745   5.613   0.402   1.00 26.18  ? 276 VAL A O   1 
ATOM   672  C CB  A VAL A 1 85  ? 1.760   4.959   3.305   0.70 31.46  ? 276 VAL A CB  1 
ATOM   673  C CB  B VAL A 1 85  ? 1.727   4.857   3.252   0.30 26.96  ? 276 VAL A CB  1 
ATOM   674  C CG1 A VAL A 1 85  ? 1.541   3.963   4.475   0.70 26.55  ? 276 VAL A CG1 1 
ATOM   675  C CG1 B VAL A 1 85  ? 2.877   5.802   3.136   0.30 22.30  ? 276 VAL A CG1 1 
ATOM   676  C CG2 A VAL A 1 85  ? 2.506   4.199   2.265   0.70 36.38  ? 276 VAL A CG2 1 
ATOM   677  C CG2 B VAL A 1 85  ? 1.463   4.465   4.711   0.30 25.25  ? 276 VAL A CG2 1 
ATOM   678  N N   . LYS A 1 86  ? 0.908   7.538   1.604   1.00 27.24  ? 277 LYS A N   1 
ATOM   679  C CA  . LYS A 1 86  ? 1.300   8.285   0.400   1.00 28.10  ? 277 LYS A CA  1 
ATOM   680  C C   . LYS A 1 86  ? 2.741   8.056   0.022   1.00 30.34  ? 277 LYS A C   1 
ATOM   681  O O   . LYS A 1 86  ? 3.651   7.785   0.798   1.00 32.29  ? 277 LYS A O   1 
ATOM   682  C CB  . LYS A 1 86  ? 1.204   9.785   0.768   1.00 33.01  ? 277 LYS A CB  1 
ATOM   683  C CG  . LYS A 1 86  ? -0.188  10.290  0.892   1.00 40.84  ? 277 LYS A CG  1 
ATOM   684  C CD  . LYS A 1 86  ? 0.009   11.835  0.947   1.00 47.83  ? 277 LYS A CD  1 
ATOM   685  C CE  . LYS A 1 86  ? -1.403  12.431  0.882   1.00 59.18  ? 277 LYS A CE  1 
ATOM   686  N NZ  . LYS A 1 86  ? -1.362  13.512  -0.165  1.00 77.75  ? 277 LYS A NZ  1 
ATOM   687  N N   . ALA A 1 87  ? 2.985   8.088   -1.301  1.00 29.36  ? 278 ALA A N   1 
ATOM   688  C CA  . ALA A 1 87  ? 4.329   7.983   -1.820  1.00 31.20  ? 278 ALA A CA  1 
ATOM   689  C C   . ALA A 1 87  ? 5.098   9.232   -1.411  1.00 32.00  ? 278 ALA A C   1 
ATOM   690  O O   . ALA A 1 87  ? 4.573   10.360  -1.498  1.00 34.15  ? 278 ALA A O   1 
ATOM   691  C CB  . ALA A 1 87  ? 4.249   7.850   -3.325  1.00 34.47  ? 278 ALA A CB  1 
ATOM   692  N N   . PRO A 1 88  ? 6.338   9.032   -1.054  1.00 33.39  ? 279 PRO A N   1 
ATOM   693  C CA  . PRO A 1 88  ? 7.187   10.123  -0.663  1.00 34.86  ? 279 PRO A CA  1 
ATOM   694  C C   . PRO A 1 88  ? 7.681   10.997  -1.842  1.00 34.25  ? 279 PRO A C   1 
ATOM   695  O O   . PRO A 1 88  ? 7.784   10.485  -2.966  1.00 37.78  ? 279 PRO A O   1 
ATOM   696  C CB  . PRO A 1 88  ? 8.341   9.456   0.096   1.00 34.72  ? 279 PRO A CB  1 
ATOM   697  C CG  . PRO A 1 88  ? 8.408   8.113   -0.572  1.00 40.33  ? 279 PRO A CG  1 
ATOM   698  C CD  . PRO A 1 88  ? 6.993   7.723   -0.998  1.00 36.51  ? 279 PRO A CD  1 
ATOM   699  N N   . GLY A 1 89  ? 7.868   12.275  -1.592  1.00 38.69  ? 280 GLY A N   1 
ATOM   700  C CA  . GLY A 1 89  ? 8.555   13.156  -2.564  1.00 38.66  ? 280 GLY A CA  1 
ATOM   701  C C   . GLY A 1 89  ? 7.585   13.699  -3.570  1.00 35.94  ? 280 GLY A C   1 
ATOM   702  O O   . GLY A 1 89  ? 6.359   13.638  -3.468  1.00 41.12  ? 280 GLY A O   1 
ATOM   703  N N   . PHE A 1 90  ? 8.138   14.205  -4.685  1.00 35.90  ? 281 PHE A N   1 
ATOM   704  C CA  . PHE A 1 90  ? 7.428   14.664  -5.829  1.00 33.42  ? 281 PHE A CA  1 
ATOM   705  C C   . PHE A 1 90  ? 8.390   14.571  -7.023  1.00 35.98  ? 281 PHE A C   1 
ATOM   706  O O   . PHE A 1 90  ? 9.598   14.380  -6.858  1.00 35.47  ? 281 PHE A O   1 
ATOM   707  C CB  . PHE A 1 90  ? 6.857   16.092  -5.695  1.00 43.35  ? 281 PHE A CB  1 
ATOM   708  C CG  . PHE A 1 90  ? 7.972   17.111  -5.621  1.00 44.91  ? 281 PHE A CG  1 
ATOM   709  C CD1 . PHE A 1 90  ? 8.508   17.368  -4.370  1.00 46.54  ? 281 PHE A CD1 1 
ATOM   710  C CD2 . PHE A 1 90  ? 8.474   17.763  -6.729  1.00 44.86  ? 281 PHE A CD2 1 
ATOM   711  C CE1 . PHE A 1 90  ? 9.537   18.265  -4.211  1.00 49.82  ? 281 PHE A CE1 1 
ATOM   712  C CE2 . PHE A 1 90  ? 9.543   18.677  -6.559  1.00 43.98  ? 281 PHE A CE2 1 
ATOM   713  C CZ  . PHE A 1 90  ? 10.045  18.897  -5.314  1.00 45.07  ? 281 PHE A CZ  1 
ATOM   714  N N   . GLY A 1 91  ? 7.789   14.605  -8.188  1.00 36.70  ? 282 GLY A N   1 
ATOM   715  C CA  . GLY A 1 91  ? 8.584   14.650  -9.413  1.00 37.79  ? 282 GLY A CA  1 
ATOM   716  C C   . GLY A 1 91  ? 9.501   13.440  -9.489  1.00 39.91  ? 282 GLY A C   1 
ATOM   717  O O   . GLY A 1 91  ? 9.079   12.304  -9.161  1.00 36.33  ? 282 GLY A O   1 
ATOM   718  N N   . ASP A 1 92  ? 10.721  13.617  -10.002 1.00 36.47  ? 283 ASP A N   1 
ATOM   719  C CA  . ASP A 1 92  ? 11.625  12.513  -10.238 1.00 37.51  ? 283 ASP A CA  1 
ATOM   720  C C   . ASP A 1 92  ? 12.078  11.863  -8.945  1.00 39.09  ? 283 ASP A C   1 
ATOM   721  O O   . ASP A 1 92  ? 12.265  10.644  -8.985  1.00 42.07  ? 283 ASP A O   1 
ATOM   722  C CB  . ASP A 1 92  ? 12.938  12.931  -10.973 1.00 38.60  ? 283 ASP A CB  1 
ATOM   723  C CG  . ASP A 1 92  ? 12.600  13.393  -12.351 1.00 38.46  ? 283 ASP A CG  1 
ATOM   724  O OD1 . ASP A 1 92  ? 11.763  12.794  -13.052 1.00 40.93  ? 283 ASP A OD1 1 
ATOM   725  O OD2 . ASP A 1 92  ? 13.154  14.440  -12.801 1.00 40.18  ? 283 ASP A OD2 1 
ATOM   726  N N   . ARG A 1 93  ? 12.153  12.594  -7.862  1.00 37.19  ? 284 ARG A N   1 
ATOM   727  C CA  . ARG A 1 93  ? 12.504  11.987  -6.573  1.00 38.50  ? 284 ARG A CA  1 
ATOM   728  C C   . ARG A 1 93  ? 11.433  10.946  -6.116  1.00 35.81  ? 284 ARG A C   1 
ATOM   729  O O   . ARG A 1 93  ? 11.796  9.904   -5.544  1.00 39.30  ? 284 ARG A O   1 
ATOM   730  C CB  . ARG A 1 93  ? 12.604  13.039  -5.466  1.00 41.89  ? 284 ARG A CB  1 
ATOM   731  C CG  . ARG A 1 93  ? 13.848  13.914  -5.685  1.00 60.94  ? 284 ARG A CG  1 
ATOM   732  C CD  . ARG A 1 93  ? 14.050  14.901  -4.542  1.00 73.51  ? 284 ARG A CD  1 
ATOM   733  N NE  . ARG A 1 93  ? 15.149  15.829  -4.837  1.00 81.18  ? 284 ARG A NE  1 
ATOM   734  C CZ  . ARG A 1 93  ? 15.583  16.706  -3.935  1.00 82.93  ? 284 ARG A CZ  1 
ATOM   735  N NH1 . ARG A 1 93  ? 14.999  16.706  -2.752  1.00 88.00  ? 284 ARG A NH1 1 
ATOM   736  N NH2 . ARG A 1 93  ? 16.576  17.538  -4.204  1.00 84.65  ? 284 ARG A NH2 1 
ATOM   737  N N   . ARG A 1 94  ? 10.187  11.271  -6.312  1.00 31.79  ? 285 ARG A N   1 
ATOM   738  C CA  . ARG A 1 94  ? 9.118   10.319  -6.009  1.00 35.05  ? 285 ARG A CA  1 
ATOM   739  C C   . ARG A 1 94  ? 9.262   9.050   -6.850  1.00 36.68  ? 285 ARG A C   1 
ATOM   740  O O   . ARG A 1 94  ? 9.063   7.933   -6.355  1.00 34.46  ? 285 ARG A O   1 
ATOM   741  C CB  . ARG A 1 94  ? 7.741   10.919  -6.224  1.00 35.40  ? 285 ARG A CB  1 
ATOM   742  C CG  . ARG A 1 94  ? 6.597   9.925   -5.958  1.00 35.10  ? 285 ARG A CG  1 
ATOM   743  C CD  . ARG A 1 94  ? 5.498   10.117  -6.958  1.00 53.94  ? 285 ARG A CD  1 
ATOM   744  N NE  . ARG A 1 94  ? 4.640   11.310  -6.981  1.00 58.20  ? 285 ARG A NE  1 
ATOM   745  C CZ  . ARG A 1 94  ? 4.506   11.860  -5.784  1.00 54.59  ? 285 ARG A CZ  1 
ATOM   746  N NH1 . ARG A 1 94  ? 5.276   11.037  -5.083  1.00 43.77  ? 285 ARG A NH1 1 
ATOM   747  N NH2 . ARG A 1 94  ? 3.845   12.886  -5.364  1.00 56.13  ? 285 ARG A NH2 1 
ATOM   748  N N   . LYS A 1 95  ? 9.490   9.213   -8.175  1.00 36.21  ? 286 LYS A N   1 
ATOM   749  C CA  . LYS A 1 95  ? 9.607   8.081   -9.089  1.00 35.60  ? 286 LYS A CA  1 
ATOM   750  C C   . LYS A 1 95  ? 10.800  7.214   -8.734  1.00 39.78  ? 286 LYS A C   1 
ATOM   751  O O   . LYS A 1 95  ? 10.684  5.963   -8.680  1.00 38.35  ? 286 LYS A O   1 
ATOM   752  C CB  . LYS A 1 95  ? 9.663   8.555   -10.544 1.00 36.87  ? 286 LYS A CB  1 
ATOM   753  C CG  . LYS A 1 95  ? 8.327   9.112   -11.024 1.00 39.55  ? 286 LYS A CG  1 
ATOM   754  C CD  . LYS A 1 95  ? 8.516   9.868   -12.334 1.00 54.15  ? 286 LYS A CD  1 
ATOM   755  C CE  . LYS A 1 95  ? 7.255   9.783   -13.177 1.00 59.96  ? 286 LYS A CE  1 
ATOM   756  N NZ  . LYS A 1 95  ? 7.554   10.380  -14.513 1.00 73.66  ? 286 LYS A NZ  1 
ATOM   757  N N   . GLU A 1 96  ? 11.916  7.789   -8.323  1.00 37.73  ? 287 GLU A N   1 
ATOM   758  C CA  . GLU A 1 96  ? 13.056  7.090   -7.796  1.00 38.49  ? 287 GLU A CA  1 
ATOM   759  C C   . GLU A 1 96  ? 12.830  6.281   -6.537  1.00 37.42  ? 287 GLU A C   1 
ATOM   760  O O   . GLU A 1 96  ? 13.290  5.124   -6.401  1.00 36.74  ? 287 GLU A O   1 
ATOM   761  C CB  . GLU A 1 96  ? 14.257  8.035   -7.534  1.00 44.13  ? 287 GLU A CB  1 
ATOM   762  C CG  . GLU A 1 96  ? 15.083  8.121   -8.803  1.00 66.13  ? 287 GLU A CG  1 
ATOM   763  C CD  . GLU A 1 96  ? 15.038  9.497   -9.428  1.00 72.17  ? 287 GLU A CD  1 
ATOM   764  O OE1 . GLU A 1 96  ? 15.619  10.411  -8.807  1.00 71.06  ? 287 GLU A OE1 1 
ATOM   765  O OE2 . GLU A 1 96  ? 14.431  9.592   -10.516 1.00 79.55  ? 287 GLU A OE2 1 
ATOM   766  N N   . MET A 1 97  ? 12.119  6.805   -5.571  1.00 33.65  ? 288 MET A N   1 
ATOM   767  C CA  . MET A 1 97  ? 11.809  6.124   -4.328  1.00 31.48  ? 288 MET A CA  1 
ATOM   768  C C   . MET A 1 97  ? 10.804  5.000   -4.630  1.00 32.13  ? 288 MET A C   1 
ATOM   769  O O   . MET A 1 97  ? 10.966  3.960   -3.978  1.00 33.61  ? 288 MET A O   1 
ATOM   770  C CB  . MET A 1 97  ? 11.284  7.112   -3.312  1.00 36.83  ? 288 MET A CB  1 
ATOM   771  C CG  . MET A 1 97  ? 12.485  7.995   -2.825  1.00 40.13  ? 288 MET A CG  1 
ATOM   772  S SD  . MET A 1 97  ? 11.977  9.064   -1.473  1.00 46.67  ? 288 MET A SD  1 
ATOM   773  C CE  . MET A 1 97  ? 11.954  7.988   -0.086  1.00 52.73  ? 288 MET A CE  1 
ATOM   774  N N   . LEU A 1 98  ? 9.887   5.149   -5.553  1.00 29.43  ? 289 LEU A N   1 
ATOM   775  C CA  . LEU A 1 98  ? 8.959   4.021   -5.821  1.00 30.80  ? 289 LEU A CA  1 
ATOM   776  C C   . LEU A 1 98  ? 9.764   2.871   -6.457  1.00 31.52  ? 289 LEU A C   1 
ATOM   777  O O   . LEU A 1 98  ? 9.481   1.733   -6.128  1.00 32.47  ? 289 LEU A O   1 
ATOM   778  C CB  . LEU A 1 98  ? 7.852   4.450   -6.789  1.00 34.86  ? 289 LEU A CB  1 
ATOM   779  C CG  . LEU A 1 98  ? 6.855   5.473   -6.187  1.00 36.63  ? 289 LEU A CG  1 
ATOM   780  C CD1 . LEU A 1 98  ? 5.870   5.918   -7.242  1.00 40.35  ? 289 LEU A CD1 1 
ATOM   781  C CD2 . LEU A 1 98  ? 6.215   4.832   -4.975  1.00 37.30  ? 289 LEU A CD2 1 
ATOM   782  N N   . LYS A 1 99  ? 10.699  3.186   -7.358  1.00 32.64  ? 290 LYS A N   1 
ATOM   783  C CA  . LYS A 1 99  ? 11.575  2.175   -7.903  1.00 31.24  ? 290 LYS A CA  1 
ATOM   784  C C   . LYS A 1 99  ? 12.406  1.431   -6.830  1.00 32.48  ? 290 LYS A C   1 
ATOM   785  O O   . LYS A 1 99  ? 12.500  0.188   -6.881  1.00 32.83  ? 290 LYS A O   1 
ATOM   786  C CB  . LYS A 1 99  ? 12.569  2.878   -8.835  1.00 40.58  ? 290 LYS A CB  1 
ATOM   787  C CG  . LYS A 1 99  ? 11.999  3.197   -10.208 1.00 56.26  ? 290 LYS A CG  1 
ATOM   788  C CD  . LYS A 1 99  ? 13.139  3.499   -11.168 1.00 61.23  ? 290 LYS A CD  1 
ATOM   789  C CE  . LYS A 1 99  ? 13.214  4.936   -11.646 1.00 72.00  ? 290 LYS A CE  1 
ATOM   790  N NZ  . LYS A 1 99  ? 14.251  5.033   -12.747 1.00 71.35  ? 290 LYS A NZ  1 
ATOM   791  N N   . ASP A 1 100 ? 12.871  2.147   -5.834  1.00 32.35  ? 291 ASP A N   1 
ATOM   792  C CA  . ASP A 1 100 ? 13.630  1.544   -4.744  1.00 33.77  ? 291 ASP A CA  1 
ATOM   793  C C   . ASP A 1 100 ? 12.762  0.623   -3.933  1.00 33.41  ? 291 ASP A C   1 
ATOM   794  O O   . ASP A 1 100 ? 13.166  -0.491  -3.626  1.00 33.44  ? 291 ASP A O   1 
ATOM   795  C CB  . ASP A 1 100 ? 14.288  2.580   -3.856  1.00 36.40  ? 291 ASP A CB  1 
ATOM   796  C CG  . ASP A 1 100 ? 15.466  3.324   -4.460  1.00 40.43  ? 291 ASP A CG  1 
ATOM   797  O OD1 . ASP A 1 100 ? 16.013  2.909   -5.475  1.00 50.69  ? 291 ASP A OD1 1 
ATOM   798  O OD2 . ASP A 1 100 ? 15.775  4.352   -3.827  1.00 54.89  ? 291 ASP A OD2 1 
ATOM   799  N N   . ILE A 1 101 ? 11.524  1.071   -3.603  1.00 30.60  ? 292 ILE A N   1 
ATOM   800  C CA  . ILE A 1 101 ? 10.586  0.223   -2.900  1.00 29.89  ? 292 ILE A CA  1 
ATOM   801  C C   . ILE A 1 101 ? 10.217  -1.023  -3.656  1.00 31.05  ? 292 ILE A C   1 
ATOM   802  O O   . ILE A 1 101 ? 10.187  -2.116  -3.041  1.00 33.03  ? 292 ILE A O   1 
ATOM   803  C CB  . ILE A 1 101 ? 9.310   0.985   -2.458  1.00 30.42  ? 292 ILE A CB  1 
ATOM   804  C CG1 . ILE A 1 101 ? 9.785   2.066   -1.449  1.00 36.13  ? 292 ILE A CG1 1 
ATOM   805  C CG2 . ILE A 1 101 ? 8.299   0.058   -1.852  1.00 34.28  ? 292 ILE A CG2 1 
ATOM   806  C CD1 . ILE A 1 101 ? 8.859   3.240   -1.437  1.00 39.35  ? 292 ILE A CD1 1 
ATOM   807  N N   . ALA A 1 102 ? 10.037  -0.948  -4.977  1.00 30.62  ? 293 ALA A N   1 
ATOM   808  C CA  . ALA A 1 102 ? 9.743   -2.111  -5.789  1.00 33.27  ? 293 ALA A CA  1 
ATOM   809  C C   . ALA A 1 102 ? 10.909  -3.121  -5.767  1.00 33.27  ? 293 ALA A C   1 
ATOM   810  O O   . ALA A 1 102 ? 10.744  -4.343  -5.634  1.00 33.44  ? 293 ALA A O   1 
ATOM   811  C CB  . ALA A 1 102 ? 9.554   -1.643  -7.227  1.00 32.69  ? 293 ALA A CB  1 
ATOM   812  N N   . ALA A 1 103 ? 12.109  -2.566  -5.808  1.00 34.20  ? 294 ALA A N   1 
ATOM   813  C CA  . ALA A 1 103 ? 13.319  -3.385  -5.862  1.00 36.28  ? 294 ALA A CA  1 
ATOM   814  C C   . ALA A 1 103 ? 13.504  -4.144  -4.555  1.00 38.31  ? 294 ALA A C   1 
ATOM   815  O O   . ALA A 1 103 ? 13.833  -5.332  -4.548  1.00 38.57  ? 294 ALA A O   1 
ATOM   816  C CB  . ALA A 1 103 ? 14.578  -2.574  -6.138  1.00 40.88  ? 294 ALA A CB  1 
ATOM   817  N N   . VAL A 1 104 ? 13.324  -3.500  -3.444  1.00 33.16  ? 295 VAL A N   1 
ATOM   818  C CA  . VAL A 1 104 ? 13.445  -4.055  -2.105  1.00 37.75  ? 295 VAL A CA  1 
ATOM   819  C C   . VAL A 1 104 ? 12.403  -5.117  -1.822  1.00 39.44  ? 295 VAL A C   1 
ATOM   820  O O   . VAL A 1 104 ? 12.666  -6.139  -1.179  1.00 39.08  ? 295 VAL A O   1 
ATOM   821  C CB  . VAL A 1 104 ? 13.342  -2.878  -1.096  1.00 47.09  ? 295 VAL A CB  1 
ATOM   822  C CG1 . VAL A 1 104 ? 12.737  -3.305  0.223   1.00 47.04  ? 295 VAL A CG1 1 
ATOM   823  C CG2 . VAL A 1 104 ? 14.694  -2.192  -1.038  1.00 55.53  ? 295 VAL A CG2 1 
ATOM   824  N N   . THR A 1 105 ? 11.201  -5.018  -2.372  1.00 33.52  ? 296 THR A N   1 
ATOM   825  C CA  . THR A 1 105 ? 10.115  -5.893  -2.083  1.00 31.73  ? 296 THR A CA  1 
ATOM   826  C C   . THR A 1 105 ? 9.803   -6.878  -3.217  1.00 33.36  ? 296 THR A C   1 
ATOM   827  O O   . THR A 1 105 ? 8.969   -7.785  -3.015  1.00 34.12  ? 296 THR A O   1 
ATOM   828  C CB  . THR A 1 105 ? 8.768   -5.157  -1.755  1.00 31.86  ? 296 THR A CB  1 
ATOM   829  O OG1 . THR A 1 105 ? 8.474   -4.416  -2.952  1.00 32.67  ? 296 THR A OG1 1 
ATOM   830  C CG2 . THR A 1 105 ? 8.986   -4.187  -0.623  1.00 32.84  ? 296 THR A CG2 1 
ATOM   831  N N   . GLY A 1 106 ? 10.500  -6.776  -4.363  1.00 35.09  ? 297 GLY A N   1 
ATOM   832  C CA  . GLY A 1 106 ? 10.191  -7.680  -5.439  1.00 37.76  ? 297 GLY A CA  1 
ATOM   833  C C   . GLY A 1 106 ? 8.932   -7.388  -6.210  1.00 38.28  ? 297 GLY A C   1 
ATOM   834  O O   . GLY A 1 106 ? 8.361   -8.270  -6.860  1.00 38.49  ? 297 GLY A O   1 
ATOM   835  N N   . GLY A 1 107 ? 8.420   -6.165  -6.090  1.00 34.02  ? 298 GLY A N   1 
ATOM   836  C CA  . GLY A 1 107 ? 7.152   -5.769  -6.691  1.00 31.77  ? 298 GLY A CA  1 
ATOM   837  C C   . GLY A 1 107 ? 7.414   -5.037  -7.979  1.00 34.62  ? 298 GLY A C   1 
ATOM   838  O O   . GLY A 1 107 ? 8.535   -4.885  -8.470  1.00 34.68  ? 298 GLY A O   1 
ATOM   839  N N   . THR A 1 108 ? 6.289   -4.610  -8.574  1.00 30.34  ? 299 THR A N   1 
ATOM   840  C CA  . THR A 1 108 ? 6.365   -3.871  -9.823  1.00 33.02  ? 299 THR A CA  1 
ATOM   841  C C   . THR A 1 108 ? 5.656   -2.532  -9.644  1.00 36.78  ? 299 THR A C   1 
ATOM   842  O O   . THR A 1 108 ? 4.519   -2.556  -9.116  1.00 39.83  ? 299 THR A O   1 
ATOM   843  C CB  . THR A 1 108 ? 5.465   -4.673  -10.791 1.00 40.71  ? 299 THR A CB  1 
ATOM   844  O OG1 . THR A 1 108 ? 6.126   -5.963  -10.999 1.00 43.43  ? 299 THR A OG1 1 
ATOM   845  C CG2 . THR A 1 108 ? 5.243   -4.058  -12.138 1.00 46.30  ? 299 THR A CG2 1 
ATOM   846  N N   . VAL A 1 109 ? 6.218   -1.476  -10.163 1.00 31.77  ? 300 VAL A N   1 
ATOM   847  C CA  . VAL A 1 109 ? 5.570   -0.190  -10.053 1.00 30.44  ? 300 VAL A CA  1 
ATOM   848  C C   . VAL A 1 109 ? 4.479   -0.121  -11.105 1.00 33.20  ? 300 VAL A C   1 
ATOM   849  O O   . VAL A 1 109 ? 4.719   -0.281  -12.329 1.00 34.18  ? 300 VAL A O   1 
ATOM   850  C CB  . VAL A 1 109 ? 6.564   0.959   -10.224 1.00 30.43  ? 300 VAL A CB  1 
ATOM   851  C CG1 . VAL A 1 109 ? 5.896   2.348   -10.140 1.00 36.07  ? 300 VAL A CG1 1 
ATOM   852  C CG2 . VAL A 1 109 ? 7.681   0.985   -9.214  1.00 33.65  ? 300 VAL A CG2 1 
ATOM   853  N N   . ILE A 1 110 ? 3.233   0.090   -10.668 1.00 29.34  ? 301 ILE A N   1 
ATOM   854  C CA  . ILE A 1 110 ? 2.110   0.208   -11.568 1.00 29.88  ? 301 ILE A CA  1 
ATOM   855  C C   . ILE A 1 110 ? 1.950   1.660   -11.953 1.00 34.17  ? 301 ILE A C   1 
ATOM   856  O O   . ILE A 1 110 ? 1.554   2.589   -11.227 1.00 31.84  ? 301 ILE A O   1 
ATOM   857  C CB  . ILE A 1 110 ? 0.808   -0.344  -11.012 1.00 33.97  ? 301 ILE A CB  1 
ATOM   858  C CG1 . ILE A 1 110 ? 0.981   -1.842  -10.709 1.00 37.52  ? 301 ILE A CG1 1 
ATOM   859  C CG2 . ILE A 1 110 ? -0.348  -0.115  -11.983 1.00 36.62  ? 301 ILE A CG2 1 
ATOM   860  C CD1 . ILE A 1 110 ? -0.022  -2.528  -9.883  1.00 46.78  ? 301 ILE A CD1 1 
ATOM   861  N N   . SER A 1 111 ? 2.370   1.922   -13.221 1.00 33.90  ? 302 SER A N   1 
ATOM   862  C CA  . SER A 1 111 ? 2.465   3.285   -13.708 1.00 36.07  ? 302 SER A CA  1 
ATOM   863  C C   . SER A 1 111 ? 1.484   3.535   -14.857 1.00 35.44  ? 302 SER A C   1 
ATOM   864  O O   . SER A 1 111 ? 1.634   2.993   -15.964 1.00 34.54  ? 302 SER A O   1 
ATOM   865  C CB  . SER A 1 111 ? 3.895   3.528   -14.174 1.00 37.83  ? 302 SER A CB  1 
ATOM   866  O OG  . SER A 1 111 ? 3.957   4.848   -14.714 1.00 41.76  ? 302 SER A OG  1 
ATOM   867  N N   . GLU A 1 112 ? 0.520   4.401   -14.610 1.00 34.02  ? 303 GLU A N   1 
ATOM   868  C CA  . GLU A 1 112 ? -0.450  4.731   -15.636 1.00 38.45  ? 303 GLU A CA  1 
ATOM   869  C C   . GLU A 1 112 ? 0.248   5.444   -16.796 1.00 33.51  ? 303 GLU A C   1 
ATOM   870  O O   . GLU A 1 112 ? -0.125  5.220   -17.963 1.00 38.87  ? 303 GLU A O   1 
ATOM   871  C CB  . GLU A 1 112 ? -1.571  5.656   -15.097 1.00 44.68  ? 303 GLU A CB  1 
ATOM   872  C CG  . GLU A 1 112 ? -2.786  5.668   -16.020 1.00 54.53  ? 303 GLU A CG  1 
ATOM   873  C CD  . GLU A 1 112 ? -3.974  6.220   -15.214 1.00 65.45  ? 303 GLU A CD  1 
ATOM   874  O OE1 . GLU A 1 112 ? -3.832  7.402   -14.817 1.00 60.52  ? 303 GLU A OE1 1 
ATOM   875  O OE2 . GLU A 1 112 ? -4.924  5.442   -14.985 1.00 63.62  ? 303 GLU A OE2 1 
ATOM   876  N N   . GLU A 1 113 ? 1.158   6.300   -16.510 1.00 34.97  ? 304 GLU A N   1 
ATOM   877  C CA  . GLU A 1 113 ? 1.831   7.027   -17.604 1.00 39.72  ? 304 GLU A CA  1 
ATOM   878  C C   . GLU A 1 113 ? 2.607   6.077   -18.502 1.00 44.00  ? 304 GLU A C   1 
ATOM   879  O O   . GLU A 1 113 ? 2.693   6.428   -19.689 1.00 41.48  ? 304 GLU A O   1 
ATOM   880  C CB  . GLU A 1 113 ? 2.672   8.174   -17.128 1.00 48.73  ? 304 GLU A CB  1 
ATOM   881  C CG  . GLU A 1 113 ? 3.980   7.836   -16.452 1.00 60.88  ? 304 GLU A CG  1 
ATOM   882  C CD  . GLU A 1 113 ? 4.710   9.143   -16.148 1.00 68.90  ? 304 GLU A CD  1 
ATOM   883  O OE1 . GLU A 1 113 ? 4.020   10.119  -15.788 1.00 75.43  ? 304 GLU A OE1 1 
ATOM   884  O OE2 . GLU A 1 113 ? 5.949   9.132   -16.302 1.00 75.91  ? 304 GLU A OE2 1 
ATOM   885  N N   . LEU A 1 114 ? 3.076   4.928   -18.032 1.00 35.76  ? 305 LEU A N   1 
ATOM   886  C CA  . LEU A 1 114 ? 3.682   3.935   -18.933 1.00 35.23  ? 305 LEU A CA  1 
ATOM   887  C C   . LEU A 1 114 ? 2.731   2.946   -19.496 1.00 34.16  ? 305 LEU A C   1 
ATOM   888  O O   . LEU A 1 114 ? 3.116   1.918   -20.079 1.00 38.54  ? 305 LEU A O   1 
ATOM   889  C CB  . LEU A 1 114 ? 4.788   3.198   -18.175 1.00 37.86  ? 305 LEU A CB  1 
ATOM   890  C CG  . LEU A 1 114 ? 6.009   4.013   -17.741 1.00 46.59  ? 305 LEU A CG  1 
ATOM   891  C CD1 . LEU A 1 114 ? 7.036   3.036   -17.183 1.00 53.19  ? 305 LEU A CD1 1 
ATOM   892  C CD2 . LEU A 1 114 ? 6.590   4.914   -18.818 1.00 48.62  ? 305 LEU A CD2 1 
ATOM   893  N N   . GLY A 1 115 ? 1.394   3.142   -19.376 1.00 33.21  ? 306 GLY A N   1 
ATOM   894  C CA  . GLY A 1 115 ? 0.378   2.321   -19.857 1.00 33.66  ? 306 GLY A CA  1 
ATOM   895  C C   . GLY A 1 115 ? -0.296  1.243   -19.085 1.00 36.46  ? 306 GLY A C   1 
ATOM   896  O O   . GLY A 1 115 ? -1.157  0.531   -19.593 1.00 41.77  ? 306 GLY A O   1 
ATOM   897  N N   . PHE A 1 116 ? 0.093   1.010   -17.823 1.00 33.13  ? 307 PHE A N   1 
ATOM   898  C CA  . PHE A 1 116 ? -0.451  -0.067  -17.027 1.00 35.85  ? 307 PHE A CA  1 
ATOM   899  C C   . PHE A 1 116 ? -1.686  0.472   -16.315 1.00 40.87  ? 307 PHE A C   1 
ATOM   900  O O   . PHE A 1 116 ? -1.674  1.546   -15.739 1.00 47.22  ? 307 PHE A O   1 
ATOM   901  C CB  A PHE A 1 116 ? 0.670   -0.579  -16.081 0.65 42.03  ? 307 PHE A CB  1 
ATOM   902  C CB  B PHE A 1 116 ? 0.537   -0.602  -15.998 0.35 42.46  ? 307 PHE A CB  1 
ATOM   903  C CG  A PHE A 1 116 ? 0.099   -1.827  -15.445 0.65 58.63  ? 307 PHE A CG  1 
ATOM   904  C CG  B PHE A 1 116 ? 1.770   -1.325  -16.419 0.35 49.76  ? 307 PHE A CG  1 
ATOM   905  C CD1 A PHE A 1 116 ? -0.765  -1.669  -14.373 0.65 60.98  ? 307 PHE A CD1 1 
ATOM   906  C CD1 B PHE A 1 116 ? 2.815   -0.586  -16.954 0.35 47.83  ? 307 PHE A CD1 1 
ATOM   907  C CD2 A PHE A 1 116 ? 0.380   -3.084  -15.928 0.65 59.68  ? 307 PHE A CD2 1 
ATOM   908  C CD2 B PHE A 1 116 ? 1.928   -2.697  -16.291 0.35 51.80  ? 307 PHE A CD2 1 
ATOM   909  C CE1 A PHE A 1 116 ? -1.340  -2.765  -13.763 0.65 64.33  ? 307 PHE A CE1 1 
ATOM   910  C CE1 B PHE A 1 116 ? 3.988   -1.182  -17.369 0.35 50.80  ? 307 PHE A CE1 1 
ATOM   911  C CE2 A PHE A 1 116 ? -0.210  -4.185  -15.312 0.65 69.32  ? 307 PHE A CE2 1 
ATOM   912  C CE2 B PHE A 1 116 ? 3.103   -3.304  -16.700 0.35 58.38  ? 307 PHE A CE2 1 
ATOM   913  C CZ  A PHE A 1 116 ? -1.059  -4.020  -14.235 0.65 59.81  ? 307 PHE A CZ  1 
ATOM   914  C CZ  B PHE A 1 116 ? 4.134   -2.551  -17.236 0.35 57.66  ? 307 PHE A CZ  1 
ATOM   915  N N   . LYS A 1 117 ? -2.794  -0.250  -16.384 1.00 37.35  ? 308 LYS A N   1 
ATOM   916  C CA  . LYS A 1 117 ? -4.006  0.127   -15.680 1.00 39.46  ? 308 LYS A CA  1 
ATOM   917  C C   . LYS A 1 117 ? -4.089  -0.724  -14.409 1.00 36.59  ? 308 LYS A C   1 
ATOM   918  O O   . LYS A 1 117 ? -3.999  -1.946  -14.421 1.00 36.26  ? 308 LYS A O   1 
ATOM   919  C CB  . LYS A 1 117 ? -5.209  -0.166  -16.604 1.00 49.31  ? 308 LYS A CB  1 
ATOM   920  C CG  . LYS A 1 117 ? -5.292  0.905   -17.711 1.00 60.29  ? 308 LYS A CG  1 
ATOM   921  C CD  . LYS A 1 117 ? -6.712  1.057   -18.230 1.00 75.36  ? 308 LYS A CD  1 
ATOM   922  C CE  . LYS A 1 117 ? -6.817  2.225   -19.208 1.00 78.04  ? 308 LYS A CE  1 
ATOM   923  N NZ  . LYS A 1 117 ? -8.244  2.428   -19.604 1.00 87.30  ? 308 LYS A NZ  1 
ATOM   924  N N   . LEU A 1 118 ? -4.507  -0.037  -13.342 1.00 34.63  ? 309 LEU A N   1 
ATOM   925  C CA  . LEU A 1 118 ? -4.638  -0.715  -12.039 1.00 32.65  ? 309 LEU A CA  1 
ATOM   926  C C   . LEU A 1 118 ? -5.657  -1.816  -12.068 1.00 36.30  ? 309 LEU A C   1 
ATOM   927  O O   . LEU A 1 118 ? -5.510  -2.860  -11.408 1.00 35.47  ? 309 LEU A O   1 
ATOM   928  C CB  . LEU A 1 118 ? -4.962  0.400   -11.054 1.00 34.19  ? 309 LEU A CB  1 
ATOM   929  C CG  . LEU A 1 118 ? -5.113  0.016   -9.585  1.00 41.37  ? 309 LEU A CG  1 
ATOM   930  C CD1 . LEU A 1 118 ? -3.864  -0.685  -9.071  1.00 38.08  ? 309 LEU A CD1 1 
ATOM   931  C CD2 . LEU A 1 118 ? -5.368  1.264   -8.743  1.00 41.90  ? 309 LEU A CD2 1 
ATOM   932  N N   . GLU A 1 119 ? -6.738  -1.662  -12.872 1.00 35.91  ? 310 GLU A N   1 
ATOM   933  C CA  . GLU A 1 119 ? -7.727  -2.735  -12.904 1.00 41.80  ? 310 GLU A CA  1 
ATOM   934  C C   . GLU A 1 119 ? -7.172  -4.038  -13.400 1.00 44.39  ? 310 GLU A C   1 
ATOM   935  O O   . GLU A 1 119 ? -7.728  -5.090  -13.095 1.00 44.18  ? 310 GLU A O   1 
ATOM   936  C CB  . GLU A 1 119 ? -8.967  -2.296  -13.713 1.00 52.41  ? 310 GLU A CB  1 
ATOM   937  C CG  . GLU A 1 119 ? -8.620  -1.348  -14.845 1.00 62.99  ? 310 GLU A CG  1 
ATOM   938  C CD  . GLU A 1 119 ? -9.828  -0.883  -15.638 1.00 66.69  ? 310 GLU A CD  1 
ATOM   939  O OE1 . GLU A 1 119 ? -10.815 -1.658  -15.657 1.00 69.39  ? 310 GLU A OE1 1 
ATOM   940  O OE2 . GLU A 1 119 ? -9.806  0.216   -16.222 1.00 70.10  ? 310 GLU A OE2 1 
ATOM   941  N N   . ASN A 1 120 ? -6.078  -4.048  -14.136 1.00 43.83  ? 311 ASN A N   1 
ATOM   942  C CA  . ASN A 1 120 ? -5.395  -5.195  -14.645 1.00 40.36  ? 311 ASN A CA  1 
ATOM   943  C C   . ASN A 1 120 ? -4.310  -5.773  -13.778 1.00 42.88  ? 311 ASN A C   1 
ATOM   944  O O   . ASN A 1 120 ? -3.630  -6.736  -14.174 1.00 45.38  ? 311 ASN A O   1 
ATOM   945  C CB  . ASN A 1 120 ? -4.711  -4.846  -16.004 1.00 48.74  ? 311 ASN A CB  1 
ATOM   946  C CG  . ASN A 1 120 ? -5.785  -4.531  -17.034 1.00 46.22  ? 311 ASN A CG  1 
ATOM   947  O OD1 . ASN A 1 120 ? -6.887  -5.055  -16.900 1.00 49.79  ? 311 ASN A OD1 1 
ATOM   948  N ND2 . ASN A 1 120 ? -5.446  -3.704  -18.015 1.00 54.54  ? 311 ASN A ND2 1 
ATOM   949  N N   . ALA A 1 121 ? -4.050  -5.214  -12.587 1.00 36.25  ? 312 ALA A N   1 
ATOM   950  C CA  . ALA A 1 121 ? -2.999  -5.782  -11.762 1.00 37.37  ? 312 ALA A CA  1 
ATOM   951  C C   . ALA A 1 121 ? -3.319  -7.195  -11.273 1.00 40.78  ? 312 ALA A C   1 
ATOM   952  O O   . ALA A 1 121 ? -4.500  -7.537  -11.086 1.00 43.76  ? 312 ALA A O   1 
ATOM   953  C CB  . ALA A 1 121 ? -2.835  -4.923  -10.494 1.00 41.35  ? 312 ALA A CB  1 
ATOM   954  N N   . THR A 1 122 ? -2.298  -7.958  -11.010 1.00 37.87  ? 313 THR A N   1 
ATOM   955  C CA  . THR A 1 122 ? -2.419  -9.322  -10.531 1.00 42.52  ? 313 THR A CA  1 
ATOM   956  C C   . THR A 1 122 ? -1.496  -9.519  -9.349  1.00 39.84  ? 313 THR A C   1 
ATOM   957  O O   . THR A 1 122 ? -0.652  -8.676  -9.082  1.00 38.32  ? 313 THR A O   1 
ATOM   958  C CB  . THR A 1 122 ? -1.935  -10.301 -11.634 1.00 49.74  ? 313 THR A CB  1 
ATOM   959  O OG1 . THR A 1 122 ? -0.568  -9.924  -11.925 1.00 48.68  ? 313 THR A OG1 1 
ATOM   960  C CG2 . THR A 1 122 ? -2.750  -10.133 -12.899 1.00 54.12  ? 313 THR A CG2 1 
ATOM   961  N N   . LEU A 1 123 ? -1.717  -10.585 -8.591  1.00 37.11  ? 314 LEU A N   1 
ATOM   962  C CA  . LEU A 1 123 ? -0.905  -10.854 -7.418  1.00 38.60  ? 314 LEU A CA  1 
ATOM   963  C C   . LEU A 1 123 ? 0.589   -10.946 -7.689  1.00 39.84  ? 314 LEU A C   1 
ATOM   964  O O   . LEU A 1 123 ? 1.380   -10.489 -6.855  1.00 37.26  ? 314 LEU A O   1 
ATOM   965  C CB  . LEU A 1 123 ? -1.460  -12.142 -6.877  1.00 44.66  ? 314 LEU A CB  1 
ATOM   966  C CG  . LEU A 1 123 ? -1.958  -12.410 -5.493  1.00 53.49  ? 314 LEU A CG  1 
ATOM   967  C CD1 . LEU A 1 123 ? -2.813  -11.299 -4.908  1.00 43.14  ? 314 LEU A CD1 1 
ATOM   968  C CD2 . LEU A 1 123 ? -2.689  -13.767 -5.570  1.00 50.22  ? 314 LEU A CD2 1 
ATOM   969  N N   . SER A 1 124 ? 0.950   -11.389 -8.896  1.00 39.27  ? 315 SER A N   1 
ATOM   970  C CA  . SER A 1 124 ? 2.359   -11.492 -9.230  1.00 44.61  ? 315 SER A CA  1 
ATOM   971  C C   . SER A 1 124 ? 3.057   -10.149 -9.391  1.00 44.17  ? 315 SER A C   1 
ATOM   972  O O   . SER A 1 124 ? 4.267   -10.089 -9.274  1.00 42.82  ? 315 SER A O   1 
ATOM   973  C CB  . SER A 1 124 ? 2.618   -12.300 -10.526 1.00 47.38  ? 315 SER A CB  1 
ATOM   974  O OG  . SER A 1 124 ? 1.866   -11.640 -11.529 1.00 51.89  ? 315 SER A OG  1 
ATOM   975  N N   . MET A 1 125 ? 2.269   -9.064  -9.450  1.00 40.55  ? 316 MET A N   1 
ATOM   976  C CA  . MET A 1 125 ? 2.849   -7.733  -9.545  1.00 38.44  ? 316 MET A CA  1 
ATOM   977  C C   . MET A 1 125 ? 3.105   -7.111  -8.187  1.00 35.50  ? 316 MET A C   1 
ATOM   978  O O   . MET A 1 125 ? 3.626   -6.005  -8.128  1.00 35.26  ? 316 MET A O   1 
ATOM   979  C CB  . MET A 1 125 ? 1.942   -6.808  -10.325 1.00 36.28  ? 316 MET A CB  1 
ATOM   980  C CG  . MET A 1 125 ? 2.023   -7.227  -11.820 1.00 51.16  ? 316 MET A CG  1 
ATOM   981  S SD  . MET A 1 125 ? 0.782   -6.320  -12.756 1.00 47.14  ? 316 MET A SD  1 
ATOM   982  C CE  . MET A 1 125 ? -0.658  -7.325  -12.350 1.00 65.18  ? 316 MET A CE  1 
ATOM   983  N N   . LEU A 1 126 ? 2.628   -7.731  -7.136  1.00 31.91  ? 317 LEU A N   1 
ATOM   984  C CA  . LEU A 1 126 ? 2.726   -7.179  -5.797  1.00 30.85  ? 317 LEU A CA  1 
ATOM   985  C C   . LEU A 1 126 ? 4.089   -7.514  -5.174  1.00 34.63  ? 317 LEU A C   1 
ATOM   986  O O   . LEU A 1 126 ? 4.619   -8.625  -5.419  1.00 36.85  ? 317 LEU A O   1 
ATOM   987  C CB  . LEU A 1 126 ? 1.649   -7.707  -4.880  1.00 30.80  ? 317 LEU A CB  1 
ATOM   988  C CG  . LEU A 1 126 ? 0.220   -7.475  -5.374  1.00 39.53  ? 317 LEU A CG  1 
ATOM   989  C CD1 . LEU A 1 126 ? -0.801  -7.924  -4.366  1.00 40.50  ? 317 LEU A CD1 1 
ATOM   990  C CD2 . LEU A 1 126 ? -0.030  -6.028  -5.736  1.00 39.47  ? 317 LEU A CD2 1 
ATOM   991  N N   . GLY A 1 127 ? 4.644   -6.602  -4.393  1.00 31.75  ? 318 GLY A N   1 
ATOM   992  C CA  . GLY A 1 127 ? 5.845   -6.908  -3.627  1.00 33.92  ? 318 GLY A CA  1 
ATOM   993  C C   . GLY A 1 127 ? 5.465   -7.630  -2.350  1.00 32.02  ? 318 GLY A C   1 
ATOM   994  O O   . GLY A 1 127 ? 4.269   -7.829  -2.040  1.00 31.60  ? 318 GLY A O   1 
ATOM   995  N N   . ARG A 1 128 ? 6.446   -8.129  -1.629  1.00 31.51  ? 319 ARG A N   1 
ATOM   996  C CA  . ARG A 1 128 ? 6.205   -8.845  -0.390  1.00 32.71  ? 319 ARG A CA  1 
ATOM   997  C C   . ARG A 1 128 ? 7.218   -8.388  0.618   1.00 31.15  ? 319 ARG A C   1 
ATOM   998  O O   . ARG A 1 128 ? 8.372   -8.080  0.247   1.00 35.78  ? 319 ARG A O   1 
ATOM   999  C CB  A ARG A 1 128 ? 6.266   -10.381 -0.612  0.60 38.86  ? 319 ARG A CB  1 
ATOM   1000 C CB  B ARG A 1 128 ? 6.321   -10.369 -0.682  0.40 36.65  ? 319 ARG A CB  1 
ATOM   1001 C CG  A ARG A 1 128 ? 4.885   -10.899 -1.023  0.60 46.70  ? 319 ARG A CG  1 
ATOM   1002 C CG  B ARG A 1 128 ? 5.232   -10.813 -1.651  0.40 37.45  ? 319 ARG A CG  1 
ATOM   1003 C CD  A ARG A 1 128 ? 4.931   -12.139 -1.897  0.60 60.07  ? 319 ARG A CD  1 
ATOM   1004 C CD  B ARG A 1 128 ? 5.278   -12.272 -2.046  0.40 51.01  ? 319 ARG A CD  1 
ATOM   1005 N NE  A ARG A 1 128 ? 5.958   -13.093 -1.530  0.60 66.90  ? 319 ARG A NE  1 
ATOM   1006 N NE  B ARG A 1 128 ? 5.606   -13.183 -0.962  0.40 58.30  ? 319 ARG A NE  1 
ATOM   1007 C CZ  A ARG A 1 128 ? 5.861   -14.414 -1.664  0.60 68.84  ? 319 ARG A CZ  1 
ATOM   1008 C CZ  B ARG A 1 128 ? 5.240   -14.461 -0.908  0.40 63.80  ? 319 ARG A CZ  1 
ATOM   1009 N NH1 A ARG A 1 128 ? 4.756   -14.954 -2.162  0.60 72.83  ? 319 ARG A NH1 1 
ATOM   1010 N NH1 B ARG A 1 128 ? 4.502   -14.997 -1.871  0.40 65.98  ? 319 ARG A NH1 1 
ATOM   1011 N NH2 A ARG A 1 128 ? 6.874   -15.177 -1.291  0.60 65.26  ? 319 ARG A NH2 1 
ATOM   1012 N NH2 B ARG A 1 128 ? 5.618   -15.189 0.138   0.40 60.89  ? 319 ARG A NH2 1 
ATOM   1013 N N   . ALA A 1 129 ? 6.809   -8.391  1.876   1.00 35.75  ? 320 ALA A N   1 
ATOM   1014 C CA  . ALA A 1 129 ? 7.758   -8.065  2.952   1.00 40.02  ? 320 ALA A CA  1 
ATOM   1015 C C   . ALA A 1 129 ? 7.372   -8.865  4.188   1.00 42.16  ? 320 ALA A C   1 
ATOM   1016 O O   . ALA A 1 129 ? 6.186   -9.048  4.512   1.00 38.27  ? 320 ALA A O   1 
ATOM   1017 C CB  . ALA A 1 129 ? 7.778   -6.596  3.317   1.00 39.07  ? 320 ALA A CB  1 
ATOM   1018 N N   . GLU A 1 130 ? 8.399   -9.227  4.973   1.00 43.30  ? 321 GLU A N   1 
ATOM   1019 C CA  . GLU A 1 130 ? 8.126   -9.952  6.221   1.00 35.48  ? 321 GLU A CA  1 
ATOM   1020 C C   . GLU A 1 130 ? 7.376   -9.126  7.212   1.00 36.23  ? 321 GLU A C   1 
ATOM   1021 O O   . GLU A 1 130 ? 6.508   -9.624  7.921   1.00 39.96  ? 321 GLU A O   1 
ATOM   1022 C CB  . GLU A 1 130 ? 9.461   -10.494 6.829   1.00 53.91  ? 321 GLU A CB  1 
ATOM   1023 C CG  . GLU A 1 130 ? 9.969   -11.722 6.104   1.00 59.89  ? 321 GLU A CG  1 
ATOM   1024 C CD  . GLU A 1 130 ? 11.233  -12.437 6.519   1.00 73.11  ? 321 GLU A CD  1 
ATOM   1025 O OE1 . GLU A 1 130 ? 12.083  -11.827 7.198   1.00 68.24  ? 321 GLU A OE1 1 
ATOM   1026 O OE2 . GLU A 1 130 ? 11.461  -13.640 6.191   1.00 76.83  ? 321 GLU A OE2 1 
ATOM   1027 N N   . ARG A 1 131 ? 7.660   -7.823  7.340   1.00 37.03  ? 322 ARG A N   1 
ATOM   1028 C CA  . ARG A 1 131 ? 7.058   -6.912  8.253   1.00 38.36  ? 322 ARG A CA  1 
ATOM   1029 C C   . ARG A 1 131 ? 7.072   -5.467  7.718   1.00 41.80  ? 322 ARG A C   1 
ATOM   1030 O O   . ARG A 1 131 ? 8.045   -4.980  7.172   1.00 41.77  ? 322 ARG A O   1 
ATOM   1031 C CB  . ARG A 1 131 ? 7.716   -6.916  9.630   1.00 46.58  ? 322 ARG A CB  1 
ATOM   1032 C CG  . ARG A 1 131 ? 7.133   -5.995  10.669  1.00 54.31  ? 322 ARG A CG  1 
ATOM   1033 C CD  . ARG A 1 131 ? 7.901   -6.139  11.992  1.00 73.39  ? 322 ARG A CD  1 
ATOM   1034 N NE  . ARG A 1 131 ? 7.228   -5.378  13.044  1.00 80.46  ? 322 ARG A NE  1 
ATOM   1035 C CZ  . ARG A 1 131 ? 7.746   -5.136  14.239  1.00 90.27  ? 322 ARG A CZ  1 
ATOM   1036 N NH1 . ARG A 1 131 ? 8.955   -5.607  14.511  1.00 95.64  ? 322 ARG A NH1 1 
ATOM   1037 N NH2 . ARG A 1 131 ? 7.071   -4.436  15.136  1.00 94.06  ? 322 ARG A NH2 1 
ATOM   1038 N N   . VAL A 1 132 ? 5.931   -4.823  7.897   1.00 39.19  ? 323 VAL A N   1 
ATOM   1039 C CA  . VAL A 1 132 ? 5.749   -3.422  7.631   1.00 37.51  ? 323 VAL A CA  1 
ATOM   1040 C C   . VAL A 1 132 ? 5.285   -2.758  8.894   1.00 33.93  ? 323 VAL A C   1 
ATOM   1041 O O   . VAL A 1 132 ? 4.303   -3.138  9.541   1.00 39.80  ? 323 VAL A O   1 
ATOM   1042 C CB  . VAL A 1 132 ? 4.664   -3.189  6.500   1.00 34.67  ? 323 VAL A CB  1 
ATOM   1043 C CG1 . VAL A 1 132 ? 4.534   -1.700  6.313   1.00 40.60  ? 323 VAL A CG1 1 
ATOM   1044 C CG2 . VAL A 1 132 ? 5.129   -3.960  5.294   1.00 43.70  ? 323 VAL A CG2 1 
ATOM   1045 N N   . ARG A 1 133 ? 5.911   -1.684  9.306   1.00 32.47  ? 324 ARG A N   1 
ATOM   1046 C CA  . ARG A 1 133 ? 5.484   -0.928  10.463  1.00 34.20  ? 324 ARG A CA  1 
ATOM   1047 C C   . ARG A 1 133 ? 5.243   0.472   10.019  1.00 33.09  ? 324 ARG A C   1 
ATOM   1048 O O   . ARG A 1 133 ? 6.096   1.139   9.416   1.00 37.23  ? 324 ARG A O   1 
ATOM   1049 C CB  . ARG A 1 133 ? 6.624   -0.970  11.571  1.00 38.91  ? 324 ARG A CB  1 
ATOM   1050 C CG  . ARG A 1 133 ? 6.073   -0.498  12.866  1.00 47.11  ? 324 ARG A CG  1 
ATOM   1051 C CD  . ARG A 1 133 ? 6.401   0.827   13.428  1.00 67.28  ? 324 ARG A CD  1 
ATOM   1052 N NE  . ARG A 1 133 ? 7.783   1.245   13.384  1.00 75.64  ? 324 ARG A NE  1 
ATOM   1053 C CZ  . ARG A 1 133 ? 8.400   1.897   14.368  1.00 72.05  ? 324 ARG A CZ  1 
ATOM   1054 N NH1 . ARG A 1 133 ? 7.755   2.168   15.484  1.00 73.15  ? 324 ARG A NH1 1 
ATOM   1055 N NH2 . ARG A 1 133 ? 9.662   2.225   14.133  1.00 75.26  ? 324 ARG A NH2 1 
ATOM   1056 N N   . ILE A 1 134 ? 4.099   1.013   10.370  1.00 32.53  ? 325 ILE A N   1 
ATOM   1057 C CA  . ILE A 1 134 ? 3.657   2.332   9.926   1.00 30.19  ? 325 ILE A CA  1 
ATOM   1058 C C   . ILE A 1 134 ? 3.232   3.123   11.126  1.00 32.06  ? 325 ILE A C   1 
ATOM   1059 O O   . ILE A 1 134 ? 2.463   2.669   11.945  1.00 36.48  ? 325 ILE A O   1 
ATOM   1060 C CB  . ILE A 1 134 ? 2.426   2.184   8.967   1.00 29.96  ? 325 ILE A CB  1 
ATOM   1061 C CG1 . ILE A 1 134 ? 2.671   1.172   7.880   1.00 34.12  ? 325 ILE A CG1 1 
ATOM   1062 C CG2 . ILE A 1 134 ? 2.173   3.516   8.339   1.00 29.63  ? 325 ILE A CG2 1 
ATOM   1063 C CD1 . ILE A 1 134 ? 1.412   0.751   7.150   1.00 39.71  ? 325 ILE A CD1 1 
ATOM   1064 N N   . THR A 1 135 ? 3.729   4.355   11.237  1.00 34.01  ? 326 THR A N   1 
ATOM   1065 C CA  . THR A 1 135 ? 3.357   5.278   12.283  1.00 38.08  ? 326 THR A CA  1 
ATOM   1066 C C   . THR A 1 135 ? 2.613   6.408   11.674  1.00 41.47  ? 326 THR A C   1 
ATOM   1067 O O   . THR A 1 135 ? 2.419   6.400   10.409  1.00 39.15  ? 326 THR A O   1 
ATOM   1068 C CB  . THR A 1 135 ? 4.874   5.581   12.670  1.00 45.93  ? 326 THR A CB  1 
ATOM   1069 O OG1 . THR A 1 135 ? 5.169   4.760   13.770  1.00 50.03  ? 326 THR A OG1 1 
ATOM   1070 C CG2 . THR A 1 135 ? 5.218   6.949   12.405  1.00 37.13  ? 326 THR A CG2 1 
ATOM   1071 N N   . LYS A 1 136 ? 2.332   7.493   12.406  1.00 34.85  ? 327 LYS A N   1 
ATOM   1072 C CA  . LYS A 1 136 ? 1.688   8.631   11.790  1.00 35.72  ? 327 LYS A CA  1 
ATOM   1073 C C   . LYS A 1 136 ? 2.658   9.310   10.851  1.00 34.73  ? 327 LYS A C   1 
ATOM   1074 O O   . LYS A 1 136 ? 2.244   10.059  9.964   1.00 40.31  ? 327 LYS A O   1 
ATOM   1075 C CB  . LYS A 1 136 ? 1.274   9.649   12.874  1.00 47.43  ? 327 LYS A CB  1 
ATOM   1076 C CG  . LYS A 1 136 ? 0.638   10.909  12.400  1.00 52.05  ? 327 LYS A CG  1 
ATOM   1077 C CD  . LYS A 1 136 ? 0.140   11.820  13.537  1.00 65.50  ? 327 LYS A CD  1 
ATOM   1078 C CE  . LYS A 1 136 ? 1.025   13.049  13.664  1.00 71.21  ? 327 LYS A CE  1 
ATOM   1079 N NZ  . LYS A 1 136 ? 1.307   13.683  12.342  1.00 73.54  ? 327 LYS A NZ  1 
ATOM   1080 N N   . ASP A 1 137 ? 3.968   9.095   11.072  1.00 39.03  ? 328 ASP A N   1 
ATOM   1081 C CA  . ASP A 1 137 ? 4.952   9.828   10.315  1.00 37.77  ? 328 ASP A CA  1 
ATOM   1082 C C   . ASP A 1 137 ? 5.869   9.039   9.394   1.00 35.13  ? 328 ASP A C   1 
ATOM   1083 O O   . ASP A 1 137 ? 6.483   9.737   8.579   1.00 37.06  ? 328 ASP A O   1 
ATOM   1084 C CB  . ASP A 1 137 ? 5.948   10.512  11.327  1.00 50.23  ? 328 ASP A CB  1 
ATOM   1085 C CG  . ASP A 1 137 ? 5.245   11.504  12.243  1.00 57.11  ? 328 ASP A CG  1 
ATOM   1086 O OD1 . ASP A 1 137 ? 4.590   12.416  11.731  1.00 49.12  ? 328 ASP A OD1 1 
ATOM   1087 O OD2 . ASP A 1 137 ? 5.342   11.339  13.472  1.00 61.96  ? 328 ASP A OD2 1 
ATOM   1088 N N   . GLU A 1 138 ? 6.039   7.744   9.524   1.00 31.97  ? 329 GLU A N   1 
ATOM   1089 C CA  . GLU A 1 138 ? 6.960   7.019   8.705   1.00 34.05  ? 329 GLU A CA  1 
ATOM   1090 C C   . GLU A 1 138 ? 6.485   5.594   8.439   1.00 35.77  ? 329 GLU A C   1 
ATOM   1091 O O   . GLU A 1 138 ? 5.616   5.096   9.169   1.00 37.38  ? 329 GLU A O   1 
ATOM   1092 C CB  . GLU A 1 138 ? 8.371   6.967   9.340   1.00 41.27  ? 329 GLU A CB  1 
ATOM   1093 C CG  . GLU A 1 138 ? 8.359   6.197   10.635  1.00 49.05  ? 329 GLU A CG  1 
ATOM   1094 C CD  . GLU A 1 138 ? 9.767   6.058   11.246  1.00 60.83  ? 329 GLU A CD  1 
ATOM   1095 O OE1 . GLU A 1 138 ? 10.663  6.792   10.785  1.00 54.76  ? 329 GLU A OE1 1 
ATOM   1096 O OE2 . GLU A 1 138 ? 9.851   5.193   12.157  1.00 59.28  ? 329 GLU A OE2 1 
ATOM   1097 N N   . THR A 1 139 ? 7.081   4.954   7.457   1.00 32.40  ? 330 THR A N   1 
ATOM   1098 C CA  . THR A 1 139 ? 6.858   3.603   7.097   1.00 30.58  ? 330 THR A CA  1 
ATOM   1099 C C   . THR A 1 139 ? 8.192   2.872   7.095   1.00 35.12  ? 330 THR A C   1 
ATOM   1100 O O   . THR A 1 139 ? 9.080   3.456   6.471   1.00 34.86  ? 330 THR A O   1 
ATOM   1101 C CB  . THR A 1 139 ? 6.187   3.407   5.691   1.00 29.69  ? 330 THR A CB  1 
ATOM   1102 O OG1 . THR A 1 139 ? 4.939   4.141   5.836   1.00 30.45  ? 330 THR A OG1 1 
ATOM   1103 C CG2 . THR A 1 139 ? 5.827   1.984   5.453   1.00 34.60  ? 330 THR A CG2 1 
ATOM   1104 N N   . THR A 1 140 ? 8.283   1.740   7.729   1.00 32.05  ? 331 THR A N   1 
ATOM   1105 C CA  . THR A 1 140 ? 9.414   0.858   7.622   1.00 33.82  ? 331 THR A CA  1 
ATOM   1106 C C   . THR A 1 140 ? 9.110   -0.509  7.055   1.00 35.01  ? 331 THR A C   1 
ATOM   1107 O O   . THR A 1 140 ? 8.098   -1.092  7.449   1.00 37.35  ? 331 THR A O   1 
ATOM   1108 C CB  . THR A 1 140 ? 10.052  0.661   9.048   1.00 42.56  ? 331 THR A CB  1 
ATOM   1109 O OG1 . THR A 1 140 ? 10.391  1.987   9.446   1.00 44.88  ? 331 THR A OG1 1 
ATOM   1110 C CG2 . THR A 1 140 ? 11.325  -0.129  8.845   1.00 41.18  ? 331 THR A CG2 1 
ATOM   1111 N N   . ILE A 1 141 ? 9.875   -0.896  6.067   1.00 35.11  ? 332 ILE A N   1 
ATOM   1112 C CA  . ILE A 1 141 ? 9.728   -2.146  5.368   1.00 36.85  ? 332 ILE A CA  1 
ATOM   1113 C C   . ILE A 1 141 ? 10.916  -3.053  5.755   1.00 42.75  ? 332 ILE A C   1 
ATOM   1114 O O   . ILE A 1 141 ? 12.048  -2.692  5.408   1.00 40.56  ? 332 ILE A O   1 
ATOM   1115 C CB  . ILE A 1 141 ? 9.660   -1.987  3.847   1.00 39.74  ? 332 ILE A CB  1 
ATOM   1116 C CG1 . ILE A 1 141 ? 8.362   -1.155  3.529   1.00 38.58  ? 332 ILE A CG1 1 
ATOM   1117 C CG2 . ILE A 1 141 ? 9.630   -3.365  3.230   1.00 38.53  ? 332 ILE A CG2 1 
ATOM   1118 C CD1 . ILE A 1 141 ? 8.364   -0.671  2.102   1.00 45.88  ? 332 ILE A CD1 1 
ATOM   1119 N N   . VAL A 1 142 ? 10.546  -4.139  6.407   1.00 40.53  ? 333 VAL A N   1 
ATOM   1120 C CA  . VAL A 1 142 ? 11.588  -5.045  6.912   1.00 43.00  ? 333 VAL A CA  1 
ATOM   1121 C C   . VAL A 1 142 ? 11.474  -6.400  6.262   1.00 48.19  ? 333 VAL A C   1 
ATOM   1122 O O   . VAL A 1 142 ? 10.390  -6.972  6.055   1.00 48.08  ? 333 VAL A O   1 
ATOM   1123 C CB  . VAL A 1 142 ? 11.502  -5.223  8.439   1.00 50.60  ? 333 VAL A CB  1 
ATOM   1124 C CG1 . VAL A 1 142 ? 12.329  -6.454  8.870   1.00 55.50  ? 333 VAL A CG1 1 
ATOM   1125 C CG2 . VAL A 1 142 ? 12.021  -4.054  9.229   1.00 52.55  ? 333 VAL A CG2 1 
ATOM   1126 N N   . GLY A 1 143 ? 12.611  -6.957  5.847   1.00 48.86  ? 334 GLY A N   1 
ATOM   1127 C CA  . GLY A 1 143 ? 12.633  -8.217  5.154   1.00 46.65  ? 334 GLY A CA  1 
ATOM   1128 C C   . GLY A 1 143 ? 11.874  -8.209  3.837   1.00 47.15  ? 334 GLY A C   1 
ATOM   1129 O O   . GLY A 1 143 ? 11.108  -9.137  3.584   1.00 49.63  ? 334 GLY A O   1 
ATOM   1130 N N   . GLY A 1 144 ? 12.086  -7.191  3.026   1.00 41.24  ? 335 GLY A N   1 
ATOM   1131 C CA  . GLY A 1 144 ? 11.525  -7.120  1.695   1.00 45.74  ? 335 GLY A CA  1 
ATOM   1132 C C   . GLY A 1 144 ? 11.935  -8.434  1.015   1.00 50.43  ? 335 GLY A C   1 
ATOM   1133 O O   . GLY A 1 144 ? 12.947  -8.977  1.449   1.00 55.82  ? 335 GLY A O   1 
ATOM   1134 N N   . LYS A 1 145 ? 11.173  -8.923  0.065   1.00 48.51  ? 336 LYS A N   1 
ATOM   1135 C CA  . LYS A 1 145 ? 11.577  -10.154 -0.603  1.00 53.92  ? 336 LYS A CA  1 
ATOM   1136 C C   . LYS A 1 145 ? 12.096  -9.993  -2.014  1.00 55.85  ? 336 LYS A C   1 
ATOM   1137 O O   . LYS A 1 145 ? 12.665  -8.988  -2.493  1.00 55.02  ? 336 LYS A O   1 
ATOM   1138 C CB  . LYS A 1 145 ? 10.387  -11.152 -0.666  1.00 55.25  ? 336 LYS A CB  1 
ATOM   1139 C CG  . LYS A 1 145 ? 9.816   -11.370 0.734   1.00 57.62  ? 336 LYS A CG  1 
ATOM   1140 C CD  . LYS A 1 145 ? 9.268   -12.772 0.847   1.00 68.54  ? 336 LYS A CD  1 
ATOM   1141 C CE  . LYS A 1 145 ? 8.442   -12.931 2.119   1.00 73.03  ? 336 LYS A CE  1 
ATOM   1142 N NZ  . LYS A 1 145 ? 8.059   -14.369 2.307   1.00 76.72  ? 336 LYS A NZ  1 
ATOM   1143 O OXT . LYS A 1 145 ? 11.874  -11.074 -2.636  1.00 63.77  ? 336 LYS A OXT 1 
HETATM 1144 O O   . HOH B 2 .   ? 2.741   -3.206  -7.188  1.00 31.56  ? 1   HOH A O   1 
HETATM 1145 O O   . HOH B 2 .   ? -7.241  -3.670  -9.196  1.00 37.16  ? 2   HOH A O   1 
HETATM 1146 O O   . HOH B 2 .   ? 0.729   9.205   3.990   1.00 38.35  ? 3   HOH A O   1 
HETATM 1147 O O   . HOH B 2 .   ? -3.969  -1.827  8.977   1.00 38.82  ? 4   HOH A O   1 
HETATM 1148 O O   . HOH B 2 .   ? 2.510   11.421  -3.005  1.00 40.18  ? 5   HOH A O   1 
HETATM 1149 O O   . HOH B 2 .   ? -0.474  4.325   -11.803 1.00 43.62  ? 6   HOH A O   1 
HETATM 1150 O O   . HOH B 2 .   ? -5.035  2.933   -13.635 1.00 44.63  ? 7   HOH A O   1 
HETATM 1151 O O   . HOH B 2 .   ? -6.596  11.137  1.316   1.00 44.98  ? 8   HOH A O   1 
HETATM 1152 O O   . HOH B 2 .   ? 6.519   -8.248  -9.006  1.00 46.63  ? 9   HOH A O   1 
HETATM 1153 O O   . HOH B 2 .   ? -6.371  -9.340  4.690   1.00 46.81  ? 10  HOH A O   1 
HETATM 1154 O O   . HOH B 2 .   ? 1.756   7.236   -13.624 1.00 47.29  ? 11  HOH A O   1 
HETATM 1155 O O   . HOH B 2 .   ? 2.634   11.055  6.901   1.00 48.04  ? 12  HOH A O   1 
HETATM 1156 O O   . HOH B 2 .   ? 3.729   0.069   -14.670 1.00 47.94  ? 13  HOH A O   1 
HETATM 1157 O O   . HOH B 2 .   ? -4.595  -4.540  9.298   1.00 48.13  ? 14  HOH A O   1 
HETATM 1158 O O   . HOH B 2 .   ? -7.669  0.388   -14.220 1.00 48.23  ? 15  HOH A O   1 
HETATM 1159 O O   . HOH B 2 .   ? -2.451  2.659   -13.244 1.00 48.70  ? 16  HOH A O   1 
HETATM 1160 O O   . HOH B 2 .   ? -0.345  -8.664  10.082  1.00 48.89  ? 17  HOH A O   1 
HETATM 1161 O O   . HOH B 2 .   ? -8.852  5.937   -9.195  1.00 49.22  ? 18  HOH A O   1 
HETATM 1162 O O   . HOH B 2 .   ? -2.904  -2.538  -18.018 1.00 49.48  ? 19  HOH A O   1 
HETATM 1163 O O   . HOH B 2 .   ? -0.241  -4.102  16.212  1.00 50.28  ? 20  HOH A O   1 
HETATM 1164 O O   . HOH B 2 .   ? 14.411  16.267  -11.251 1.00 51.16  ? 21  HOH A O   1 
HETATM 1165 O O   . HOH B 2 .   ? 11.136  -5.710  -8.630  1.00 51.16  ? 22  HOH A O   1 
HETATM 1166 O O   . HOH B 2 .   ? -3.171  10.563  -10.455 1.00 51.52  ? 23  HOH A O   1 
HETATM 1167 O O   . HOH B 2 .   ? 17.999  -4.561  12.107  1.00 51.75  ? 24  HOH A O   1 
HETATM 1168 O O   . HOH B 2 .   ? 2.003   6.957   15.375  1.00 52.31  ? 25  HOH A O   1 
HETATM 1169 O O   . HOH B 2 .   ? -7.579  10.295  6.359   1.00 52.82  ? 26  HOH A O   1 
HETATM 1170 O O   . HOH B 2 .   ? -15.894 5.211   -6.535  1.00 52.61  ? 27  HOH A O   1 
HETATM 1171 O O   . HOH B 2 .   ? 11.783  15.902  -8.128  1.00 52.44  ? 28  HOH A O   1 
HETATM 1172 O O   . HOH B 2 .   ? -6.861  -7.482  -12.469 1.00 53.11  ? 29  HOH A O   1 
HETATM 1173 O O   . HOH B 2 .   ? -12.064 -12.634 -2.921  1.00 53.53  ? 30  HOH A O   1 
HETATM 1174 O O   . HOH B 2 .   ? -9.156  9.001   7.784   1.00 53.79  ? 31  HOH A O   1 
HETATM 1175 O O   . HOH B 2 .   ? -0.998  -13.535 -10.228 1.00 53.44  ? 32  HOH A O   1 
HETATM 1176 O O   . HOH B 2 .   ? -8.774  -5.894  9.755   1.00 54.31  ? 33  HOH A O   1 
HETATM 1177 O O   . HOH B 2 .   ? 6.241   12.107  -9.406  1.00 55.51  ? 34  HOH A O   1 
HETATM 1178 O O   . HOH B 2 .   ? 4.871   13.054  -1.278  1.00 56.33  ? 35  HOH A O   1 
HETATM 1179 O O   . HOH B 2 .   ? -10.820 11.640  0.981   1.00 56.72  ? 36  HOH A O   1 
HETATM 1180 O O   . HOH B 2 .   ? 5.209   15.536  -9.116  1.00 56.51  ? 37  HOH A O   1 
HETATM 1181 O O   . HOH B 2 .   ? -14.243 8.887   -4.876  1.00 57.83  ? 38  HOH A O   1 
HETATM 1182 O O   . HOH B 2 .   ? -0.056  -11.966 8.262   1.00 57.21  ? 39  HOH A O   1 
HETATM 1183 O O   . HOH B 2 .   ? 4.863   12.714  7.565   1.00 58.14  ? 40  HOH A O   1 
HETATM 1184 O O   . HOH B 2 .   ? 3.232   -1.186  17.837  1.00 58.94  ? 41  HOH A O   1 
HETATM 1185 O O   . HOH B 2 .   ? 15.011  -5.752  6.399   1.00 58.87  ? 42  HOH A O   1 
HETATM 1186 O O   . HOH B 2 .   ? 7.987   -10.601 -4.032  1.00 60.16  ? 43  HOH A O   1 
HETATM 1187 O O   . HOH B 2 .   ? 6.820   5.979   -14.532 1.00 60.45  ? 44  HOH A O   1 
HETATM 1188 O O   . HOH B 2 .   ? 14.689  16.915  -6.981  1.00 60.74  ? 45  HOH A O   1 
HETATM 1189 O O   . HOH B 2 .   ? -11.141 6.916   16.329  1.00 61.15  ? 46  HOH A O   1 
HETATM 1190 O O   . HOH B 2 .   ? -18.724 -3.992  12.818  1.00 61.55  ? 47  HOH A O   1 
HETATM 1191 O O   . HOH B 2 .   ? -16.557 -3.604  13.216  1.00 64.58  ? 48  HOH A O   1 
HETATM 1192 O O   . HOH B 2 .   ? -0.406  -6.764  13.378  1.00 64.63  ? 49  HOH A O   1 
HETATM 1193 O O   . HOH B 2 .   ? -2.863  9.727   14.394  1.00 65.02  ? 50  HOH A O   1 
HETATM 1194 O O   . HOH B 2 .   ? -17.556 1.727   0.790   1.00 66.52  ? 51  HOH A O   1 
HETATM 1195 O O   . HOH B 2 .   ? 12.292  13.875  -1.667  1.00 66.60  ? 52  HOH A O   1 
HETATM 1196 O O   . HOH B 2 .   ? 7.409   13.677  4.603   1.00 65.71  ? 53  HOH A O   1 
HETATM 1197 O O   . HOH B 2 .   ? -14.257 -3.332  -10.845 1.00 66.84  ? 54  HOH A O   1 
HETATM 1198 O O   . HOH B 2 .   ? -8.452  -11.278 4.634   1.00 68.48  ? 55  HOH A O   1 
HETATM 1199 O O   . HOH B 2 .   ? -9.556  -4.541  12.515  1.00 68.17  ? 56  HOH A O   1 
HETATM 1200 O O   . HOH B 2 .   ? -7.791  4.438   15.554  1.00 71.74  ? 57  HOH A O   1 
HETATM 1201 O O   . HOH B 2 .   ? -10.511 -10.717 10.856  1.00 71.81  ? 58  HOH A O   1 
HETATM 1202 O O   . HOH B 2 .   ? -14.320 -5.440  -9.934  1.00 73.50  ? 59  HOH A O   1 
HETATM 1203 O O   . HOH B 2 .   ? 3.074   12.074  15.473  1.00 73.32  ? 60  HOH A O   1 
HETATM 1204 O O   . HOH B 2 .   ? -12.262 -6.186  13.416  1.00 73.21  ? 61  HOH A O   1 
HETATM 1205 O O   . HOH B 2 .   ? 15.373  -7.004  -0.275  1.00 73.94  ? 62  HOH A O   1 
HETATM 1206 O O   . HOH B 2 .   ? 16.230  -0.419  -3.421  1.00 73.02  ? 63  HOH A O   1 
HETATM 1207 O O   . HOH B 2 .   ? 17.903  5.383   -5.676  1.00 71.29  ? 64  HOH A O   1 
HETATM 1208 O O   . HOH B 2 .   ? -4.998  -8.691  -15.797 1.00 73.02  ? 65  HOH A O   1 
HETATM 1209 O O   . HOH B 2 .   ? -3.860  10.440  9.415   1.00 73.05  ? 66  HOH A O   1 
HETATM 1210 O O   . HOH B 2 .   ? -2.439  -8.227  -16.452 1.00 73.59  ? 67  HOH A O   1 
HETATM 1211 O O   . HOH B 2 .   ? -0.670  11.291  4.730   1.00 73.86  ? 68  HOH A O   1 
HETATM 1212 O O   . HOH B 2 .   ? -17.805 3.123   2.538   1.00 74.12  ? 69  HOH A O   1 
HETATM 1213 O O   . HOH B 2 .   ? -1.363  -17.248 -6.150  1.00 73.98  ? 70  HOH A O   1 
HETATM 1214 O O   . HOH B 2 .   ? -9.967  -10.118 -9.656  1.00 74.55  ? 71  HOH A O   1 
HETATM 1215 O O   . HOH B 2 .   ? -14.246 -11.549 8.041   1.00 72.74  ? 72  HOH A O   1 
HETATM 1216 O O   . HOH B 2 .   ? -6.572  -17.296 -3.667  1.00 75.01  ? 73  HOH A O   1 
HETATM 1217 O O   . HOH B 2 .   ? -8.682  1.584   15.235  1.00 77.33  ? 74  HOH A O   1 
HETATM 1218 O O   . HOH B 2 .   ? -4.488  -18.762 3.323   1.00 76.97  ? 75  HOH A O   1 
HETATM 1219 O O   . HOH B 2 .   ? 16.763  -6.415  -4.550  1.00 78.66  ? 76  HOH A O   1 
HETATM 1220 O O   . HOH B 2 .   ? -3.829  -16.908 -4.393  1.00 79.70  ? 77  HOH A O   1 
HETATM 1221 O O   . HOH B 2 .   ? -2.931  -6.023  -19.548 1.00 83.44  ? 78  HOH A O   1 
HETATM 1222 O O   . HOH B 2 .   ? -11.649 11.897  -0.795  1.00 82.35  ? 79  HOH A O   1 
HETATM 1223 O O   . HOH B 2 .   ? 15.895  4.313   -7.607  1.00 80.00  ? 80  HOH A O   1 
# 
